data_5H37
#
_entry.id   5H37
#
_cell.length_a   1
_cell.length_b   1
_cell.length_c   1
_cell.angle_alpha   90.00
_cell.angle_beta   90.00
_cell.angle_gamma   90.00
#
_symmetry.space_group_name_H-M   'P 1'
#
loop_
_entity.id
_entity.type
_entity.pdbx_description
1 polymer 'structural protein E'
2 polymer 'strutural protein M'
3 polymer 'C10 IgG heavy chain variable region'
4 polymer 'C10 IgG light chain variable region'
5 non-polymer 2-acetamido-2-deoxy-beta-D-glucopyranose
#
loop_
_entity_poly.entity_id
_entity_poly.type
_entity_poly.pdbx_seq_one_letter_code
_entity_poly.pdbx_strand_id
1 'polypeptide(L)'
;IRCIGVSNRDFVEGMSGGTWVDVVLEHGGCVTVMAQDKPTVDIELVTTTVSNMAEVRSYCYEASISDMASDSRCPTQGEA
YLDKQSDTQYVCKRTLVDRGWGNGCGLFGKGSLVTCAKFACSKKMTGKSIQPENLEYRIMLSVHGSQHSGMIVNDTGHET
DENRAKVEITPNSPRAEATLGGFGSLGLDCEPRTGLDFSDLYYLTMNNKHWLVHKEWFHDIPLPWHAGADTGTPHWNNKE
ALVEFKDAHAKRQTVVVLGSQEGAVHTALAGALEAEMDGAKGRLSSGHLKCRLKMDKLRLKGVSYSLCTAAFTFTKIPAE
TLHGTVTVEVQYAGTDGPCKVPAQMAVDMQTLTPVGRLITANPVITESTENSKMMLELDPPFGDSYIVIGVGEKKITHHW
HRSGSTIGKAFEATVRGAKRMAVLGDTAWDFGSVGGALNSLGKGIHQIFGAAFKSLFGGMSWFSQILIGTLLMWLGLNTK
NGSISLMCLALGGVLIFLSTAVSA
;
A,C,B
2 'polypeptide(L)' AVTLPSHSTRKLQTRSQTWLESREYTKHLIRVENWIFRNPGFALAAAAIAWLLGSSTSQKVIYLVMILLIAPAYS D,E,F
3 'polypeptide(L)'
;EVQLVESGAEVKKPGASVKVSCKASGYTFTSYAMHWVRQAPGQRLEWMGWINAGNGNTKYSQKFQDRVTITRDTSASTAY
MELSSLRSEDTAIYYCARDKVDDYGDYWFPTLWYFDYWGQGTLVTVS
;
G,K,I
4 'polypeptide(L)'
;SALTQPASVSGSPGQSITISCTGTSSDVGGFNYVSWFQQHPGKAPKLMLYDVTSRPSGVSSRFSGSKSGNTASLTISGLQ
AEDEADYYCSSHTSRGTWVFGGGTKLTVL
;
H,L,M
#
# COMPACT_ATOMS: atom_id res chain seq x y z
N ILE A 1 -45.65 26.21 -21.61
CA ILE A 1 -45.33 26.95 -20.41
C ILE A 1 -44.50 26.08 -19.50
N ARG A 2 -43.37 26.62 -19.07
CA ARG A 2 -42.38 25.93 -18.25
C ARG A 2 -41.61 24.94 -19.09
N CYS A 3 -42.19 24.52 -20.21
CA CYS A 3 -41.42 23.79 -21.20
C CYS A 3 -41.80 24.34 -22.57
N ILE A 4 -40.90 25.13 -23.15
CA ILE A 4 -40.99 25.57 -24.54
C ILE A 4 -39.56 25.67 -25.03
N GLY A 5 -39.31 25.19 -26.24
CA GLY A 5 -37.97 25.24 -26.78
C GLY A 5 -36.95 24.60 -25.86
N VAL A 6 -37.48 23.77 -24.97
CA VAL A 6 -36.72 23.06 -23.94
C VAL A 6 -36.05 21.79 -24.46
N SER A 7 -36.27 21.51 -25.75
CA SER A 7 -35.71 20.38 -26.48
C SER A 7 -36.27 19.00 -26.19
N ASN A 8 -35.67 18.31 -25.23
CA ASN A 8 -36.03 16.90 -25.03
C ASN A 8 -37.51 16.73 -24.67
N ARG A 9 -38.26 17.82 -24.52
CA ARG A 9 -39.68 17.73 -24.20
C ARG A 9 -40.39 16.77 -25.14
N ASP A 10 -41.22 15.91 -24.56
CA ASP A 10 -42.03 14.97 -25.32
C ASP A 10 -43.48 15.18 -24.93
N PHE A 11 -44.33 15.55 -25.88
CA PHE A 11 -45.71 15.67 -25.50
C PHE A 11 -46.40 14.40 -25.90
N VAL A 12 -47.27 13.97 -25.01
CA VAL A 12 -48.09 12.77 -25.15
C VAL A 12 -49.49 13.24 -25.52
N GLU A 13 -50.01 12.75 -26.64
CA GLU A 13 -51.30 13.23 -27.12
C GLU A 13 -52.33 12.19 -26.73
N GLY A 14 -53.10 12.50 -25.70
CA GLY A 14 -54.26 11.71 -25.34
C GLY A 14 -53.88 10.51 -24.50
N MET A 15 -54.42 10.47 -23.29
CA MET A 15 -54.06 9.40 -22.37
C MET A 15 -54.53 8.02 -22.78
N SER A 16 -55.81 7.97 -23.17
CA SER A 16 -56.56 6.79 -23.63
C SER A 16 -56.92 5.78 -22.51
N GLY A 17 -57.77 4.84 -22.84
CA GLY A 17 -58.14 3.79 -21.91
C GLY A 17 -58.66 4.19 -20.54
N GLY A 18 -59.42 5.28 -20.44
CA GLY A 18 -59.97 5.61 -19.14
C GLY A 18 -59.09 6.45 -18.24
N THR A 19 -58.64 7.60 -18.73
CA THR A 19 -57.93 8.60 -17.93
C THR A 19 -56.80 7.97 -17.14
N TRP A 20 -55.94 7.24 -17.83
CA TRP A 20 -54.76 6.66 -17.22
C TRP A 20 -53.64 6.82 -18.23
N VAL A 21 -52.59 7.54 -17.86
CA VAL A 21 -51.42 7.68 -18.72
C VAL A 21 -50.17 7.59 -17.87
N ASP A 22 -49.23 6.76 -18.30
CA ASP A 22 -47.96 6.57 -17.62
C ASP A 22 -46.88 7.22 -18.46
N VAL A 23 -45.90 7.81 -17.79
CA VAL A 23 -44.92 8.67 -18.44
C VAL A 23 -43.63 8.55 -17.65
N VAL A 24 -42.51 8.79 -18.33
CA VAL A 24 -41.18 8.67 -17.75
C VAL A 24 -40.55 10.05 -17.76
N LEU A 25 -40.17 10.55 -16.59
CA LEU A 25 -39.73 11.93 -16.44
C LEU A 25 -38.24 11.95 -16.14
N GLU A 26 -37.45 12.45 -17.09
CA GLU A 26 -36.01 12.56 -16.93
C GLU A 26 -35.61 14.03 -16.97
N HIS A 27 -34.60 14.37 -16.18
CA HIS A 27 -34.31 15.79 -15.98
C HIS A 27 -33.92 16.46 -17.29
N GLY A 28 -33.34 15.72 -18.22
CA GLY A 28 -32.90 16.35 -19.45
C GLY A 28 -33.99 16.90 -20.34
N GLY A 29 -35.26 16.78 -19.94
CA GLY A 29 -36.33 17.28 -20.77
C GLY A 29 -37.62 17.36 -19.99
N CYS A 30 -38.70 17.61 -20.72
CA CYS A 30 -40.02 17.77 -20.14
C CYS A 30 -40.97 16.77 -20.75
N VAL A 31 -42.19 16.76 -20.21
CA VAL A 31 -43.31 16.06 -20.82
C VAL A 31 -44.53 16.94 -20.69
N THR A 32 -45.18 17.25 -21.81
CA THR A 32 -46.37 18.07 -21.83
C THR A 32 -47.53 17.20 -22.27
N VAL A 33 -48.50 17.01 -21.39
CA VAL A 33 -49.55 16.03 -21.58
C VAL A 33 -50.78 16.75 -22.09
N MET A 34 -51.36 16.23 -23.17
CA MET A 34 -52.58 16.80 -23.71
C MET A 34 -53.59 15.69 -23.95
N ALA A 35 -54.79 15.89 -23.44
CA ALA A 35 -55.89 14.93 -23.55
C ALA A 35 -56.88 15.40 -24.60
N GLN A 36 -57.89 14.56 -24.84
CA GLN A 36 -59.01 14.98 -25.67
C GLN A 36 -59.65 16.23 -25.11
N ASP A 37 -59.92 16.25 -23.80
CA ASP A 37 -60.33 17.47 -23.13
C ASP A 37 -59.34 17.71 -22.01
N LYS A 38 -59.66 18.63 -21.13
CA LYS A 38 -58.88 18.92 -19.92
C LYS A 38 -57.71 19.80 -20.30
N PRO A 39 -57.20 20.63 -19.41
CA PRO A 39 -56.16 21.57 -19.77
C PRO A 39 -54.98 20.75 -20.24
N THR A 40 -54.06 21.41 -20.94
CA THR A 40 -52.83 20.75 -21.31
C THR A 40 -51.80 21.02 -20.22
N VAL A 41 -51.47 19.98 -19.47
CA VAL A 41 -50.57 20.07 -18.34
C VAL A 41 -49.16 19.90 -18.86
N ASP A 42 -48.24 20.71 -18.35
CA ASP A 42 -46.85 20.58 -18.75
C ASP A 42 -46.04 20.18 -17.52
N ILE A 43 -45.57 18.95 -17.49
CA ILE A 43 -44.83 18.39 -16.37
C ILE A 43 -43.36 18.53 -16.70
N GLU A 44 -42.58 18.96 -15.73
CA GLU A 44 -41.15 19.15 -15.87
C GLU A 44 -40.55 18.74 -14.54
N LEU A 45 -39.52 17.90 -14.57
CA LEU A 45 -38.98 17.28 -13.37
C LEU A 45 -37.62 17.84 -13.03
N VAL A 46 -37.54 18.48 -11.90
CA VAL A 46 -36.36 19.18 -11.54
C VAL A 46 -35.78 18.71 -10.28
N THR A 47 -34.47 18.48 -10.31
CA THR A 47 -33.70 18.10 -9.15
C THR A 47 -34.03 16.71 -8.62
N THR A 48 -33.34 16.38 -7.54
CA THR A 48 -33.54 15.15 -6.81
C THR A 48 -32.97 15.36 -5.40
N THR A 49 -33.53 14.69 -4.40
CA THR A 49 -32.94 14.90 -3.08
C THR A 49 -32.22 13.67 -2.53
N VAL A 50 -31.07 13.90 -1.90
CA VAL A 50 -30.30 12.88 -1.23
C VAL A 50 -30.52 13.25 0.22
N SER A 51 -30.94 12.30 1.04
CA SER A 51 -31.26 12.62 2.44
C SER A 51 -30.16 12.38 3.48
N ASN A 52 -30.39 11.40 4.35
CA ASN A 52 -29.48 11.11 5.44
C ASN A 52 -28.06 10.68 5.07
N MET A 53 -27.92 9.86 4.03
CA MET A 53 -26.58 9.38 3.66
C MET A 53 -25.90 8.45 4.70
N ALA A 54 -24.58 8.36 4.59
CA ALA A 54 -23.71 7.55 5.45
C ALA A 54 -22.33 7.43 4.81
N GLU A 55 -21.26 7.23 5.59
CA GLU A 55 -19.96 7.21 4.93
C GLU A 55 -19.50 5.78 4.74
N VAL A 56 -18.84 5.53 3.62
CA VAL A 56 -18.24 4.23 3.33
C VAL A 56 -16.79 4.50 2.93
N ARG A 57 -15.88 3.96 3.71
CA ARG A 57 -14.44 4.13 3.52
C ARG A 57 -14.08 5.61 3.42
N SER A 58 -13.07 5.87 2.61
CA SER A 58 -12.44 7.13 2.33
C SER A 58 -11.20 6.75 1.54
N TYR A 59 -10.58 7.72 0.91
CA TYR A 59 -9.37 7.47 0.16
C TYR A 59 -8.49 8.69 0.28
N CYS A 60 -7.19 8.48 0.44
CA CYS A 60 -6.24 9.56 0.62
C CYS A 60 -5.66 9.97 -0.72
N TYR A 61 -5.58 11.28 -0.97
CA TYR A 61 -4.89 11.75 -2.16
C TYR A 61 -3.44 12.12 -1.97
N GLU A 62 -3.00 12.36 -0.75
CA GLU A 62 -1.74 13.08 -0.59
C GLU A 62 -1.06 12.55 0.65
N ALA A 63 0.20 12.19 0.54
CA ALA A 63 0.87 11.47 1.60
C ALA A 63 2.06 12.28 2.08
N SER A 64 2.00 12.70 3.33
CA SER A 64 3.17 13.22 4.02
C SER A 64 3.98 12.04 4.49
N ILE A 65 5.29 12.12 4.36
CA ILE A 65 6.20 11.09 4.84
C ILE A 65 7.30 11.75 5.64
N SER A 66 7.36 11.41 6.91
CA SER A 66 8.35 11.93 7.84
C SER A 66 9.08 10.74 8.45
N ASP A 67 9.93 11.02 9.45
CA ASP A 67 10.74 9.95 10.04
C ASP A 67 11.47 9.16 8.97
N MET A 68 11.00 7.95 8.68
CA MET A 68 11.84 6.93 8.06
C MET A 68 13.13 6.81 8.85
N ALA A 69 13.06 6.07 9.95
CA ALA A 69 14.25 5.70 10.68
C ALA A 69 14.42 4.22 10.37
N SER A 70 15.66 3.81 10.16
CA SER A 70 15.96 2.53 9.55
C SER A 70 16.63 1.61 10.56
N ASP A 71 16.53 0.31 10.34
CA ASP A 71 17.21 -0.69 11.17
C ASP A 71 17.82 -1.73 10.26
N SER A 72 19.09 -2.05 10.49
CA SER A 72 19.75 -3.12 9.77
C SER A 72 20.41 -4.06 10.77
N ARG A 73 20.60 -5.29 10.31
CA ARG A 73 21.18 -6.35 11.11
C ARG A 73 22.25 -7.08 10.31
N CYS A 74 22.92 -8.01 10.98
CA CYS A 74 23.96 -8.82 10.37
C CYS A 74 23.38 -9.86 9.39
N PRO A 75 24.27 -10.46 8.60
CA PRO A 75 23.88 -11.43 7.57
C PRO A 75 23.11 -12.54 8.24
N THR A 76 23.47 -12.84 9.49
CA THR A 76 22.75 -13.85 10.25
C THR A 76 22.07 -13.54 11.58
N GLN A 77 21.98 -12.31 12.01
CA GLN A 77 21.32 -12.29 13.29
C GLN A 77 19.76 -11.84 13.03
N GLY A 78 19.29 -12.78 12.22
CA GLY A 78 17.97 -12.75 11.68
C GLY A 78 17.64 -11.67 10.69
N GLU A 79 16.36 -11.47 10.46
CA GLU A 79 15.98 -10.31 9.65
C GLU A 79 15.75 -9.14 10.58
N ALA A 80 15.60 -7.94 10.03
CA ALA A 80 15.47 -6.72 10.86
C ALA A 80 14.13 -6.38 11.49
N TYR A 81 14.18 -5.49 12.49
CA TYR A 81 13.01 -5.03 13.17
C TYR A 81 13.31 -3.81 14.01
N LEU A 82 12.30 -3.02 14.27
CA LEU A 82 12.46 -1.85 15.11
C LEU A 82 11.11 -1.48 15.70
N ASP A 83 11.14 -0.71 16.77
CA ASP A 83 9.93 -0.45 17.55
C ASP A 83 8.79 0.12 16.74
N LYS A 84 9.07 0.72 15.60
CA LYS A 84 8.05 1.56 14.97
C LYS A 84 7.04 0.76 14.18
N GLN A 85 7.22 -0.55 14.05
CA GLN A 85 6.23 -1.30 13.29
C GLN A 85 4.97 -1.55 14.09
N SER A 86 5.09 -1.71 15.40
CA SER A 86 3.90 -1.94 16.22
C SER A 86 2.99 -0.72 16.22
N ASP A 87 3.43 0.38 15.62
CA ASP A 87 2.66 1.61 15.67
C ASP A 87 1.48 1.54 14.71
N THR A 88 1.61 0.75 13.64
CA THR A 88 0.55 0.52 12.65
C THR A 88 0.15 1.78 11.92
N GLN A 89 0.68 2.92 12.36
CA GLN A 89 0.47 4.15 11.62
C GLN A 89 1.65 4.34 10.69
N TYR A 90 2.68 3.53 10.84
CA TYR A 90 3.79 3.57 9.91
C TYR A 90 3.64 2.49 8.85
N VAL A 91 4.55 2.50 7.88
CA VAL A 91 4.63 1.50 6.84
C VAL A 91 6.07 1.10 6.71
N CYS A 92 6.33 -0.20 6.62
CA CYS A 92 7.69 -0.71 6.60
C CYS A 92 7.76 -1.89 5.65
N LYS A 93 8.83 -1.93 4.86
CA LYS A 93 9.04 -3.05 3.98
C LYS A 93 10.45 -3.56 4.20
N ARG A 94 10.60 -4.75 4.77
CA ARG A 94 11.88 -5.37 5.04
C ARG A 94 12.36 -5.96 3.73
N THR A 95 13.38 -5.37 3.16
CA THR A 95 13.98 -5.90 1.95
C THR A 95 15.41 -6.27 2.27
N LEU A 96 15.80 -7.46 1.85
CA LEU A 96 17.10 -7.98 2.13
C LEU A 96 18.10 -7.52 1.11
N VAL A 97 18.67 -6.37 1.35
CA VAL A 97 19.73 -5.85 0.49
C VAL A 97 20.75 -5.04 1.28
N ASP A 98 21.97 -5.51 1.34
CA ASP A 98 23.09 -4.76 1.91
C ASP A 98 24.30 -5.67 1.78
N ARG A 99 25.41 -5.29 2.38
CA ARG A 99 26.67 -5.99 2.17
C ARG A 99 27.47 -6.18 3.44
N GLY A 100 28.41 -7.11 3.41
CA GLY A 100 29.27 -7.36 4.55
C GLY A 100 30.62 -6.67 4.53
N TRP A 101 31.11 -6.45 5.75
CA TRP A 101 32.37 -5.81 6.09
C TRP A 101 32.28 -4.30 6.11
N GLY A 102 31.31 -3.76 5.37
CA GLY A 102 31.13 -2.32 5.33
C GLY A 102 30.51 -2.00 6.64
N ASN A 103 29.25 -2.39 6.81
CA ASN A 103 28.57 -2.17 8.07
C ASN A 103 29.24 -2.99 9.17
N GLY A 104 29.35 -4.31 9.04
CA GLY A 104 30.13 -4.97 10.10
C GLY A 104 30.11 -6.43 10.54
N CYS A 105 29.46 -7.30 9.79
CA CYS A 105 29.37 -8.72 10.10
C CYS A 105 30.63 -9.63 10.10
N GLY A 106 31.55 -9.41 9.17
CA GLY A 106 32.65 -10.33 8.95
C GLY A 106 31.98 -11.53 8.31
N LEU A 107 31.04 -11.21 7.44
CA LEU A 107 30.19 -12.19 6.79
C LEU A 107 29.65 -11.60 5.50
N PHE A 108 30.44 -11.67 4.44
CA PHE A 108 30.01 -11.03 3.21
C PHE A 108 28.65 -11.52 2.73
N GLY A 109 27.80 -10.56 2.36
CA GLY A 109 26.47 -10.83 1.87
C GLY A 109 25.21 -10.55 2.67
N LYS A 110 24.14 -10.43 1.88
CA LYS A 110 22.74 -10.18 2.22
C LYS A 110 22.33 -8.87 2.90
N GLY A 111 21.77 -9.03 4.09
CA GLY A 111 21.31 -7.95 4.95
C GLY A 111 19.82 -7.72 4.83
N SER A 112 19.21 -7.35 5.96
CA SER A 112 17.79 -7.05 5.98
C SER A 112 17.63 -5.66 6.58
N LEU A 113 16.89 -4.79 5.88
CA LEU A 113 16.67 -3.45 6.39
C LEU A 113 15.19 -3.08 6.44
N VAL A 114 14.74 -2.60 7.59
CA VAL A 114 13.36 -2.19 7.72
C VAL A 114 13.43 -0.68 7.62
N THR A 115 12.48 -0.09 6.89
CA THR A 115 12.44 1.35 6.68
C THR A 115 11.02 1.79 6.93
N CYS A 116 10.82 2.63 7.92
CA CYS A 116 9.47 2.91 8.39
C CYS A 116 9.19 4.38 8.19
N ALA A 117 8.11 4.68 7.51
CA ALA A 117 7.72 6.05 7.22
C ALA A 117 6.47 6.39 7.99
N LYS A 118 6.33 7.65 8.37
CA LYS A 118 5.11 8.13 9.00
C LYS A 118 4.16 8.61 7.92
N PHE A 119 2.94 8.08 7.93
CA PHE A 119 1.99 8.30 6.86
C PHE A 119 0.81 9.08 7.40
N ALA A 120 0.67 10.33 6.97
CA ALA A 120 -0.48 11.15 7.31
C ALA A 120 -1.05 11.73 6.04
N CYS A 121 -2.37 11.84 5.97
CA CYS A 121 -3.02 12.26 4.75
C CYS A 121 -3.35 13.74 4.81
N SER A 122 -3.88 14.25 3.70
CA SER A 122 -4.34 15.63 3.67
C SER A 122 -5.73 15.72 3.07
N LYS A 123 -5.82 15.52 1.76
CA LYS A 123 -7.10 15.59 1.08
C LYS A 123 -7.62 14.18 0.87
N LYS A 124 -8.91 13.97 1.13
CA LYS A 124 -9.43 12.62 1.08
C LYS A 124 -10.89 12.56 0.66
N MET A 125 -11.22 11.53 -0.10
CA MET A 125 -12.58 11.27 -0.51
C MET A 125 -13.33 10.85 0.75
N THR A 126 -14.62 11.16 0.86
CA THR A 126 -15.41 10.42 1.83
C THR A 126 -16.00 9.16 1.24
N GLY A 127 -16.57 9.26 0.05
CA GLY A 127 -17.30 8.13 -0.50
C GLY A 127 -18.54 7.73 0.27
N LYS A 128 -19.53 8.60 0.36
CA LYS A 128 -20.76 8.27 1.08
C LYS A 128 -21.63 7.30 0.28
N SER A 129 -22.55 6.65 0.99
CA SER A 129 -23.45 5.65 0.43
C SER A 129 -24.88 6.14 0.35
N ILE A 130 -25.56 5.74 -0.72
CA ILE A 130 -26.96 6.08 -0.97
C ILE A 130 -27.81 4.84 -0.80
N GLN A 131 -28.94 4.99 -0.12
CA GLN A 131 -29.94 3.95 -0.09
C GLN A 131 -31.27 4.52 -0.55
N PRO A 132 -32.07 3.75 -1.29
CA PRO A 132 -33.16 4.35 -2.05
C PRO A 132 -34.18 5.05 -1.18
N GLU A 133 -34.38 4.60 0.05
CA GLU A 133 -35.31 5.33 0.88
C GLU A 133 -34.85 6.75 1.12
N ASN A 134 -35.84 7.63 1.24
CA ASN A 134 -35.78 8.97 1.76
C ASN A 134 -35.37 9.99 0.68
N LEU A 135 -35.07 9.57 -0.54
CA LEU A 135 -34.77 10.52 -1.61
C LEU A 135 -36.06 10.77 -2.38
N GLU A 136 -36.47 12.04 -2.43
CA GLU A 136 -37.68 12.41 -3.16
C GLU A 136 -37.34 13.27 -4.36
N TYR A 137 -37.95 12.93 -5.48
CA TYR A 137 -37.74 13.65 -6.67
C TYR A 137 -38.68 14.80 -6.75
N ARG A 138 -38.17 16.01 -6.54
CA ARG A 138 -39.00 17.20 -6.64
C ARG A 138 -39.52 17.25 -8.08
N ILE A 139 -40.77 17.64 -8.26
CA ILE A 139 -41.35 17.69 -9.61
C ILE A 139 -42.25 18.91 -9.69
N MET A 140 -42.22 19.58 -10.84
CA MET A 140 -42.94 20.84 -11.03
C MET A 140 -44.06 20.61 -12.04
N LEU A 141 -45.23 21.16 -11.77
CA LEU A 141 -46.37 21.07 -12.65
C LEU A 141 -46.65 22.44 -13.24
N SER A 142 -46.89 22.49 -14.55
CA SER A 142 -47.17 23.75 -15.23
C SER A 142 -48.26 23.57 -16.28
N VAL A 143 -49.44 24.12 -16.00
CA VAL A 143 -50.57 24.03 -16.92
C VAL A 143 -50.63 25.24 -17.85
N HIS A 144 -50.92 24.99 -19.13
CA HIS A 144 -51.01 26.04 -20.11
C HIS A 144 -52.31 26.83 -20.08
N GLY A 145 -52.76 27.37 -21.17
CA GLY A 145 -53.90 28.13 -20.77
C GLY A 145 -53.51 29.59 -20.71
N SER A 146 -54.12 30.32 -19.81
CA SER A 146 -53.77 31.70 -19.71
C SER A 146 -52.46 31.90 -19.02
N GLN A 147 -51.54 32.58 -19.72
CA GLN A 147 -50.23 32.92 -19.20
C GLN A 147 -49.30 33.73 -20.07
N HIS A 148 -48.56 34.65 -19.44
CA HIS A 148 -47.57 35.46 -20.15
C HIS A 148 -46.35 34.54 -20.20
N SER A 149 -45.45 34.69 -19.23
CA SER A 149 -44.30 33.80 -19.16
C SER A 149 -43.61 34.56 -18.03
N GLY A 150 -44.39 34.99 -17.04
CA GLY A 150 -43.86 35.72 -15.92
C GLY A 150 -44.70 36.71 -15.14
N MET A 151 -45.19 37.53 -16.07
CA MET A 151 -46.08 38.69 -15.91
C MET A 151 -47.08 38.48 -14.81
N ILE A 152 -47.60 37.27 -14.76
CA ILE A 152 -48.48 36.87 -13.67
C ILE A 152 -47.62 36.90 -12.42
N VAL A 153 -46.40 36.36 -12.53
CA VAL A 153 -45.43 36.37 -11.46
C VAL A 153 -46.11 36.04 -10.17
N ASN A 154 -45.33 35.36 -9.38
CA ASN A 154 -45.74 34.85 -8.09
C ASN A 154 -45.50 33.38 -8.09
N ASP A 155 -45.09 32.85 -9.23
CA ASP A 155 -44.80 31.43 -9.36
C ASP A 155 -45.94 30.79 -8.55
N THR A 156 -45.88 29.47 -8.40
CA THR A 156 -46.90 28.73 -7.66
C THR A 156 -46.27 27.86 -6.58
N GLY A 157 -45.05 28.21 -6.17
CA GLY A 157 -44.34 27.44 -5.15
C GLY A 157 -45.30 27.21 -4.00
N HIS A 158 -45.68 28.30 -3.33
CA HIS A 158 -46.60 28.21 -2.20
C HIS A 158 -48.05 28.12 -2.66
N GLU A 159 -48.31 28.58 -3.88
CA GLU A 159 -49.66 28.56 -4.43
C GLU A 159 -50.13 29.66 -5.38
N THR A 160 -50.90 30.80 -4.68
CA THR A 160 -51.04 31.90 -5.62
C THR A 160 -50.20 31.67 -6.86
N ASP A 161 -50.76 32.31 -7.88
CA ASP A 161 -50.34 32.21 -9.27
C ASP A 161 -51.40 31.30 -9.90
N GLU A 162 -51.72 30.23 -9.19
CA GLU A 162 -52.78 29.31 -9.56
C GLU A 162 -52.66 28.78 -10.97
N ASN A 163 -51.46 28.44 -11.41
CA ASN A 163 -51.36 27.94 -12.77
C ASN A 163 -50.46 26.73 -12.62
N ARG A 164 -49.49 26.84 -11.73
CA ARG A 164 -48.55 25.76 -11.55
C ARG A 164 -48.54 25.09 -10.16
N ALA A 165 -47.72 24.08 -9.89
CA ALA A 165 -47.87 23.44 -8.60
C ALA A 165 -46.73 22.48 -8.33
N LYS A 166 -45.96 22.74 -7.29
CA LYS A 166 -44.82 21.90 -6.95
C LYS A 166 -45.25 20.65 -6.22
N VAL A 167 -44.60 19.52 -6.53
CA VAL A 167 -44.95 18.26 -5.90
C VAL A 167 -43.64 17.58 -5.53
N GLU A 168 -43.53 17.05 -4.34
CA GLU A 168 -42.33 16.37 -3.92
C GLU A 168 -42.82 15.04 -3.57
N ILE A 169 -42.33 14.03 -4.23
CA ILE A 169 -42.82 12.67 -4.09
C ILE A 169 -41.68 11.79 -3.61
N THR A 170 -41.90 11.12 -2.52
CA THR A 170 -40.91 10.28 -1.87
C THR A 170 -41.45 8.88 -1.66
N PRO A 171 -40.61 7.87 -1.73
CA PRO A 171 -41.09 6.51 -1.55
C PRO A 171 -41.78 6.20 -0.24
N ASN A 172 -41.69 7.11 0.74
CA ASN A 172 -42.53 6.93 1.93
C ASN A 172 -43.86 7.64 1.79
N SER A 173 -44.03 8.50 0.79
CA SER A 173 -45.32 9.08 0.47
C SER A 173 -45.44 9.39 -1.02
N PRO A 174 -45.60 8.38 -1.86
CA PRO A 174 -45.94 8.65 -3.26
C PRO A 174 -47.36 9.17 -3.37
N ARG A 175 -47.87 9.15 -4.59
CA ARG A 175 -49.22 9.63 -4.86
C ARG A 175 -49.31 11.10 -4.44
N ALA A 176 -48.53 11.94 -5.12
CA ALA A 176 -48.48 13.37 -4.81
C ALA A 176 -49.69 14.15 -5.34
N GLU A 177 -50.77 14.18 -4.55
CA GLU A 177 -51.97 14.91 -4.92
C GLU A 177 -51.57 16.38 -5.11
N ALA A 178 -51.81 16.92 -6.30
CA ALA A 178 -51.44 18.28 -6.64
C ALA A 178 -52.69 19.06 -6.96
N THR A 179 -52.86 20.22 -6.33
CA THR A 179 -54.08 20.99 -6.43
C THR A 179 -53.84 22.21 -7.29
N LEU A 180 -54.40 22.20 -8.50
CA LEU A 180 -54.32 23.33 -9.40
C LEU A 180 -55.63 24.08 -9.33
N GLY A 181 -55.60 25.27 -8.72
CA GLY A 181 -56.82 25.98 -8.44
C GLY A 181 -57.66 26.25 -9.67
N GLY A 182 -58.89 25.78 -9.66
CA GLY A 182 -59.81 26.02 -10.74
C GLY A 182 -59.68 25.11 -11.94
N PHE A 183 -58.55 24.47 -12.13
CA PHE A 183 -58.42 23.48 -13.21
C PHE A 183 -58.93 22.14 -12.70
N GLY A 184 -58.24 21.60 -11.71
CA GLY A 184 -58.58 20.32 -11.15
C GLY A 184 -57.42 19.90 -10.28
N SER A 185 -57.62 18.89 -9.46
CA SER A 185 -56.54 18.33 -8.68
C SER A 185 -55.95 17.20 -9.51
N LEU A 186 -54.73 17.39 -9.98
CA LEU A 186 -54.04 16.38 -10.74
C LEU A 186 -53.25 15.54 -9.75
N GLY A 187 -53.71 14.31 -9.53
CA GLY A 187 -52.96 13.36 -8.73
C GLY A 187 -52.07 12.58 -9.67
N LEU A 188 -50.93 12.16 -9.16
CA LEU A 188 -50.06 11.31 -9.94
C LEU A 188 -49.30 10.39 -9.00
N ASP A 189 -49.10 9.16 -9.43
CA ASP A 189 -48.56 8.10 -8.59
C ASP A 189 -47.26 7.63 -9.21
N CYS A 190 -46.15 7.90 -8.54
CA CYS A 190 -44.84 7.65 -9.10
C CYS A 190 -44.13 6.62 -8.24
N GLU A 191 -43.28 5.82 -8.85
CA GLU A 191 -42.42 4.95 -8.06
C GLU A 191 -41.05 5.56 -7.91
N PRO A 192 -40.70 6.13 -6.76
CA PRO A 192 -39.33 6.58 -6.54
C PRO A 192 -38.38 5.43 -6.41
N ARG A 193 -38.85 4.30 -5.92
CA ARG A 193 -37.99 3.18 -5.56
C ARG A 193 -37.16 2.73 -6.76
N THR A 194 -37.81 2.25 -7.80
CA THR A 194 -37.21 1.29 -8.71
C THR A 194 -36.56 1.89 -9.94
N GLY A 195 -36.51 3.21 -10.06
CA GLY A 195 -36.14 3.77 -11.35
C GLY A 195 -34.65 3.74 -11.65
N LEU A 196 -33.83 4.21 -10.72
CA LEU A 196 -32.42 4.42 -11.03
C LEU A 196 -31.51 3.29 -10.56
N ASP A 197 -32.02 2.31 -9.83
CA ASP A 197 -31.18 1.35 -9.14
C ASP A 197 -30.12 2.06 -8.31
N PHE A 198 -30.57 2.76 -7.27
CA PHE A 198 -29.62 3.21 -6.28
C PHE A 198 -29.15 2.03 -5.47
N SER A 199 -28.42 2.33 -4.40
CA SER A 199 -27.75 1.33 -3.57
C SER A 199 -26.61 0.70 -4.36
N ASP A 200 -26.61 0.91 -5.66
CA ASP A 200 -25.47 0.62 -6.51
C ASP A 200 -24.66 1.87 -6.79
N LEU A 201 -25.02 2.99 -6.21
CA LEU A 201 -24.37 4.26 -6.50
C LEU A 201 -23.93 4.91 -5.20
N TYR A 202 -22.63 5.04 -5.00
CA TYR A 202 -22.11 5.77 -3.86
C TYR A 202 -21.98 7.22 -4.24
N TYR A 203 -22.40 8.08 -3.33
CA TYR A 203 -22.25 9.52 -3.48
C TYR A 203 -20.86 9.87 -3.01
N LEU A 204 -20.14 10.62 -3.84
CA LEU A 204 -18.67 10.65 -3.85
C LEU A 204 -18.19 12.08 -3.77
N THR A 205 -17.35 12.39 -2.79
CA THR A 205 -16.86 13.74 -2.59
C THR A 205 -15.37 13.81 -2.87
N MET A 206 -14.91 14.98 -3.29
CA MET A 206 -13.49 15.20 -3.55
C MET A 206 -12.95 16.39 -2.77
N ASN A 207 -13.25 17.58 -3.29
CA ASN A 207 -12.97 18.84 -2.60
C ASN A 207 -14.27 19.63 -2.53
N ASN A 208 -14.80 20.02 -3.67
CA ASN A 208 -16.18 20.47 -3.76
C ASN A 208 -16.96 19.60 -4.73
N LYS A 209 -16.55 19.55 -5.99
CA LYS A 209 -17.29 18.76 -6.96
C LYS A 209 -17.52 17.35 -6.44
N HIS A 210 -18.77 16.92 -6.49
CA HIS A 210 -19.20 15.63 -6.01
C HIS A 210 -19.69 14.78 -7.17
N TRP A 211 -19.59 13.47 -7.05
CA TRP A 211 -19.92 12.58 -8.15
C TRP A 211 -20.76 11.40 -7.64
N LEU A 212 -21.31 10.64 -8.57
CA LEU A 212 -21.94 9.36 -8.26
C LEU A 212 -21.21 8.26 -9.01
N VAL A 213 -20.90 7.17 -8.34
CA VAL A 213 -20.20 6.06 -8.96
C VAL A 213 -20.67 4.72 -8.43
N HIS A 214 -20.40 3.67 -9.21
CA HIS A 214 -20.69 2.29 -8.81
C HIS A 214 -19.94 1.87 -7.56
N LYS A 215 -20.62 1.11 -6.72
CA LYS A 215 -19.91 0.40 -5.69
C LYS A 215 -18.87 -0.49 -6.37
N GLU A 216 -19.26 -1.12 -7.48
CA GLU A 216 -18.34 -1.98 -8.21
C GLU A 216 -17.10 -1.21 -8.64
N TRP A 217 -17.26 0.05 -9.00
CA TRP A 217 -16.09 0.88 -9.29
C TRP A 217 -15.47 1.38 -8.01
N PHE A 218 -16.29 1.71 -7.01
CA PHE A 218 -15.75 2.46 -5.89
C PHE A 218 -14.99 1.56 -4.93
N HIS A 219 -15.29 0.27 -4.93
CA HIS A 219 -14.49 -0.60 -4.08
C HIS A 219 -13.19 -1.00 -4.77
N ASP A 220 -13.07 -0.74 -6.07
CA ASP A 220 -11.90 -1.25 -6.76
C ASP A 220 -10.76 -0.25 -6.84
N ILE A 221 -10.95 0.93 -6.24
CA ILE A 221 -9.91 1.96 -6.29
C ILE A 221 -8.73 1.52 -5.44
N PRO A 222 -7.54 1.63 -6.00
CA PRO A 222 -6.32 1.24 -5.28
C PRO A 222 -5.73 2.38 -4.46
N LEU A 223 -6.40 2.69 -3.36
CA LEU A 223 -6.05 3.73 -2.41
C LEU A 223 -6.10 3.14 -1.00
N PRO A 224 -5.49 3.82 -0.03
CA PRO A 224 -5.47 3.29 1.33
C PRO A 224 -6.77 3.55 2.07
N TRP A 225 -7.80 2.80 1.71
CA TRP A 225 -9.12 2.91 2.33
C TRP A 225 -9.01 3.00 3.85
N HIS A 226 -10.13 3.41 4.44
CA HIS A 226 -10.19 4.07 5.74
C HIS A 226 -11.21 3.42 6.66
N ALA A 227 -12.37 3.05 6.13
CA ALA A 227 -13.43 2.44 6.96
C ALA A 227 -14.46 3.47 7.43
N GLY A 228 -14.10 4.75 7.28
CA GLY A 228 -14.96 5.89 7.54
C GLY A 228 -15.82 5.89 8.79
N ALA A 229 -15.58 4.99 9.75
CA ALA A 229 -16.41 4.97 10.94
C ALA A 229 -16.28 6.22 11.80
N ASP A 230 -15.03 6.60 12.05
CA ASP A 230 -14.70 7.79 12.86
C ASP A 230 -13.23 8.16 12.72
N THR A 231 -12.87 9.36 13.15
CA THR A 231 -11.48 9.78 13.15
C THR A 231 -10.70 9.71 14.47
N GLY A 232 -10.33 10.86 15.05
CA GLY A 232 -9.71 10.75 16.34
C GLY A 232 -8.30 10.22 16.27
N THR A 233 -8.12 9.18 15.45
CA THR A 233 -6.84 8.70 14.97
C THR A 233 -7.08 7.90 13.70
N PRO A 234 -7.27 8.51 12.55
CA PRO A 234 -7.57 7.72 11.36
C PRO A 234 -6.55 6.61 11.16
N HIS A 235 -7.01 5.37 11.00
CA HIS A 235 -6.13 4.25 10.76
C HIS A 235 -6.17 3.86 9.30
N TRP A 236 -5.07 4.06 8.59
CA TRP A 236 -5.08 3.89 7.15
C TRP A 236 -4.72 2.45 6.82
N ASN A 237 -5.70 1.70 6.32
CA ASN A 237 -5.38 0.43 5.72
C ASN A 237 -4.61 0.67 4.43
N ASN A 238 -3.95 -0.39 3.95
CA ASN A 238 -2.91 -0.23 2.96
C ASN A 238 -1.87 0.76 3.47
N LYS A 239 -1.77 1.92 2.82
CA LYS A 239 -0.64 2.84 2.84
C LYS A 239 0.42 2.32 1.93
N GLU A 240 0.40 1.04 1.59
CA GLU A 240 1.41 0.51 0.70
C GLU A 240 1.23 1.03 -0.70
N ALA A 241 -0.01 1.20 -1.13
CA ALA A 241 -0.26 1.55 -2.51
C ALA A 241 0.25 2.94 -2.83
N LEU A 242 0.16 3.87 -1.88
CA LEU A 242 0.44 5.25 -2.19
C LEU A 242 1.88 5.66 -1.88
N VAL A 243 2.65 4.86 -1.15
CA VAL A 243 4.07 5.12 -0.94
C VAL A 243 4.83 3.99 -1.60
N GLU A 244 6.02 4.26 -2.06
CA GLU A 244 6.80 3.26 -2.77
C GLU A 244 8.23 3.31 -2.25
N PHE A 245 8.73 2.16 -1.81
CA PHE A 245 10.06 2.05 -1.26
C PHE A 245 11.01 1.69 -2.37
N LYS A 246 11.84 2.64 -2.76
CA LYS A 246 12.80 2.42 -3.83
C LYS A 246 14.16 2.20 -3.22
N ASP A 247 14.62 0.96 -3.27
CA ASP A 247 15.97 0.66 -2.81
C ASP A 247 16.94 0.90 -3.94
N ALA A 248 18.05 1.56 -3.62
CA ALA A 248 19.09 1.82 -4.61
C ALA A 248 19.79 0.48 -4.87
N HIS A 249 20.21 0.25 -6.10
CA HIS A 249 20.85 -1.02 -6.42
C HIS A 249 22.15 -1.31 -5.68
N ALA A 250 23.06 -0.34 -5.59
CA ALA A 250 24.31 -0.59 -4.89
C ALA A 250 24.18 -0.81 -3.38
N LYS A 251 23.44 0.08 -2.72
CA LYS A 251 23.21 -0.01 -1.27
C LYS A 251 22.06 0.91 -0.84
N ARG A 252 21.47 0.61 0.32
CA ARG A 252 20.42 1.42 0.97
C ARG A 252 19.01 1.39 0.34
N GLN A 253 18.08 2.05 1.03
CA GLN A 253 16.65 2.13 0.71
C GLN A 253 15.97 3.50 0.83
N THR A 254 15.15 3.92 -0.13
CA THR A 254 14.49 5.22 -0.03
C THR A 254 12.99 5.08 0.07
N VAL A 255 12.38 5.98 0.84
CA VAL A 255 10.93 6.08 0.93
C VAL A 255 10.53 7.26 0.06
N VAL A 256 9.58 7.04 -0.85
CA VAL A 256 9.19 8.05 -1.80
C VAL A 256 7.68 8.05 -1.91
N VAL A 257 7.08 9.20 -1.79
CA VAL A 257 5.64 9.34 -1.90
C VAL A 257 5.29 9.17 -3.37
N LEU A 258 4.04 8.84 -3.66
CA LEU A 258 3.62 8.96 -5.04
C LEU A 258 3.02 10.32 -5.34
N GLY A 259 3.06 11.24 -4.40
CA GLY A 259 2.53 12.58 -4.62
C GLY A 259 1.02 12.56 -4.77
N SER A 260 0.46 13.74 -4.91
CA SER A 260 -0.99 13.83 -4.98
C SER A 260 -1.50 13.08 -6.21
N GLN A 261 -2.40 12.14 -5.98
CA GLN A 261 -2.94 11.33 -7.06
C GLN A 261 -4.22 12.00 -7.55
N GLU A 262 -4.48 13.22 -7.11
CA GLU A 262 -5.82 13.78 -7.20
C GLU A 262 -6.35 13.71 -8.62
N GLY A 263 -5.72 14.43 -9.53
CA GLY A 263 -6.19 14.43 -10.90
C GLY A 263 -6.40 13.10 -11.56
N ALA A 264 -5.47 12.17 -11.37
CA ALA A 264 -5.67 10.83 -11.91
C ALA A 264 -7.02 10.28 -11.47
N VAL A 265 -7.43 10.55 -10.24
CA VAL A 265 -8.76 10.12 -9.84
C VAL A 265 -9.82 10.84 -10.62
N HIS A 266 -9.59 12.10 -10.99
CA HIS A 266 -10.56 12.69 -11.91
C HIS A 266 -10.63 11.94 -13.23
N THR A 267 -9.48 11.55 -13.79
CA THR A 267 -9.52 10.81 -15.04
C THR A 267 -10.30 9.51 -14.88
N ALA A 268 -10.04 8.76 -13.81
CA ALA A 268 -10.75 7.52 -13.60
C ALA A 268 -12.25 7.69 -13.48
N LEU A 269 -12.74 8.90 -13.26
CA LEU A 269 -14.17 9.10 -13.08
C LEU A 269 -14.91 9.29 -14.38
N ALA A 270 -14.29 9.05 -15.52
CA ALA A 270 -14.94 9.34 -16.78
C ALA A 270 -16.32 8.68 -16.84
N GLY A 271 -17.33 9.51 -17.04
CA GLY A 271 -18.69 9.05 -17.16
C GLY A 271 -19.48 8.92 -15.87
N ALA A 272 -19.15 9.72 -14.86
CA ALA A 272 -19.86 9.67 -13.60
C ALA A 272 -21.26 10.30 -13.77
N LEU A 273 -21.56 11.27 -12.91
CA LEU A 273 -22.83 11.99 -12.97
C LEU A 273 -22.13 13.24 -12.45
N GLU A 274 -22.63 14.40 -12.83
CA GLU A 274 -22.11 15.65 -12.29
C GLU A 274 -23.09 15.89 -11.16
N ALA A 275 -22.60 16.10 -9.94
CA ALA A 275 -23.49 16.29 -8.78
C ALA A 275 -23.26 17.56 -7.95
N GLU A 276 -24.34 18.07 -7.38
CA GLU A 276 -24.34 19.27 -6.54
C GLU A 276 -24.80 18.94 -5.12
N MET A 277 -24.09 19.43 -4.12
CA MET A 277 -24.41 19.15 -2.74
C MET A 277 -24.57 20.46 -2.02
N ASP A 278 -25.32 20.29 -0.93
CA ASP A 278 -25.69 21.19 0.14
C ASP A 278 -25.61 20.37 1.47
N GLY A 279 -25.74 21.04 2.61
CA GLY A 279 -25.60 20.33 3.86
C GLY A 279 -26.44 19.10 4.16
N ALA A 280 -27.73 19.13 3.82
CA ALA A 280 -28.61 17.98 4.09
C ALA A 280 -29.17 17.20 2.89
N LYS A 281 -28.55 17.29 1.71
CA LYS A 281 -29.12 16.62 0.55
C LYS A 281 -28.07 16.26 -0.50
N GLY A 282 -27.67 17.30 -1.25
CA GLY A 282 -26.74 17.16 -2.34
C GLY A 282 -27.64 17.03 -3.57
N ARG A 283 -28.01 18.18 -4.15
CA ARG A 283 -28.89 18.24 -5.33
C ARG A 283 -28.40 17.27 -6.39
N LEU A 284 -29.27 16.37 -6.82
CA LEU A 284 -28.81 15.37 -7.77
C LEU A 284 -29.39 15.71 -9.13
N SER A 285 -28.54 16.01 -10.09
CA SER A 285 -29.09 16.20 -11.43
C SER A 285 -29.28 14.85 -12.08
N SER A 286 -29.54 14.88 -13.39
CA SER A 286 -29.75 13.69 -14.20
C SER A 286 -30.96 12.95 -13.66
N GLY A 287 -30.87 11.63 -13.59
CA GLY A 287 -31.94 10.81 -13.06
C GLY A 287 -33.08 10.66 -14.04
N HIS A 288 -34.04 9.84 -13.67
CA HIS A 288 -35.26 9.62 -14.46
C HIS A 288 -36.37 9.14 -13.53
N LEU A 289 -37.63 9.37 -13.88
CA LEU A 289 -38.68 8.87 -13.00
C LEU A 289 -39.67 8.08 -13.84
N LYS A 290 -40.49 7.27 -13.19
CA LYS A 290 -41.60 6.61 -13.86
C LYS A 290 -42.85 6.97 -13.08
N CYS A 291 -43.90 7.40 -13.78
CA CYS A 291 -45.09 7.80 -13.08
C CYS A 291 -46.32 7.52 -13.92
N ARG A 292 -47.38 7.01 -13.29
CA ARG A 292 -48.70 6.92 -13.91
C ARG A 292 -49.45 8.20 -13.59
N LEU A 293 -49.73 8.98 -14.61
CA LEU A 293 -50.31 10.30 -14.43
C LEU A 293 -51.82 10.18 -14.51
N LYS A 294 -52.51 10.40 -13.39
CA LYS A 294 -53.94 10.19 -13.32
C LYS A 294 -54.68 11.48 -13.63
N MET A 295 -55.34 11.51 -14.78
CA MET A 295 -56.03 12.70 -15.24
C MET A 295 -57.48 12.75 -14.78
N ASP A 296 -57.90 11.80 -13.95
CA ASP A 296 -59.30 11.67 -13.54
C ASP A 296 -59.89 13.02 -13.19
N LYS A 297 -59.37 13.68 -12.17
CA LYS A 297 -59.93 14.94 -11.74
C LYS A 297 -59.23 16.07 -12.48
N LEU A 298 -59.94 16.66 -13.43
CA LEU A 298 -59.55 17.91 -14.08
C LEU A 298 -60.79 18.55 -14.66
N ARG A 299 -60.69 19.83 -14.97
CA ARG A 299 -61.75 20.55 -15.64
C ARG A 299 -61.10 21.54 -16.60
N LEU A 300 -61.76 21.80 -17.72
CA LEU A 300 -61.18 22.74 -18.66
C LEU A 300 -61.22 24.17 -18.14
N LYS A 301 -61.63 24.32 -16.88
CA LYS A 301 -61.75 25.63 -16.26
C LYS A 301 -62.93 26.35 -16.90
N GLY A 302 -62.70 27.55 -17.43
CA GLY A 302 -63.82 28.28 -18.01
C GLY A 302 -64.18 27.90 -19.44
N VAL A 303 -64.67 26.67 -19.61
CA VAL A 303 -65.12 26.23 -20.92
C VAL A 303 -66.30 27.12 -21.24
N SER A 304 -67.09 27.38 -20.21
CA SER A 304 -68.24 28.26 -20.29
C SER A 304 -67.78 29.67 -20.01
N TYR A 305 -67.66 30.47 -21.08
CA TYR A 305 -67.55 31.92 -21.01
C TYR A 305 -67.82 32.46 -22.41
N SER A 306 -67.81 33.78 -22.52
CA SER A 306 -68.00 34.44 -23.80
C SER A 306 -66.72 34.37 -24.62
N LEU A 307 -66.76 34.93 -25.83
CA LEU A 307 -65.64 34.92 -26.75
C LEU A 307 -64.77 36.16 -26.66
N CYS A 308 -64.95 36.95 -25.61
CA CYS A 308 -64.38 38.30 -25.43
C CYS A 308 -65.02 39.25 -26.45
N THR A 309 -64.23 40.19 -26.95
CA THR A 309 -64.74 41.17 -27.91
C THR A 309 -63.73 41.47 -29.02
N ALA A 310 -63.24 42.71 -29.05
CA ALA A 310 -62.27 43.14 -30.04
C ALA A 310 -60.90 43.32 -29.41
N ALA A 311 -59.90 42.73 -30.05
CA ALA A 311 -58.50 42.71 -29.63
C ALA A 311 -57.76 42.01 -30.75
N PHE A 312 -57.03 40.95 -30.42
CA PHE A 312 -56.32 40.24 -31.45
C PHE A 312 -54.99 40.94 -31.66
N THR A 313 -54.77 42.08 -31.04
CA THR A 313 -53.46 42.68 -31.24
C THR A 313 -52.65 41.55 -30.61
N PHE A 314 -51.60 41.12 -31.31
CA PHE A 314 -50.66 40.13 -30.75
C PHE A 314 -49.31 40.78 -30.61
N THR A 315 -48.60 40.52 -29.51
CA THR A 315 -47.30 41.14 -29.23
C THR A 315 -46.02 40.85 -30.04
N LYS A 316 -45.85 39.58 -30.39
CA LYS A 316 -44.64 39.03 -30.99
C LYS A 316 -44.98 38.16 -32.20
N ILE A 317 -43.96 37.87 -33.00
CA ILE A 317 -44.10 37.06 -34.20
C ILE A 317 -44.01 35.56 -33.93
N PRO A 318 -45.03 35.07 -33.23
CA PRO A 318 -45.21 33.66 -32.86
C PRO A 318 -43.96 32.83 -32.58
N ALA A 319 -42.89 33.04 -33.34
CA ALA A 319 -41.60 32.33 -33.24
C ALA A 319 -41.62 30.79 -33.44
N GLU A 320 -41.22 30.35 -34.63
CA GLU A 320 -41.20 28.95 -34.95
C GLU A 320 -40.11 28.39 -34.12
N THR A 321 -40.58 27.74 -33.09
CA THR A 321 -39.83 27.04 -32.05
C THR A 321 -39.51 25.64 -32.50
N LEU A 322 -38.64 24.94 -31.77
CA LEU A 322 -38.25 23.59 -32.17
C LEU A 322 -39.23 22.43 -31.93
N HIS A 323 -39.48 21.66 -32.98
CA HIS A 323 -40.35 20.50 -32.90
C HIS A 323 -41.82 20.80 -32.61
N GLY A 324 -42.56 21.13 -33.66
CA GLY A 324 -43.99 21.39 -33.51
C GLY A 324 -44.50 22.82 -33.50
N THR A 325 -45.12 23.16 -32.38
CA THR A 325 -45.67 24.50 -32.21
C THR A 325 -45.14 25.90 -32.25
N VAL A 326 -45.92 26.72 -32.92
CA VAL A 326 -45.73 28.15 -33.13
C VAL A 326 -46.52 28.87 -32.04
N THR A 327 -45.82 29.41 -31.06
CA THR A 327 -46.38 29.63 -29.74
C THR A 327 -46.83 31.06 -29.62
N VAL A 328 -48.13 31.26 -29.61
CA VAL A 328 -48.72 32.57 -29.83
C VAL A 328 -49.15 33.15 -28.51
N GLU A 329 -48.95 34.48 -28.44
CA GLU A 329 -49.31 35.27 -27.26
C GLU A 329 -49.88 36.67 -27.49
N VAL A 330 -51.20 36.73 -27.61
CA VAL A 330 -52.04 37.93 -27.86
C VAL A 330 -52.49 38.81 -26.67
N GLN A 331 -53.25 39.87 -26.98
CA GLN A 331 -53.75 40.86 -26.01
C GLN A 331 -55.11 41.52 -26.38
N TYR A 332 -56.14 40.69 -26.51
CA TYR A 332 -57.37 41.24 -27.01
C TYR A 332 -57.58 42.44 -26.15
N ALA A 333 -57.76 43.57 -26.82
CA ALA A 333 -57.96 44.81 -26.09
C ALA A 333 -59.44 45.02 -25.78
N GLY A 334 -59.69 45.64 -24.64
CA GLY A 334 -60.99 46.11 -24.25
C GLY A 334 -61.89 45.06 -23.63
N THR A 335 -61.41 43.84 -23.40
CA THR A 335 -62.28 42.80 -22.90
C THR A 335 -62.79 43.15 -21.50
N ASP A 336 -64.01 42.70 -21.21
CA ASP A 336 -64.65 42.99 -19.94
C ASP A 336 -64.25 42.05 -18.80
N GLY A 337 -64.17 40.74 -19.04
CA GLY A 337 -64.03 39.78 -17.98
C GLY A 337 -63.57 38.42 -18.45
N PRO A 338 -63.65 37.42 -17.58
CA PRO A 338 -62.92 36.16 -17.83
C PRO A 338 -63.43 35.41 -19.05
N CYS A 339 -63.13 35.93 -20.22
CA CYS A 339 -63.74 35.49 -21.46
C CYS A 339 -62.77 34.66 -22.30
N LYS A 340 -63.32 33.74 -23.07
CA LYS A 340 -62.53 32.78 -23.82
C LYS A 340 -61.68 33.46 -24.88
N VAL A 341 -60.67 32.73 -25.35
CA VAL A 341 -59.69 33.22 -26.30
C VAL A 341 -59.81 32.38 -27.56
N PRO A 342 -60.68 32.61 -28.83
CA PRO A 342 -60.83 31.92 -30.10
C PRO A 342 -59.50 31.86 -30.82
N ALA A 343 -59.13 30.67 -31.25
CA ALA A 343 -57.92 30.45 -32.01
C ALA A 343 -58.14 29.28 -32.94
N GLN A 344 -57.62 29.42 -34.15
CA GLN A 344 -57.85 28.34 -35.10
C GLN A 344 -56.73 28.47 -36.10
N MET A 345 -56.29 27.33 -36.63
CA MET A 345 -55.33 27.32 -37.72
C MET A 345 -56.12 27.00 -38.98
N ALA A 346 -55.96 27.86 -39.97
CA ALA A 346 -56.78 27.82 -41.14
C ALA A 346 -55.95 27.33 -42.31
N VAL A 347 -56.50 26.40 -43.10
CA VAL A 347 -55.74 25.84 -44.22
C VAL A 347 -55.82 26.88 -45.32
N ASP A 348 -56.98 27.53 -45.26
CA ASP A 348 -57.35 28.59 -46.15
C ASP A 348 -58.50 29.45 -45.64
N MET A 349 -58.35 30.76 -45.74
CA MET A 349 -59.41 31.67 -45.33
C MET A 349 -59.81 32.47 -46.56
N GLN A 350 -61.09 32.51 -46.92
CA GLN A 350 -62.00 31.36 -47.08
C GLN A 350 -62.83 30.98 -45.85
N THR A 351 -63.66 29.95 -46.02
CA THR A 351 -64.59 29.49 -44.98
C THR A 351 -64.37 28.99 -43.42
N LEU A 352 -63.28 29.55 -42.87
CA LEU A 352 -62.82 29.15 -41.53
C LEU A 352 -62.41 27.65 -41.54
N THR A 353 -62.92 26.86 -40.59
CA THR A 353 -62.66 25.41 -40.50
C THR A 353 -61.23 24.77 -40.41
N PRO A 354 -60.44 25.20 -39.44
CA PRO A 354 -59.06 24.69 -39.27
C PRO A 354 -58.95 23.23 -38.79
N VAL A 355 -57.86 22.54 -39.11
CA VAL A 355 -57.67 21.18 -38.73
C VAL A 355 -56.54 21.16 -37.71
N GLY A 356 -56.08 22.32 -37.31
CA GLY A 356 -54.82 22.38 -36.58
C GLY A 356 -54.51 21.58 -35.35
N ARG A 357 -55.49 21.09 -34.61
CA ARG A 357 -55.15 20.44 -33.36
C ARG A 357 -54.07 21.26 -32.66
N LEU A 358 -54.45 22.44 -32.18
CA LEU A 358 -53.61 23.19 -31.25
C LEU A 358 -53.52 22.46 -29.93
N ILE A 359 -52.40 22.65 -29.25
CA ILE A 359 -52.14 21.90 -28.02
C ILE A 359 -52.50 22.68 -26.76
N THR A 360 -52.99 23.91 -26.94
CA THR A 360 -53.41 24.75 -25.83
C THR A 360 -54.93 24.89 -25.90
N ALA A 361 -55.63 24.02 -25.19
CA ALA A 361 -57.09 24.01 -25.21
C ALA A 361 -57.78 25.03 -24.31
N ASN A 362 -58.91 25.54 -24.80
CA ASN A 362 -59.75 26.50 -24.09
C ASN A 362 -58.94 27.62 -23.45
N PRO A 363 -58.24 28.45 -24.21
CA PRO A 363 -57.44 29.52 -23.60
C PRO A 363 -58.31 30.64 -23.04
N VAL A 364 -57.89 31.18 -21.90
CA VAL A 364 -58.72 32.06 -21.09
C VAL A 364 -57.80 33.17 -20.57
N ILE A 365 -58.28 34.37 -20.88
CA ILE A 365 -57.76 35.66 -20.45
C ILE A 365 -58.25 35.94 -19.02
N THR A 366 -57.74 36.99 -18.40
CA THR A 366 -58.05 37.24 -16.98
C THR A 366 -58.57 38.64 -16.60
N GLU A 367 -59.68 38.68 -15.86
CA GLU A 367 -60.30 39.92 -15.37
C GLU A 367 -60.61 41.00 -16.42
N SER A 368 -60.67 42.26 -15.98
CA SER A 368 -60.91 43.33 -16.94
C SER A 368 -59.76 44.10 -17.56
N THR A 369 -59.68 45.40 -17.24
CA THR A 369 -58.57 46.29 -17.66
C THR A 369 -58.21 46.21 -19.14
N GLU A 370 -56.92 46.21 -19.44
CA GLU A 370 -56.46 45.97 -20.80
C GLU A 370 -55.16 45.18 -20.84
N ASN A 371 -54.45 45.11 -19.72
CA ASN A 371 -53.15 44.48 -19.76
C ASN A 371 -53.31 43.07 -20.23
N SER A 372 -54.50 42.49 -20.11
CA SER A 372 -54.65 41.16 -20.69
C SER A 372 -53.53 40.22 -20.23
N LYS A 373 -52.77 39.73 -21.23
CA LYS A 373 -51.57 38.85 -21.19
C LYS A 373 -51.83 37.33 -21.19
N MET A 374 -52.07 36.81 -22.39
CA MET A 374 -52.30 35.38 -22.59
C MET A 374 -51.36 34.83 -23.66
N MET A 375 -50.72 33.69 -23.35
CA MET A 375 -49.81 33.03 -24.28
C MET A 375 -50.38 31.66 -24.63
N LEU A 376 -50.28 31.29 -25.89
CA LEU A 376 -50.85 30.06 -26.41
C LEU A 376 -49.79 29.30 -27.18
N GLU A 377 -50.20 28.16 -27.73
CA GLU A 377 -49.38 27.37 -28.63
C GLU A 377 -50.31 26.73 -29.64
N LEU A 378 -49.86 26.66 -30.88
CA LEU A 378 -50.68 26.05 -31.93
C LEU A 378 -49.78 25.18 -32.78
N ASP A 379 -50.20 23.94 -33.02
CA ASP A 379 -49.48 23.07 -33.92
C ASP A 379 -50.11 23.15 -35.30
N PRO A 380 -49.52 23.86 -36.24
CA PRO A 380 -50.13 23.96 -37.55
C PRO A 380 -49.73 22.78 -38.41
N PRO A 381 -50.28 22.67 -39.61
CA PRO A 381 -49.79 21.66 -40.54
C PRO A 381 -48.49 22.10 -41.21
N PHE A 382 -47.75 21.12 -41.67
CA PHE A 382 -46.44 21.35 -42.27
C PHE A 382 -46.49 22.30 -43.45
N GLY A 383 -47.55 22.28 -44.24
CA GLY A 383 -47.66 23.16 -45.37
C GLY A 383 -47.86 24.59 -44.92
N ASP A 384 -48.16 25.45 -45.89
CA ASP A 384 -48.44 26.84 -45.59
C ASP A 384 -49.80 26.93 -44.90
N SER A 385 -49.98 27.92 -44.03
CA SER A 385 -51.21 28.04 -43.26
C SER A 385 -51.39 29.46 -42.77
N TYR A 386 -52.60 29.77 -42.31
CA TYR A 386 -52.92 31.08 -41.76
C TYR A 386 -53.38 31.02 -40.31
N ILE A 387 -52.69 31.77 -39.44
CA ILE A 387 -53.03 31.81 -38.02
C ILE A 387 -54.03 32.90 -37.67
N VAL A 388 -55.21 32.49 -37.23
CA VAL A 388 -56.41 33.32 -37.22
C VAL A 388 -57.25 33.07 -35.99
N ILE A 389 -57.74 34.16 -35.39
CA ILE A 389 -58.73 34.01 -34.32
C ILE A 389 -60.17 34.37 -34.68
N GLY A 390 -60.42 34.93 -35.87
CA GLY A 390 -61.78 35.06 -36.38
C GLY A 390 -62.88 35.63 -35.50
N VAL A 391 -62.73 36.85 -35.01
CA VAL A 391 -63.75 37.50 -34.21
C VAL A 391 -63.72 38.98 -34.55
N GLY A 392 -64.83 39.67 -34.37
CA GLY A 392 -64.90 41.10 -34.64
C GLY A 392 -64.70 41.39 -36.11
N GLU A 393 -64.57 42.67 -36.40
CA GLU A 393 -64.42 43.13 -37.77
C GLU A 393 -62.97 42.95 -38.19
N LYS A 394 -62.75 42.13 -39.21
CA LYS A 394 -61.46 42.01 -39.90
C LYS A 394 -60.39 41.42 -38.98
N LYS A 395 -60.73 41.19 -37.71
CA LYS A 395 -59.99 40.36 -36.76
C LYS A 395 -58.54 40.82 -36.82
N ILE A 396 -57.59 39.88 -36.76
CA ILE A 396 -56.23 40.08 -37.28
C ILE A 396 -55.72 38.70 -37.66
N THR A 397 -55.12 38.61 -38.84
CA THR A 397 -54.72 37.35 -39.43
C THR A 397 -53.20 37.39 -39.47
N HIS A 398 -52.62 36.21 -39.66
CA HIS A 398 -51.19 36.03 -39.78
C HIS A 398 -50.92 34.94 -40.80
N HIS A 399 -49.78 34.99 -41.48
CA HIS A 399 -49.41 34.00 -42.47
C HIS A 399 -48.18 33.28 -41.97
N TRP A 400 -48.26 31.95 -41.92
CA TRP A 400 -47.15 31.16 -41.42
C TRP A 400 -46.94 29.91 -42.24
N HIS A 401 -45.68 29.50 -42.36
CA HIS A 401 -45.33 28.32 -43.12
C HIS A 401 -44.39 27.44 -42.31
N ARG A 402 -44.89 26.27 -41.92
CA ARG A 402 -44.06 25.24 -41.33
C ARG A 402 -43.14 24.65 -42.37
N SER A 403 -42.11 23.96 -41.90
CA SER A 403 -41.15 23.32 -42.76
C SER A 403 -41.17 21.83 -42.49
N GLY A 404 -40.60 21.05 -43.39
CA GLY A 404 -40.52 19.62 -43.16
C GLY A 404 -41.84 18.93 -43.45
N SER A 405 -41.77 17.63 -43.64
CA SER A 405 -42.91 16.86 -44.11
C SER A 405 -43.21 15.73 -43.14
N THR A 406 -44.40 15.15 -43.29
CA THR A 406 -44.81 14.02 -42.45
C THR A 406 -43.75 12.95 -42.44
N ILE A 407 -43.05 12.77 -43.56
CA ILE A 407 -41.92 11.85 -43.56
C ILE A 407 -40.85 12.34 -42.60
N GLY A 408 -40.60 13.66 -42.57
CA GLY A 408 -39.57 14.18 -41.68
C GLY A 408 -39.93 14.02 -40.22
N LYS A 409 -41.19 14.30 -39.88
CA LYS A 409 -41.64 14.06 -38.52
C LYS A 409 -41.63 12.58 -38.19
N ALA A 410 -41.84 11.73 -39.19
CA ALA A 410 -41.79 10.29 -38.97
C ALA A 410 -40.39 9.86 -38.57
N PHE A 411 -39.40 10.17 -39.40
CA PHE A 411 -38.03 9.78 -39.07
C PHE A 411 -37.60 10.47 -37.78
N GLU A 412 -37.88 11.76 -37.67
CA GLU A 412 -37.50 12.52 -36.48
C GLU A 412 -38.02 11.84 -35.22
N ALA A 413 -39.34 11.69 -35.11
CA ALA A 413 -39.89 11.00 -33.96
C ALA A 413 -39.37 9.63 -33.56
N THR A 414 -39.05 8.78 -34.54
CA THR A 414 -38.47 7.48 -34.18
C THR A 414 -36.97 7.59 -33.79
N VAL A 415 -36.36 8.68 -34.27
CA VAL A 415 -34.99 9.00 -33.92
C VAL A 415 -35.02 9.06 -32.40
N ARG A 416 -35.76 10.02 -31.84
CA ARG A 416 -35.90 10.08 -30.39
C ARG A 416 -36.54 8.88 -29.69
N GLY A 417 -37.48 8.23 -30.36
CA GLY A 417 -38.05 7.00 -29.81
C GLY A 417 -36.91 6.03 -29.60
N ALA A 418 -35.96 6.00 -30.51
CA ALA A 418 -34.81 5.13 -30.33
C ALA A 418 -33.99 5.56 -29.13
N LYS A 419 -33.74 6.86 -28.99
CA LYS A 419 -32.94 7.31 -27.85
C LYS A 419 -33.67 7.02 -26.54
N ARG A 420 -35.00 7.13 -26.53
CA ARG A 420 -35.76 6.66 -25.38
C ARG A 420 -35.52 5.18 -25.14
N MET A 421 -35.47 4.38 -26.20
CA MET A 421 -35.06 2.99 -26.04
C MET A 421 -33.60 2.87 -25.63
N ALA A 422 -32.75 3.83 -25.98
CA ALA A 422 -31.33 3.67 -25.77
C ALA A 422 -30.95 3.96 -24.34
N VAL A 423 -30.96 5.24 -23.97
CA VAL A 423 -30.83 5.62 -22.57
C VAL A 423 -32.15 5.34 -21.87
N LEU A 424 -32.08 4.91 -20.61
CA LEU A 424 -33.20 4.61 -19.73
C LEU A 424 -34.02 3.45 -20.25
N GLY A 425 -33.65 2.88 -21.39
CA GLY A 425 -34.47 1.87 -22.04
C GLY A 425 -34.81 0.72 -21.12
N ASP A 426 -35.82 -0.06 -21.51
CA ASP A 426 -36.51 -1.06 -20.70
C ASP A 426 -37.55 -0.39 -19.81
N THR A 427 -37.44 0.90 -19.59
CA THR A 427 -38.59 1.65 -19.15
C THR A 427 -39.21 2.46 -20.28
N ALA A 428 -38.58 2.47 -21.45
CA ALA A 428 -39.09 3.28 -22.55
C ALA A 428 -40.48 2.85 -22.95
N TRP A 429 -40.78 1.56 -22.85
CA TRP A 429 -42.11 1.08 -23.13
C TRP A 429 -43.12 1.59 -22.13
N ASP A 430 -42.66 2.24 -21.06
CA ASP A 430 -43.57 2.88 -20.13
C ASP A 430 -43.95 4.28 -20.56
N PHE A 431 -43.43 4.76 -21.68
CA PHE A 431 -43.84 6.07 -22.18
C PHE A 431 -45.24 5.99 -22.78
N GLY A 432 -45.62 4.82 -23.29
CA GLY A 432 -46.95 4.61 -23.79
C GLY A 432 -47.85 3.92 -22.78
N SER A 433 -49.15 4.04 -23.00
CA SER A 433 -50.12 3.82 -21.94
C SER A 433 -51.21 2.88 -22.36
N VAL A 434 -51.84 2.25 -21.37
CA VAL A 434 -52.99 1.38 -21.53
C VAL A 434 -52.59 0.24 -22.45
N GLY A 435 -51.37 -0.22 -22.29
CA GLY A 435 -50.91 -1.30 -23.14
C GLY A 435 -51.26 -2.65 -22.58
N GLY A 436 -51.57 -3.55 -23.47
CA GLY A 436 -51.44 -4.98 -23.21
C GLY A 436 -51.27 -5.68 -24.53
N ALA A 437 -50.51 -6.76 -24.52
CA ALA A 437 -50.22 -7.54 -25.72
C ALA A 437 -49.66 -6.68 -26.85
N LEU A 438 -49.23 -5.46 -26.52
CA LEU A 438 -48.45 -4.64 -27.42
C LEU A 438 -47.29 -4.02 -26.65
N ASN A 439 -47.62 -3.11 -25.75
CA ASN A 439 -46.60 -2.57 -24.87
C ASN A 439 -46.08 -3.32 -23.67
N SER A 440 -46.83 -4.27 -23.14
CA SER A 440 -46.26 -5.13 -22.10
C SER A 440 -45.44 -6.36 -22.52
N LEU A 441 -45.98 -7.08 -23.50
CA LEU A 441 -45.27 -8.18 -24.09
C LEU A 441 -44.01 -7.52 -24.64
N GLY A 442 -44.14 -6.31 -25.18
CA GLY A 442 -42.98 -5.59 -25.68
C GLY A 442 -41.99 -5.29 -24.58
N LYS A 443 -42.41 -4.58 -23.54
CA LYS A 443 -41.51 -4.28 -22.43
C LYS A 443 -40.97 -5.55 -21.79
N GLY A 444 -41.74 -6.64 -21.83
CA GLY A 444 -41.23 -7.88 -21.30
C GLY A 444 -40.06 -8.40 -22.09
N ILE A 445 -40.25 -8.60 -23.39
CA ILE A 445 -39.14 -9.07 -24.22
C ILE A 445 -37.95 -8.14 -24.10
N HIS A 446 -38.19 -6.84 -24.22
CA HIS A 446 -37.10 -5.89 -24.12
C HIS A 446 -36.42 -5.95 -22.76
N GLN A 447 -37.15 -6.35 -21.73
CA GLN A 447 -36.54 -6.41 -20.41
C GLN A 447 -35.66 -7.65 -20.27
N ILE A 448 -36.10 -8.77 -20.85
CA ILE A 448 -35.25 -9.96 -20.81
C ILE A 448 -34.01 -9.75 -21.67
N PHE A 449 -34.19 -9.39 -22.93
CA PHE A 449 -33.02 -9.10 -23.76
C PHE A 449 -32.16 -8.03 -23.12
N GLY A 450 -32.78 -7.11 -22.38
CA GLY A 450 -32.00 -6.06 -21.74
C GLY A 450 -31.15 -6.59 -20.59
N ALA A 451 -31.73 -7.43 -19.74
CA ALA A 451 -30.97 -7.97 -18.63
C ALA A 451 -29.86 -8.89 -19.14
N ALA A 452 -30.19 -9.80 -20.06
CA ALA A 452 -29.15 -10.64 -20.62
C ALA A 452 -28.06 -9.81 -21.25
N PHE A 453 -28.45 -8.87 -22.12
CA PHE A 453 -27.46 -8.03 -22.80
C PHE A 453 -26.53 -7.33 -21.82
N LYS A 454 -27.11 -6.53 -20.91
CA LYS A 454 -26.32 -5.86 -19.88
C LYS A 454 -25.43 -6.84 -19.12
N SER A 455 -25.89 -8.06 -18.94
CA SER A 455 -25.10 -9.02 -18.17
C SER A 455 -24.03 -9.50 -19.14
N LEU A 456 -24.42 -9.87 -20.35
CA LEU A 456 -23.43 -10.34 -21.32
C LEU A 456 -22.27 -9.35 -21.52
N PHE A 457 -22.62 -8.16 -22.02
CA PHE A 457 -21.67 -7.11 -22.33
C PHE A 457 -21.66 -5.86 -21.43
N GLY A 458 -21.29 -6.06 -20.17
CA GLY A 458 -21.12 -5.02 -19.15
C GLY A 458 -19.63 -4.74 -19.32
N GLY A 459 -19.09 -3.65 -18.77
CA GLY A 459 -17.67 -3.48 -19.04
C GLY A 459 -17.34 -2.94 -20.40
N MET A 460 -18.21 -2.10 -20.94
CA MET A 460 -18.13 -1.70 -22.33
C MET A 460 -18.03 -0.18 -22.34
N SER A 461 -16.87 0.34 -22.72
CA SER A 461 -16.78 1.76 -22.97
C SER A 461 -17.27 2.00 -24.38
N TRP A 462 -17.32 3.26 -24.78
CA TRP A 462 -17.85 3.58 -26.08
C TRP A 462 -17.00 2.95 -27.17
N PHE A 463 -15.68 3.11 -27.06
CA PHE A 463 -14.79 2.53 -28.06
C PHE A 463 -14.92 1.02 -28.11
N SER A 464 -14.83 0.36 -26.96
CA SER A 464 -15.06 -1.09 -26.92
C SER A 464 -16.36 -1.44 -27.59
N GLN A 465 -17.44 -0.75 -27.22
CA GLN A 465 -18.75 -1.01 -27.80
C GLN A 465 -18.67 -1.00 -29.33
N ILE A 466 -17.96 -0.03 -29.89
CA ILE A 466 -17.87 -0.02 -31.35
C ILE A 466 -17.06 -1.22 -31.84
N LEU A 467 -15.95 -1.55 -31.18
CA LEU A 467 -15.17 -2.69 -31.68
C LEU A 467 -16.01 -3.94 -31.73
N ILE A 468 -16.53 -4.38 -30.59
CA ILE A 468 -17.30 -5.61 -30.57
C ILE A 468 -18.48 -5.51 -31.50
N GLY A 469 -19.03 -4.30 -31.65
CA GLY A 469 -20.01 -4.09 -32.71
C GLY A 469 -19.51 -4.57 -34.05
N THR A 470 -18.33 -4.10 -34.47
CA THR A 470 -17.84 -4.44 -35.79
C THR A 470 -17.46 -5.90 -35.90
N LEU A 471 -16.91 -6.50 -34.84
CA LEU A 471 -16.62 -7.92 -34.93
C LEU A 471 -17.90 -8.72 -35.15
N LEU A 472 -18.93 -8.44 -34.35
CA LEU A 472 -20.19 -9.14 -34.54
C LEU A 472 -20.71 -8.81 -35.93
N MET A 473 -20.42 -7.61 -36.44
CA MET A 473 -20.78 -7.31 -37.82
C MET A 473 -20.10 -8.28 -38.78
N TRP A 474 -18.77 -8.35 -38.72
CA TRP A 474 -18.05 -9.20 -39.65
C TRP A 474 -18.47 -10.66 -39.59
N LEU A 475 -18.78 -11.16 -38.38
CA LEU A 475 -19.39 -12.49 -38.34
C LEU A 475 -20.74 -12.47 -39.03
N GLY A 476 -21.48 -11.38 -38.89
CA GLY A 476 -22.78 -11.29 -39.53
C GLY A 476 -22.68 -11.32 -41.04
N LEU A 477 -21.50 -11.08 -41.59
CA LEU A 477 -21.35 -11.25 -43.03
C LEU A 477 -20.92 -12.65 -43.42
N ASN A 478 -20.91 -13.62 -42.52
CA ASN A 478 -20.26 -14.88 -42.79
C ASN A 478 -21.00 -15.98 -42.04
N THR A 479 -20.36 -17.15 -41.92
CA THR A 479 -20.88 -18.36 -41.29
C THR A 479 -22.14 -18.81 -42.01
N LYS A 480 -23.14 -19.29 -41.27
CA LYS A 480 -24.13 -20.18 -41.85
C LYS A 480 -25.41 -20.20 -41.04
N ASN A 481 -26.46 -20.76 -41.66
CA ASN A 481 -27.82 -20.95 -41.17
C ASN A 481 -28.63 -19.67 -41.26
N GLY A 482 -28.02 -18.53 -41.53
CA GLY A 482 -28.76 -17.27 -41.54
C GLY A 482 -29.38 -17.01 -40.19
N SER A 483 -28.83 -17.65 -39.17
CA SER A 483 -29.30 -17.49 -37.80
C SER A 483 -28.22 -16.86 -36.92
N ILE A 484 -27.18 -17.63 -36.57
CA ILE A 484 -26.09 -17.06 -35.79
C ILE A 484 -25.44 -15.92 -36.54
N SER A 485 -25.47 -15.95 -37.88
CA SER A 485 -25.04 -14.80 -38.64
C SER A 485 -26.03 -13.65 -38.51
N LEU A 486 -27.33 -13.96 -38.50
CA LEU A 486 -28.33 -12.90 -38.41
C LEU A 486 -28.52 -12.45 -36.97
N MET A 487 -28.59 -13.39 -36.02
CA MET A 487 -28.59 -12.99 -34.63
C MET A 487 -27.34 -12.20 -34.29
N CYS A 488 -26.19 -12.72 -34.69
CA CYS A 488 -24.92 -12.05 -34.39
C CYS A 488 -24.88 -10.66 -35.01
N LEU A 489 -25.11 -10.55 -36.32
CA LEU A 489 -25.09 -9.24 -36.95
C LEU A 489 -26.12 -8.31 -36.31
N ALA A 490 -27.27 -8.86 -35.92
CA ALA A 490 -28.27 -8.04 -35.27
C ALA A 490 -27.71 -7.43 -33.99
N LEU A 491 -27.24 -8.26 -33.07
CA LEU A 491 -26.80 -7.74 -31.78
C LEU A 491 -25.60 -6.81 -31.96
N GLY A 492 -24.74 -7.10 -32.92
CA GLY A 492 -23.67 -6.16 -33.23
C GLY A 492 -24.21 -4.81 -33.66
N GLY A 493 -25.14 -4.81 -34.62
CA GLY A 493 -25.74 -3.56 -35.06
C GLY A 493 -26.34 -2.72 -33.95
N VAL A 494 -27.03 -3.36 -33.00
CA VAL A 494 -27.56 -2.62 -31.86
C VAL A 494 -26.55 -2.00 -30.90
N LEU A 495 -25.40 -2.66 -30.72
CA LEU A 495 -24.34 -1.98 -29.98
C LEU A 495 -23.91 -0.74 -30.75
N ILE A 496 -23.61 -0.90 -32.04
CA ILE A 496 -23.13 0.24 -32.81
C ILE A 496 -24.17 1.34 -32.60
N PHE A 497 -25.44 0.98 -32.71
CA PHE A 497 -26.48 2.00 -32.55
C PHE A 497 -26.50 2.60 -31.17
N LEU A 498 -26.42 1.78 -30.12
CA LEU A 498 -26.42 2.34 -28.78
C LEU A 498 -25.21 3.21 -28.55
N SER A 499 -24.09 2.88 -29.19
CA SER A 499 -22.92 3.75 -29.11
C SER A 499 -23.24 5.11 -29.72
N THR A 500 -23.62 5.13 -31.00
CA THR A 500 -23.86 6.42 -31.66
C THR A 500 -24.94 7.21 -30.94
N ALA A 501 -25.95 6.53 -30.41
CA ALA A 501 -27.02 7.23 -29.70
C ALA A 501 -26.52 7.81 -28.40
N VAL A 502 -25.65 7.08 -27.69
CA VAL A 502 -24.99 7.69 -26.54
C VAL A 502 -24.29 8.97 -26.93
N SER A 503 -23.49 8.93 -28.00
CA SER A 503 -22.73 10.11 -28.40
C SER A 503 -23.63 11.15 -29.06
N ALA A 504 -24.25 10.78 -30.18
CA ALA A 504 -25.08 11.67 -31.00
C ALA A 504 -24.24 12.75 -31.67
N ILE B 1 39.07 -4.44 -1.81
CA ILE B 1 38.74 -3.21 -1.08
C ILE B 1 37.57 -2.49 -1.72
N ARG B 2 36.58 -2.14 -0.89
CA ARG B 2 35.38 -1.43 -1.35
C ARG B 2 34.75 -2.10 -2.57
N CYS B 3 35.25 -3.28 -2.93
CA CYS B 3 34.74 -4.01 -4.07
C CYS B 3 34.45 -5.39 -3.52
N ILE B 4 34.94 -5.67 -2.31
CA ILE B 4 34.66 -6.98 -1.75
C ILE B 4 33.26 -6.99 -1.17
N GLY B 5 32.52 -8.03 -1.51
CA GLY B 5 31.19 -8.23 -0.98
C GLY B 5 30.10 -7.45 -1.65
N VAL B 6 30.42 -6.36 -2.35
CA VAL B 6 29.38 -5.55 -3.00
C VAL B 6 28.60 -6.35 -4.02
N SER B 7 29.06 -7.54 -4.35
CA SER B 7 28.50 -8.43 -5.36
C SER B 7 28.40 -7.65 -6.66
N ASN B 8 27.41 -8.00 -7.48
CA ASN B 8 27.16 -7.32 -8.75
C ASN B 8 28.46 -7.14 -9.53
N ARG B 9 29.45 -8.01 -9.28
CA ARG B 9 30.84 -7.71 -9.58
C ARG B 9 31.44 -8.81 -10.44
N ASP B 10 31.82 -8.45 -11.66
CA ASP B 10 32.58 -9.33 -12.54
C ASP B 10 34.06 -9.01 -12.29
N PHE B 11 34.85 -10.06 -12.51
CA PHE B 11 36.31 -10.05 -12.45
C PHE B 11 36.72 -10.42 -13.89
N VAL B 12 37.66 -9.63 -14.42
CA VAL B 12 38.22 -9.80 -15.76
C VAL B 12 39.31 -10.87 -15.86
N GLU B 13 39.47 -11.46 -17.04
CA GLU B 13 40.48 -12.50 -17.28
C GLU B 13 41.94 -12.06 -17.15
N GLY B 14 42.29 -10.89 -17.67
CA GLY B 14 43.66 -10.40 -17.62
C GLY B 14 44.05 -9.49 -18.77
N MET B 15 45.33 -9.09 -18.81
CA MET B 15 45.81 -8.21 -19.88
C MET B 15 45.86 -8.86 -21.25
N SER B 16 46.45 -10.06 -21.31
CA SER B 16 46.54 -10.84 -22.53
C SER B 16 47.24 -10.06 -23.64
N GLY B 17 48.54 -9.85 -23.45
CA GLY B 17 49.41 -9.40 -24.52
C GLY B 17 49.22 -7.98 -24.99
N GLY B 18 48.21 -7.27 -24.51
CA GLY B 18 48.00 -5.91 -24.98
C GLY B 18 48.43 -4.82 -24.01
N THR B 19 48.70 -5.17 -22.76
CA THR B 19 48.81 -4.20 -21.67
C THR B 19 47.58 -3.32 -21.67
N TRP B 20 46.41 -3.93 -21.75
CA TRP B 20 45.19 -3.20 -22.09
C TRP B 20 44.01 -4.14 -22.00
N VAL B 21 42.81 -3.60 -21.71
CA VAL B 21 41.62 -4.40 -21.43
C VAL B 21 40.40 -3.54 -21.68
N ASP B 22 39.27 -4.18 -21.94
CA ASP B 22 38.02 -3.48 -22.14
C ASP B 22 37.08 -3.85 -21.00
N VAL B 23 36.87 -2.90 -20.09
CA VAL B 23 36.04 -3.12 -18.91
C VAL B 23 34.90 -2.11 -18.93
N VAL B 24 33.70 -2.61 -18.89
CA VAL B 24 32.53 -1.76 -18.71
C VAL B 24 32.16 -1.73 -17.25
N LEU B 25 31.90 -0.55 -16.72
CA LEU B 25 31.55 -0.43 -15.33
C LEU B 25 30.32 0.45 -15.21
N GLU B 26 29.64 0.33 -14.08
CA GLU B 26 28.33 0.93 -13.91
C GLU B 26 28.17 1.18 -12.42
N HIS B 27 27.11 1.87 -12.02
CA HIS B 27 27.06 2.38 -10.64
C HIS B 27 27.22 1.37 -9.53
N GLY B 28 26.93 0.13 -9.86
CA GLY B 28 26.92 -0.96 -8.91
C GLY B 28 27.67 -2.18 -9.37
N GLY B 29 28.23 -2.87 -8.42
CA GLY B 29 29.28 -3.81 -8.72
C GLY B 29 30.53 -3.03 -9.11
N CYS B 30 31.64 -3.71 -8.95
CA CYS B 30 32.90 -3.21 -9.44
C CYS B 30 33.36 -4.12 -10.54
N VAL B 31 34.56 -3.87 -11.04
CA VAL B 31 35.29 -4.89 -11.75
C VAL B 31 36.69 -4.94 -11.17
N THR B 32 37.01 -6.02 -10.48
CA THR B 32 38.39 -6.30 -10.09
C THR B 32 39.07 -6.89 -11.30
N VAL B 33 40.32 -6.47 -11.54
CA VAL B 33 41.09 -6.93 -12.68
C VAL B 33 42.44 -7.44 -12.16
N MET B 34 42.79 -8.65 -12.53
CA MET B 34 44.08 -9.19 -12.13
C MET B 34 44.77 -9.72 -13.37
N ALA B 35 46.03 -9.33 -13.58
CA ALA B 35 46.80 -9.84 -14.70
C ALA B 35 48.26 -9.97 -14.30
N GLN B 36 48.86 -11.13 -14.57
CA GLN B 36 50.30 -11.33 -14.68
C GLN B 36 51.08 -10.47 -13.68
N ASP B 37 50.85 -10.79 -12.41
CA ASP B 37 51.46 -10.10 -11.26
C ASP B 37 51.44 -8.58 -11.42
N LYS B 38 50.38 -8.06 -11.92
CA LYS B 38 50.15 -6.64 -11.71
C LYS B 38 49.14 -6.46 -10.61
N PRO B 39 49.37 -5.56 -9.65
CA PRO B 39 48.45 -5.43 -8.52
C PRO B 39 46.99 -5.40 -8.93
N THR B 40 46.17 -6.16 -8.20
CA THR B 40 44.75 -6.25 -8.55
C THR B 40 43.94 -5.06 -8.09
N VAL B 41 43.21 -4.46 -9.03
CA VAL B 41 42.54 -3.19 -8.85
C VAL B 41 41.11 -3.24 -9.33
N ASP B 42 40.26 -2.45 -8.70
CA ASP B 42 38.83 -2.49 -8.92
C ASP B 42 38.27 -1.08 -8.85
N ILE B 43 37.28 -0.80 -9.68
CA ILE B 43 36.81 0.55 -9.94
C ILE B 43 35.30 0.53 -10.12
N GLU B 44 34.64 1.47 -9.46
CA GLU B 44 33.18 1.62 -9.48
C GLU B 44 32.74 2.92 -10.18
N LEU B 45 31.52 2.89 -10.68
CA LEU B 45 30.92 4.01 -11.41
C LEU B 45 30.70 5.28 -10.57
N VAL B 46 30.32 5.09 -9.31
CA VAL B 46 30.04 6.19 -8.38
C VAL B 46 28.94 7.10 -8.93
N THR B 47 29.18 8.41 -8.93
CA THR B 47 28.18 9.34 -9.43
C THR B 47 28.53 10.09 -10.71
N THR B 48 27.68 9.98 -11.72
CA THR B 48 27.91 10.68 -12.97
C THR B 48 27.13 11.97 -12.86
N THR B 49 27.83 13.09 -12.70
CA THR B 49 27.17 14.36 -12.45
C THR B 49 27.05 15.09 -13.76
N VAL B 50 25.87 15.63 -14.03
CA VAL B 50 25.64 16.52 -15.15
C VAL B 50 25.32 17.89 -14.60
N SER B 51 26.01 18.91 -15.12
CA SER B 51 25.78 20.27 -14.69
C SER B 51 25.55 21.12 -15.93
N ASN B 52 25.07 22.34 -15.73
CA ASN B 52 24.89 23.30 -16.82
C ASN B 52 23.79 22.74 -17.73
N MET B 53 22.58 22.71 -17.17
CA MET B 53 21.38 22.39 -17.94
C MET B 53 20.36 23.40 -18.39
N ALA B 54 19.75 23.15 -19.54
CA ALA B 54 18.88 24.11 -20.21
C ALA B 54 17.48 23.71 -19.75
N GLU B 55 16.47 24.37 -20.30
CA GLU B 55 15.08 24.04 -20.05
C GLU B 55 14.39 23.88 -21.39
N VAL B 56 14.05 22.64 -21.75
CA VAL B 56 13.34 22.41 -22.99
C VAL B 56 11.90 22.13 -22.61
N ARG B 57 11.06 23.16 -22.71
CA ARG B 57 9.61 23.16 -22.41
C ARG B 57 9.28 23.04 -20.92
N SER B 58 7.98 22.97 -20.63
CA SER B 58 7.51 22.81 -19.25
C SER B 58 6.07 22.31 -19.26
N TYR B 59 5.62 21.71 -18.16
CA TYR B 59 4.23 21.30 -18.11
C TYR B 59 3.70 21.83 -16.80
N CYS B 60 2.45 22.24 -16.78
CA CYS B 60 1.79 22.63 -15.56
C CYS B 60 0.90 21.47 -15.15
N TYR B 61 1.28 20.79 -14.07
CA TYR B 61 0.51 19.66 -13.59
C TYR B 61 -0.60 20.06 -12.63
N GLU B 62 -0.80 21.36 -12.43
CA GLU B 62 -1.84 21.88 -11.55
C GLU B 62 -2.65 22.88 -12.35
N ALA B 63 -3.80 23.29 -11.84
CA ALA B 63 -4.54 24.31 -12.56
C ALA B 63 -5.34 25.16 -11.60
N SER B 64 -5.43 26.44 -11.91
CA SER B 64 -6.27 27.37 -11.16
C SER B 64 -7.08 28.13 -12.18
N ILE B 65 -8.36 27.86 -12.23
CA ILE B 65 -9.23 28.56 -13.16
C ILE B 65 -9.68 29.84 -12.48
N SER B 66 -10.13 30.83 -13.25
CA SER B 66 -10.68 32.02 -12.62
C SER B 66 -11.58 32.76 -13.61
N ASP B 67 -12.44 33.61 -13.04
CA ASP B 67 -13.03 34.78 -13.69
C ASP B 67 -14.19 34.50 -14.64
N MET B 68 -14.38 33.26 -15.09
CA MET B 68 -15.66 32.86 -15.64
C MET B 68 -16.25 33.78 -16.71
N ALA B 69 -17.32 34.46 -16.34
CA ALA B 69 -18.31 35.23 -17.11
C ALA B 69 -18.97 34.27 -18.10
N SER B 70 -19.71 34.84 -19.06
CA SER B 70 -20.45 34.07 -20.05
C SER B 70 -20.87 34.95 -21.24
N ASP B 71 -21.39 34.35 -22.30
CA ASP B 71 -21.80 35.12 -23.47
C ASP B 71 -23.26 35.54 -23.49
N SER B 72 -24.17 34.56 -23.67
CA SER B 72 -25.62 34.78 -23.79
C SER B 72 -26.00 35.81 -24.85
N ARG B 73 -25.81 35.42 -26.11
CA ARG B 73 -26.45 36.17 -27.20
C ARG B 73 -27.53 35.27 -27.77
N CYS B 74 -28.60 35.84 -28.30
CA CYS B 74 -29.69 35.04 -28.80
C CYS B 74 -29.45 34.28 -30.09
N PRO B 75 -30.36 33.39 -30.50
CA PRO B 75 -30.21 32.73 -31.80
C PRO B 75 -30.45 33.71 -32.93
N THR B 76 -29.71 33.56 -34.02
CA THR B 76 -29.79 34.45 -35.17
C THR B 76 -29.53 35.90 -34.78
N GLN B 77 -28.85 36.11 -33.67
CA GLN B 77 -28.09 37.32 -33.45
C GLN B 77 -26.65 37.12 -33.85
N GLY B 78 -26.36 36.02 -34.54
CA GLY B 78 -25.01 35.66 -34.84
C GLY B 78 -24.28 35.15 -33.61
N GLU B 79 -23.17 35.81 -33.32
CA GLU B 79 -22.22 35.28 -32.37
C GLU B 79 -22.13 36.16 -31.14
N ALA B 80 -21.64 35.56 -30.06
CA ALA B 80 -21.28 36.26 -28.84
C ALA B 80 -19.78 36.49 -28.75
N TYR B 81 -19.41 37.67 -28.26
CA TYR B 81 -18.05 38.16 -28.42
C TYR B 81 -17.24 37.99 -27.14
N LEU B 82 -17.46 38.89 -26.21
CA LEU B 82 -16.93 38.83 -24.84
C LEU B 82 -15.40 38.91 -24.76
N ASP B 83 -14.75 39.30 -25.84
CA ASP B 83 -13.45 39.99 -25.82
C ASP B 83 -12.32 39.15 -25.23
N LYS B 84 -12.64 38.11 -24.47
CA LYS B 84 -11.59 37.36 -23.82
C LYS B 84 -10.94 36.41 -24.80
N GLN B 85 -11.72 35.91 -25.75
CA GLN B 85 -11.13 35.15 -26.83
C GLN B 85 -10.05 35.95 -27.54
N SER B 86 -10.06 37.27 -27.38
CA SER B 86 -8.93 38.07 -27.83
C SER B 86 -7.71 37.88 -26.95
N ASP B 87 -7.87 38.03 -25.63
CA ASP B 87 -6.72 37.92 -24.76
C ASP B 87 -6.29 36.46 -24.64
N THR B 88 -5.03 36.26 -24.29
CA THR B 88 -4.37 35.00 -24.59
C THR B 88 -4.43 33.71 -23.78
N GLN B 89 -4.60 33.85 -22.47
CA GLN B 89 -4.64 32.72 -21.56
C GLN B 89 -6.05 32.35 -21.12
N TYR B 90 -7.04 33.05 -21.64
CA TYR B 90 -8.41 32.75 -21.26
C TYR B 90 -8.93 31.70 -22.24
N VAL B 91 -9.10 30.49 -21.74
CA VAL B 91 -9.59 29.40 -22.57
C VAL B 91 -11.07 29.59 -22.87
N CYS B 92 -11.45 29.32 -24.11
CA CYS B 92 -12.85 29.43 -24.51
C CYS B 92 -13.25 28.21 -25.32
N LYS B 93 -14.40 27.60 -25.00
CA LYS B 93 -15.00 26.62 -25.89
C LYS B 93 -16.45 27.00 -26.17
N ARG B 94 -16.72 27.36 -27.41
CA ARG B 94 -18.03 27.82 -27.80
C ARG B 94 -19.03 26.68 -27.85
N THR B 95 -20.13 26.82 -27.11
CA THR B 95 -21.18 25.83 -27.14
C THR B 95 -22.49 26.51 -27.52
N LEU B 96 -23.46 25.67 -27.86
CA LEU B 96 -24.73 26.12 -28.38
C LEU B 96 -25.80 25.83 -27.35
N VAL B 97 -26.33 26.87 -26.73
CA VAL B 97 -27.41 26.73 -25.77
C VAL B 97 -28.71 26.86 -26.53
N ASP B 98 -29.43 25.75 -26.65
CA ASP B 98 -30.79 25.86 -27.12
C ASP B 98 -31.53 26.74 -26.13
N ARG B 99 -32.06 27.84 -26.63
CA ARG B 99 -32.40 28.96 -25.78
C ARG B 99 -33.88 29.26 -25.92
N GLY B 100 -34.54 29.42 -24.78
CA GLY B 100 -35.96 29.53 -24.78
C GLY B 100 -36.49 30.90 -24.44
N TRP B 101 -37.70 31.05 -23.91
CA TRP B 101 -38.13 32.43 -23.62
C TRP B 101 -37.70 32.92 -22.24
N GLY B 102 -37.23 31.99 -21.40
CA GLY B 102 -36.79 32.33 -20.06
C GLY B 102 -35.70 33.34 -20.22
N ASN B 103 -34.71 33.00 -21.04
CA ASN B 103 -33.62 33.94 -21.34
C ASN B 103 -34.25 35.09 -22.09
N GLY B 104 -35.12 34.77 -23.05
CA GLY B 104 -35.82 35.75 -23.82
C GLY B 104 -35.39 36.01 -25.22
N CYS B 105 -35.43 35.05 -26.14
CA CYS B 105 -34.99 35.56 -27.43
C CYS B 105 -36.03 35.28 -28.50
N GLY B 106 -35.86 35.86 -29.68
CA GLY B 106 -36.88 35.75 -30.71
C GLY B 106 -37.06 34.34 -31.24
N LEU B 107 -36.03 33.75 -31.80
CA LEU B 107 -36.19 32.42 -32.35
C LEU B 107 -35.98 31.42 -31.21
N PHE B 108 -35.85 30.14 -31.54
CA PHE B 108 -35.42 29.15 -30.57
C PHE B 108 -34.54 28.13 -31.24
N GLY B 109 -33.46 27.81 -30.55
CA GLY B 109 -32.48 26.89 -31.05
C GLY B 109 -31.13 27.24 -30.47
N LYS B 110 -30.10 26.77 -31.17
CA LYS B 110 -28.76 26.81 -30.63
C LYS B 110 -28.31 28.27 -30.48
N GLY B 111 -27.97 28.66 -29.25
CA GLY B 111 -27.80 30.04 -28.86
C GLY B 111 -26.39 30.59 -28.84
N SER B 112 -25.37 29.76 -28.99
CA SER B 112 -24.01 30.23 -29.21
C SER B 112 -23.53 31.12 -28.05
N LEU B 113 -23.17 30.47 -26.94
CA LEU B 113 -22.43 31.14 -25.88
C LEU B 113 -21.18 30.34 -25.54
N VAL B 114 -20.17 31.03 -24.98
CA VAL B 114 -19.03 30.36 -24.34
C VAL B 114 -18.57 31.15 -23.14
N THR B 115 -18.41 30.46 -22.01
CA THR B 115 -17.75 31.04 -20.86
C THR B 115 -16.25 30.94 -21.05
N CYS B 116 -15.56 32.08 -20.99
CA CYS B 116 -14.12 32.06 -21.08
C CYS B 116 -13.55 32.34 -19.70
N ALA B 117 -12.98 31.31 -19.08
CA ALA B 117 -12.42 31.42 -17.75
C ALA B 117 -10.91 31.54 -17.86
N LYS B 118 -10.32 32.43 -17.07
CA LYS B 118 -8.91 32.74 -17.21
C LYS B 118 -8.08 31.64 -16.57
N PHE B 119 -7.26 31.00 -17.38
CA PHE B 119 -6.36 29.97 -16.91
C PHE B 119 -5.29 30.58 -16.02
N ALA B 120 -4.70 29.74 -15.20
CA ALA B 120 -3.56 30.11 -14.39
C ALA B 120 -2.82 28.83 -14.06
N CYS B 121 -1.59 28.97 -13.60
CA CYS B 121 -0.80 27.80 -13.26
C CYS B 121 -0.15 27.92 -11.90
N SER B 122 0.19 26.77 -11.34
CA SER B 122 1.00 26.70 -10.15
C SER B 122 1.83 25.44 -10.24
N LYS B 123 3.11 25.55 -9.86
CA LYS B 123 3.98 24.39 -9.73
C LYS B 123 4.08 23.61 -11.03
N LYS B 124 4.78 24.21 -11.99
CA LYS B 124 5.03 23.57 -13.27
C LYS B 124 6.17 22.58 -13.14
N MET B 125 6.12 21.52 -13.93
CA MET B 125 7.21 20.56 -13.99
C MET B 125 8.11 20.94 -15.16
N THR B 126 9.39 21.11 -14.90
CA THR B 126 10.31 21.54 -15.95
C THR B 126 10.97 20.34 -16.60
N GLY B 127 11.17 20.48 -17.90
CA GLY B 127 11.70 19.41 -18.73
C GLY B 127 13.19 19.45 -18.96
N LYS B 128 13.95 19.99 -18.01
CA LYS B 128 15.31 20.43 -18.27
C LYS B 128 16.11 19.39 -19.04
N SER B 129 16.84 19.85 -20.04
CA SER B 129 17.50 19.00 -21.01
C SER B 129 19.01 19.13 -20.95
N ILE B 130 19.70 18.08 -21.41
CA ILE B 130 21.15 18.01 -21.36
C ILE B 130 21.66 17.47 -22.68
N GLN B 131 22.98 17.60 -22.87
CA GLN B 131 23.70 17.10 -24.03
C GLN B 131 24.93 16.38 -23.49
N PRO B 132 25.72 15.69 -24.32
CA PRO B 132 26.90 15.01 -23.78
C PRO B 132 27.87 15.94 -23.08
N GLU B 133 27.94 17.20 -23.49
CA GLU B 133 28.81 18.11 -22.78
C GLU B 133 28.25 18.44 -21.42
N ASN B 134 29.13 18.95 -20.56
CA ASN B 134 28.80 19.27 -19.18
C ASN B 134 28.31 18.03 -18.46
N LEU B 135 28.95 16.91 -18.77
CA LEU B 135 28.74 15.63 -18.13
C LEU B 135 30.03 15.29 -17.39
N GLU B 136 30.07 14.16 -16.71
CA GLU B 136 31.19 13.89 -15.82
C GLU B 136 30.96 12.52 -15.19
N TYR B 137 31.98 11.99 -14.53
CA TYR B 137 31.83 10.67 -13.90
C TYR B 137 32.32 10.54 -12.48
N ARG B 138 33.60 10.84 -12.23
CA ARG B 138 34.20 10.68 -10.91
C ARG B 138 34.25 9.20 -10.52
N ILE B 139 35.09 8.48 -11.25
CA ILE B 139 35.33 7.08 -11.00
C ILE B 139 36.28 6.93 -9.81
N MET B 140 36.25 5.78 -9.16
CA MET B 140 37.06 5.52 -7.97
C MET B 140 37.99 4.34 -8.24
N LEU B 141 39.08 4.21 -7.49
CA LEU B 141 40.04 3.10 -7.67
C LEU B 141 40.30 2.26 -6.40
N SER B 142 40.58 0.95 -6.54
CA SER B 142 40.79 0.07 -5.38
C SER B 142 42.20 -0.54 -5.06
N VAL B 143 42.76 -1.34 -5.97
CA VAL B 143 44.11 -1.91 -5.76
C VAL B 143 44.37 -2.65 -4.43
N HIS B 144 43.56 -3.67 -4.12
CA HIS B 144 43.64 -4.36 -2.84
C HIS B 144 44.94 -4.19 -2.07
N GLY B 145 46.04 -4.70 -2.58
CA GLY B 145 47.27 -4.63 -1.83
C GLY B 145 47.04 -5.18 -0.43
N SER B 146 47.40 -4.39 0.57
CA SER B 146 47.11 -4.76 1.95
C SER B 146 46.56 -3.55 2.68
N GLN B 147 45.29 -3.56 3.07
CA GLN B 147 44.77 -2.40 3.75
C GLN B 147 43.74 -2.72 4.81
N HIS B 148 42.48 -2.77 4.37
CA HIS B 148 41.34 -3.00 5.25
C HIS B 148 40.59 -1.68 5.10
N SER B 149 40.84 -0.75 6.02
CA SER B 149 40.19 0.55 5.98
C SER B 149 41.17 1.71 5.81
N GLY B 150 41.68 1.88 4.59
CA GLY B 150 42.62 2.94 4.29
C GLY B 150 44.02 2.60 4.75
N ASP B 161 47.89 9.71 -0.55
CA ASP B 161 47.12 8.48 -0.66
C ASP B 161 48.04 7.27 -0.86
N GLU B 162 47.44 6.13 -1.19
CA GLU B 162 48.20 4.90 -1.42
C GLU B 162 47.53 4.02 -2.47
N ASN B 163 46.35 3.50 -2.13
CA ASN B 163 45.60 2.62 -3.06
C ASN B 163 44.18 3.05 -3.48
N ARG B 164 43.81 4.28 -3.16
CA ARG B 164 42.51 4.77 -3.61
C ARG B 164 42.52 6.16 -4.27
N ALA B 165 42.43 6.15 -5.59
CA ALA B 165 42.57 7.39 -6.33
C ALA B 165 41.33 7.57 -7.18
N LYS B 166 40.72 8.76 -7.04
CA LYS B 166 39.51 9.14 -7.74
C LYS B 166 39.90 9.75 -9.07
N VAL B 167 39.09 9.53 -10.10
CA VAL B 167 39.38 10.08 -11.41
C VAL B 167 38.15 10.79 -11.94
N GLU B 168 38.23 12.10 -12.06
CA GLU B 168 37.22 12.83 -12.80
C GLU B 168 37.38 12.52 -14.27
N ILE B 169 36.26 12.34 -14.96
CA ILE B 169 36.27 11.98 -16.38
C ILE B 169 35.17 12.75 -17.08
N THR B 170 35.54 13.51 -18.09
CA THR B 170 34.57 14.32 -18.81
C THR B 170 34.53 13.85 -20.25
N PRO B 171 33.47 14.18 -20.98
CA PRO B 171 33.44 13.82 -22.40
C PRO B 171 34.48 14.54 -23.22
N ASN B 172 35.03 15.67 -22.75
CA ASN B 172 36.03 16.37 -23.53
C ASN B 172 37.45 15.96 -23.18
N SER B 173 37.66 15.18 -22.12
CA SER B 173 39.00 14.75 -21.71
C SER B 173 38.96 13.28 -21.32
N PRO B 174 38.62 12.41 -22.25
CA PRO B 174 38.40 11.01 -21.89
C PRO B 174 39.61 10.13 -21.70
N ARG B 175 40.51 10.53 -20.80
CA ARG B 175 41.60 9.68 -20.35
C ARG B 175 41.89 10.03 -18.92
N ALA B 176 42.30 9.03 -18.16
CA ALA B 176 42.50 9.20 -16.73
C ALA B 176 43.97 9.07 -16.44
N GLU B 177 44.53 10.11 -15.86
CA GLU B 177 45.88 10.09 -15.35
C GLU B 177 45.67 9.90 -13.85
N ALA B 178 45.86 8.66 -13.38
CA ALA B 178 45.50 8.31 -12.02
C ALA B 178 46.73 7.73 -11.34
N THR B 179 47.30 8.50 -10.42
CA THR B 179 48.61 8.19 -9.87
C THR B 179 48.49 7.70 -8.44
N LEU B 180 49.25 6.66 -8.13
CA LEU B 180 49.12 5.95 -6.88
C LEU B 180 50.43 5.95 -6.09
N GLY B 181 50.32 6.20 -4.80
CA GLY B 181 51.52 6.21 -3.98
C GLY B 181 52.08 4.81 -3.89
N GLY B 182 53.36 4.65 -4.20
CA GLY B 182 54.01 3.38 -4.05
C GLY B 182 54.19 2.59 -5.32
N PHE B 183 53.39 2.87 -6.36
CA PHE B 183 53.61 2.24 -7.66
C PHE B 183 52.82 2.99 -8.72
N GLY B 184 52.98 2.56 -9.95
CA GLY B 184 52.70 3.42 -11.08
C GLY B 184 51.22 3.61 -11.35
N SER B 185 50.96 4.59 -12.20
CA SER B 185 49.60 5.03 -12.50
C SER B 185 48.82 3.96 -13.25
N LEU B 186 47.49 4.05 -13.18
CA LEU B 186 46.67 3.12 -13.94
C LEU B 186 46.51 3.58 -15.38
N GLY B 187 46.12 4.83 -15.59
CA GLY B 187 46.01 5.39 -16.93
C GLY B 187 44.86 4.90 -17.80
N LEU B 188 43.61 5.06 -17.37
CA LEU B 188 42.49 4.58 -18.16
C LEU B 188 41.92 5.58 -19.16
N ASP B 189 41.52 5.08 -20.32
CA ASP B 189 41.01 5.90 -21.42
C ASP B 189 39.54 5.61 -21.67
N CYS B 190 38.68 6.52 -21.22
CA CYS B 190 37.23 6.41 -21.27
C CYS B 190 36.69 6.67 -22.66
N GLU B 191 35.45 6.28 -22.88
CA GLU B 191 34.64 6.81 -23.99
C GLU B 191 33.31 7.33 -23.48
N PRO B 192 33.31 8.52 -22.88
CA PRO B 192 32.05 9.10 -22.41
C PRO B 192 30.99 9.53 -23.41
N ARG B 193 31.42 9.88 -24.62
CA ARG B 193 30.46 10.17 -25.68
C ARG B 193 29.34 9.24 -26.19
N THR B 194 29.59 7.94 -26.10
CA THR B 194 28.47 6.97 -26.20
C THR B 194 28.43 6.44 -24.74
N GLY B 195 27.35 6.86 -24.10
CA GLY B 195 27.11 6.59 -22.70
C GLY B 195 25.83 5.79 -22.87
N LEU B 196 24.85 6.03 -22.02
CA LEU B 196 23.57 5.34 -22.19
C LEU B 196 22.62 6.11 -23.11
N ASP B 197 22.94 6.21 -24.41
CA ASP B 197 22.05 6.86 -25.38
C ASP B 197 21.57 8.25 -24.95
N PHE B 198 22.50 9.13 -24.59
CA PHE B 198 22.14 10.40 -24.08
C PHE B 198 21.56 11.22 -25.20
N SER B 199 21.37 12.45 -24.88
CA SER B 199 20.80 13.36 -25.86
C SER B 199 19.34 12.93 -26.01
N ASP B 200 19.01 11.73 -25.52
CA ASP B 200 17.63 11.41 -25.18
C ASP B 200 17.08 11.46 -23.77
N LEU B 201 17.89 11.78 -22.80
CA LEU B 201 17.36 11.87 -21.44
C LEU B 201 17.44 13.38 -21.29
N TYR B 202 16.36 13.93 -20.74
CA TYR B 202 16.26 15.33 -20.39
C TYR B 202 15.70 15.21 -18.98
N TYR B 203 16.33 15.87 -18.01
CA TYR B 203 15.87 15.81 -16.61
C TYR B 203 14.45 16.34 -16.49
N LEU B 204 13.66 15.72 -15.61
CA LEU B 204 12.27 16.09 -15.46
C LEU B 204 12.11 16.41 -13.99
N THR B 205 11.78 17.64 -13.67
CA THR B 205 11.69 18.10 -12.30
C THR B 205 10.23 18.31 -11.96
N MET B 206 9.74 17.71 -10.89
CA MET B 206 8.40 18.07 -10.49
C MET B 206 8.44 18.97 -9.27
N ASN B 207 8.64 18.38 -8.11
CA ASN B 207 8.98 19.16 -6.93
C ASN B 207 10.05 18.40 -6.16
N ASN B 208 11.24 18.95 -6.12
CA ASN B 208 12.32 18.44 -5.29
C ASN B 208 12.53 16.95 -5.50
N LYS B 209 12.33 16.48 -6.73
CA LYS B 209 12.80 15.18 -7.16
C LYS B 209 12.90 15.19 -8.67
N HIS B 210 13.70 14.27 -9.20
CA HIS B 210 14.17 14.41 -10.55
C HIS B 210 14.42 13.02 -11.12
N TRP B 211 14.04 12.78 -12.36
CA TRP B 211 14.37 11.52 -13.02
C TRP B 211 14.41 11.67 -14.53
N LEU B 212 15.28 10.91 -15.18
CA LEU B 212 15.47 10.98 -16.62
C LEU B 212 14.22 10.43 -17.27
N VAL B 213 13.92 10.91 -18.47
CA VAL B 213 12.89 10.38 -19.35
C VAL B 213 13.34 10.73 -20.76
N HIS B 214 13.01 9.86 -21.71
CA HIS B 214 13.39 10.06 -23.10
C HIS B 214 12.65 11.24 -23.72
N LYS B 215 12.83 11.35 -25.03
CA LYS B 215 12.20 12.41 -25.76
C LYS B 215 11.01 11.89 -26.52
N GLU B 216 10.38 10.85 -26.00
CA GLU B 216 9.15 10.37 -26.58
C GLU B 216 8.05 10.40 -25.53
N TRP B 217 8.24 9.66 -24.45
CA TRP B 217 7.34 9.90 -23.33
C TRP B 217 7.27 11.37 -22.97
N PHE B 218 8.36 12.11 -23.14
CA PHE B 218 8.33 13.48 -22.68
C PHE B 218 7.73 14.42 -23.72
N HIS B 219 7.89 14.13 -25.00
CA HIS B 219 7.23 14.98 -25.99
C HIS B 219 5.84 14.48 -26.30
N ASP B 220 5.38 13.43 -25.64
CA ASP B 220 4.06 12.93 -25.95
C ASP B 220 3.00 13.43 -24.97
N ILE B 221 3.39 14.11 -23.91
CA ILE B 221 2.46 14.46 -22.82
C ILE B 221 1.37 15.39 -23.34
N PRO B 222 0.11 15.18 -22.97
CA PRO B 222 -0.96 16.09 -23.40
C PRO B 222 -0.98 17.44 -22.70
N LEU B 223 -0.33 17.61 -21.56
CA LEU B 223 -0.48 18.81 -20.73
C LEU B 223 0.00 20.07 -21.45
N PRO B 224 -0.10 21.25 -20.84
CA PRO B 224 0.35 22.48 -21.53
C PRO B 224 1.85 22.57 -21.78
N TRP B 225 2.22 23.25 -22.87
CA TRP B 225 3.59 23.21 -23.41
C TRP B 225 4.56 24.12 -22.65
N HIS B 226 4.34 25.43 -22.71
CA HIS B 226 5.04 26.47 -21.95
C HIS B 226 6.34 26.94 -22.59
N ALA B 227 7.01 26.12 -23.39
CA ALA B 227 8.26 26.60 -23.96
C ALA B 227 9.37 26.66 -22.90
N GLY B 228 10.43 27.42 -23.20
CA GLY B 228 11.60 27.58 -22.35
C GLY B 228 11.71 28.22 -20.97
N ALA B 229 11.05 29.35 -20.71
CA ALA B 229 11.22 30.03 -19.41
C ALA B 229 9.99 30.61 -18.70
N ASP B 230 10.11 30.90 -17.42
CA ASP B 230 8.95 31.39 -16.68
C ASP B 230 8.89 32.88 -16.33
N THR B 231 9.61 33.76 -17.01
CA THR B 231 9.54 35.13 -16.52
C THR B 231 8.10 35.61 -16.41
N GLY B 232 7.84 36.39 -15.37
CA GLY B 232 6.48 36.82 -15.09
C GLY B 232 5.57 35.62 -15.05
N THR B 233 4.52 35.66 -15.84
CA THR B 233 3.79 34.44 -15.99
C THR B 233 3.73 34.06 -17.46
N PRO B 234 3.97 32.79 -17.76
CA PRO B 234 4.21 32.39 -19.15
C PRO B 234 2.92 32.28 -19.94
N HIS B 235 3.09 32.19 -21.25
CA HIS B 235 1.97 31.95 -22.15
C HIS B 235 1.80 30.46 -22.36
N TRP B 236 0.72 29.90 -21.83
CA TRP B 236 0.59 28.46 -21.76
C TRP B 236 -0.01 27.94 -23.05
N ASN B 237 0.78 27.18 -23.77
CA ASN B 237 0.32 26.52 -24.97
C ASN B 237 -0.71 25.47 -24.59
N ASN B 238 -1.48 25.02 -25.58
CA ASN B 238 -2.52 24.03 -25.35
C ASN B 238 -3.57 24.52 -24.36
N LYS B 239 -3.64 23.90 -23.18
CA LYS B 239 -4.58 24.10 -22.07
C LYS B 239 -5.81 23.22 -22.19
N GLU B 240 -6.01 22.55 -23.31
CA GLU B 240 -7.24 21.78 -23.43
C GLU B 240 -7.26 20.64 -22.44
N ALA B 241 -6.08 20.10 -22.11
CA ALA B 241 -6.04 18.90 -21.27
C ALA B 241 -6.59 19.21 -19.89
N LEU B 242 -6.03 20.19 -19.22
CA LEU B 242 -6.67 20.69 -18.03
C LEU B 242 -7.86 21.53 -18.45
N VAL B 243 -8.64 21.99 -17.49
CA VAL B 243 -9.76 22.89 -17.78
C VAL B 243 -10.68 22.27 -18.82
N GLU B 244 -11.38 21.23 -18.45
CA GLU B 244 -12.36 20.57 -19.31
C GLU B 244 -13.73 21.07 -18.90
N PHE B 245 -14.45 21.70 -19.82
CA PHE B 245 -15.76 22.26 -19.48
C PHE B 245 -16.79 21.95 -20.56
N LYS B 246 -17.92 21.41 -20.12
CA LYS B 246 -19.05 21.09 -20.96
C LYS B 246 -20.31 21.23 -20.12
N ASP B 247 -21.45 21.32 -20.78
CA ASP B 247 -22.71 21.49 -20.08
C ASP B 247 -23.83 20.76 -20.79
N ALA B 248 -24.82 20.34 -20.01
CA ALA B 248 -26.04 19.73 -20.50
C ALA B 248 -27.23 20.45 -19.88
N HIS B 249 -28.40 20.17 -20.43
CA HIS B 249 -29.65 20.89 -20.17
C HIS B 249 -29.61 22.30 -20.72
N ALA B 250 -28.49 22.70 -21.33
CA ALA B 250 -28.36 24.00 -21.98
C ALA B 250 -28.51 25.09 -20.92
N LYS B 251 -27.85 24.86 -19.77
CA LYS B 251 -27.79 25.82 -18.69
C LYS B 251 -26.38 26.39 -18.46
N ARG B 252 -26.08 27.48 -19.16
CA ARG B 252 -24.75 28.09 -19.12
C ARG B 252 -23.70 27.04 -19.40
N GLN B 253 -22.60 27.11 -18.64
CA GLN B 253 -21.45 26.26 -18.84
C GLN B 253 -20.79 25.93 -17.52
N THR B 254 -20.35 24.69 -17.41
CA THR B 254 -19.66 24.23 -16.21
C THR B 254 -18.19 24.18 -16.53
N VAL B 255 -17.42 25.10 -15.99
CA VAL B 255 -15.98 25.15 -16.19
C VAL B 255 -15.31 24.45 -15.02
N VAL B 256 -14.66 23.33 -15.31
CA VAL B 256 -14.11 22.45 -14.29
C VAL B 256 -12.61 22.61 -14.27
N VAL B 257 -12.03 22.53 -13.07
CA VAL B 257 -10.59 22.73 -12.94
C VAL B 257 -9.84 21.48 -13.36
N LEU B 258 -10.32 20.31 -13.00
CA LEU B 258 -9.64 19.07 -13.41
C LEU B 258 -8.47 18.71 -12.52
N GLY B 259 -8.36 19.39 -11.39
CA GLY B 259 -7.32 19.13 -10.39
C GLY B 259 -5.89 19.14 -10.81
N SER B 260 -5.07 18.37 -10.08
CA SER B 260 -3.64 18.23 -10.31
C SER B 260 -3.28 16.83 -10.84
N GLN B 261 -2.20 16.74 -11.61
CA GLN B 261 -1.81 15.45 -12.21
C GLN B 261 -0.59 14.71 -11.66
N GLU B 262 -0.09 15.07 -10.48
CA GLU B 262 1.12 14.44 -9.95
C GLU B 262 1.03 12.91 -9.92
N GLY B 263 -0.12 12.39 -9.50
CA GLY B 263 -0.39 10.96 -9.46
C GLY B 263 -0.37 10.41 -10.86
N ALA B 264 -0.80 11.21 -11.83
CA ALA B 264 -0.75 10.73 -13.21
C ALA B 264 0.68 10.61 -13.70
N VAL B 265 1.45 11.69 -13.61
CA VAL B 265 2.80 11.65 -14.16
C VAL B 265 3.66 10.65 -13.40
N HIS B 266 3.64 10.69 -12.07
CA HIS B 266 4.25 9.63 -11.30
C HIS B 266 3.79 8.25 -11.76
N THR B 267 2.51 8.11 -12.05
CA THR B 267 2.01 6.82 -12.50
C THR B 267 2.48 6.51 -13.91
N ALA B 268 2.57 7.52 -14.76
CA ALA B 268 2.88 7.30 -16.15
C ALA B 268 4.35 6.99 -16.40
N LEU B 269 5.20 7.14 -15.40
CA LEU B 269 6.62 6.93 -15.57
C LEU B 269 6.99 5.67 -14.84
N ALA B 270 7.04 4.54 -15.53
CA ALA B 270 7.53 3.35 -14.87
C ALA B 270 8.93 2.95 -15.29
N GLY B 271 9.50 3.60 -16.30
CA GLY B 271 10.81 3.22 -16.75
C GLY B 271 11.90 4.23 -16.50
N ALA B 272 11.63 5.21 -15.67
CA ALA B 272 12.48 6.39 -15.58
C ALA B 272 13.44 6.24 -14.41
N LEU B 273 14.72 6.16 -14.72
CA LEU B 273 15.76 6.15 -13.69
C LEU B 273 15.63 7.39 -12.84
N GLU B 274 15.56 7.23 -11.53
CA GLU B 274 15.39 8.37 -10.65
C GLU B 274 16.74 9.00 -10.37
N ALA B 275 16.81 10.31 -10.44
CA ALA B 275 18.03 11.04 -10.12
C ALA B 275 17.89 11.74 -8.78
N GLU B 276 18.94 12.47 -8.42
CA GLU B 276 18.92 13.42 -7.31
C GLU B 276 19.70 14.63 -7.80
N MET B 277 19.28 15.82 -7.44
CA MET B 277 19.76 17.02 -8.09
C MET B 277 19.86 18.13 -7.05
N ASP B 278 21.01 18.78 -7.00
CA ASP B 278 21.29 19.83 -6.02
C ASP B 278 21.92 21.03 -6.70
N GLY B 279 21.21 22.15 -6.74
CA GLY B 279 21.80 23.40 -7.20
C GLY B 279 22.39 23.33 -8.60
N ALA B 280 21.57 23.03 -9.60
CA ALA B 280 22.04 22.51 -10.88
C ALA B 280 22.83 21.26 -10.52
N LYS B 281 24.03 21.05 -11.04
CA LYS B 281 24.82 19.87 -10.68
C LYS B 281 23.97 18.62 -10.74
N GLY B 282 23.15 18.53 -11.79
CA GLY B 282 22.19 17.46 -11.83
C GLY B 282 22.93 16.16 -11.73
N ARG B 283 22.66 15.41 -10.69
CA ARG B 283 23.42 14.21 -10.37
C ARG B 283 22.59 13.02 -10.79
N LEU B 284 23.26 11.95 -11.22
CA LEU B 284 22.58 10.75 -11.70
C LEU B 284 22.90 9.49 -10.91
N SER B 285 22.78 8.31 -11.55
CA SER B 285 23.04 7.06 -10.84
C SER B 285 23.45 5.83 -11.66
N SER B 286 22.65 5.46 -12.65
CA SER B 286 22.89 4.24 -13.42
C SER B 286 23.36 4.27 -14.88
N GLY B 287 24.55 4.81 -15.12
CA GLY B 287 25.12 4.76 -16.44
C GLY B 287 25.93 3.50 -16.69
N HIS B 288 26.37 3.35 -17.93
CA HIS B 288 27.36 2.33 -18.20
C HIS B 288 28.45 2.92 -19.07
N LEU B 289 29.68 2.78 -18.62
CA LEU B 289 30.80 3.50 -19.17
C LEU B 289 31.86 2.50 -19.61
N LYS B 290 32.63 2.85 -20.64
CA LYS B 290 33.46 1.89 -21.35
C LYS B 290 34.93 1.93 -20.90
N CYS B 291 35.28 2.77 -19.93
CA CYS B 291 36.67 3.22 -19.78
C CYS B 291 37.50 1.96 -19.73
N ARG B 292 38.47 1.86 -20.65
CA ARG B 292 39.18 0.61 -20.88
C ARG B 292 40.56 0.77 -20.22
N LEU B 293 40.85 -0.06 -19.24
CA LEU B 293 42.05 0.14 -18.44
C LEU B 293 43.30 -0.12 -19.27
N LYS B 294 44.23 0.81 -19.22
CA LYS B 294 45.52 0.61 -19.84
C LYS B 294 46.42 0.21 -18.68
N MET B 295 47.35 -0.67 -18.94
CA MET B 295 48.24 -1.20 -17.96
C MET B 295 49.68 -0.97 -18.31
N ASP B 296 50.59 -1.68 -17.65
CA ASP B 296 52.02 -1.70 -17.98
C ASP B 296 52.55 -0.50 -17.21
N LYS B 297 51.65 0.37 -16.77
CA LYS B 297 52.07 1.39 -15.81
C LYS B 297 51.81 0.93 -14.39
N LEU B 298 51.12 -0.21 -14.23
CA LEU B 298 50.91 -0.79 -12.91
C LEU B 298 52.05 -1.73 -12.55
N ARG B 299 52.46 -1.69 -11.29
CA ARG B 299 53.59 -2.50 -10.86
C ARG B 299 53.38 -2.90 -9.41
N LEU B 300 53.72 -4.15 -9.09
CA LEU B 300 53.59 -4.62 -7.72
C LEU B 300 54.49 -3.80 -6.81
N LYS B 301 54.10 -3.67 -5.56
CA LYS B 301 54.87 -2.92 -4.60
C LYS B 301 55.74 -3.88 -3.80
N GLY B 302 57.02 -3.57 -3.68
CA GLY B 302 57.91 -4.33 -2.84
C GLY B 302 57.94 -5.80 -3.15
N VAL B 303 58.24 -6.17 -4.39
CA VAL B 303 58.04 -7.55 -4.82
C VAL B 303 58.95 -8.48 -4.04
N SER B 304 59.94 -7.94 -3.33
CA SER B 304 60.87 -8.84 -2.67
C SER B 304 60.57 -8.98 -1.18
N TYR B 305 61.01 -8.04 -0.36
CA TYR B 305 60.70 -7.97 1.06
C TYR B 305 61.02 -9.26 1.82
N SER B 306 61.87 -10.12 1.28
CA SER B 306 62.11 -11.46 1.80
C SER B 306 60.70 -12.04 1.83
N LEU B 307 60.46 -13.01 2.70
CA LEU B 307 59.14 -13.64 2.79
C LEU B 307 58.45 -13.15 4.06
N CYS B 308 59.22 -12.52 4.95
CA CYS B 308 58.71 -11.99 6.21
C CYS B 308 58.21 -13.11 7.12
N THR B 309 58.91 -13.39 8.21
CA THR B 309 58.45 -14.45 9.11
C THR B 309 58.24 -14.07 10.57
N ALA B 310 57.14 -14.58 11.13
CA ALA B 310 56.79 -14.38 12.53
C ALA B 310 55.45 -15.08 12.74
N ALA B 311 54.87 -14.87 13.91
CA ALA B 311 53.57 -15.46 14.21
C ALA B 311 52.49 -14.79 13.35
N PHE B 312 51.35 -15.45 13.23
CA PHE B 312 50.15 -14.84 12.65
C PHE B 312 48.97 -15.24 13.50
N THR B 313 48.09 -14.29 13.78
CA THR B 313 46.85 -14.57 14.47
C THR B 313 45.72 -13.97 13.68
N PHE B 314 44.75 -14.79 13.29
CA PHE B 314 43.58 -14.27 12.62
C PHE B 314 42.88 -13.27 13.51
N THR B 315 42.77 -12.04 13.03
CA THR B 315 42.02 -11.03 13.76
C THR B 315 40.56 -11.45 13.84
N LYS B 316 39.91 -11.42 12.69
CA LYS B 316 38.52 -11.79 12.53
C LYS B 316 38.46 -13.20 11.97
N ILE B 317 37.46 -13.95 12.41
CA ILE B 317 37.13 -15.17 11.68
C ILE B 317 36.94 -14.75 10.24
N PRO B 318 37.60 -15.36 9.31
CA PRO B 318 37.49 -14.92 7.93
C PRO B 318 36.10 -15.13 7.39
N ALA B 319 35.91 -14.76 6.13
CA ALA B 319 34.59 -14.51 5.57
C ALA B 319 34.44 -15.32 4.31
N GLU B 320 33.23 -15.40 3.80
CA GLU B 320 33.00 -15.95 2.47
C GLU B 320 32.04 -15.07 1.71
N THR B 321 32.55 -14.42 0.67
CA THR B 321 31.73 -13.57 -0.18
C THR B 321 30.73 -14.38 -1.00
N LEU B 322 29.79 -13.71 -1.66
CA LEU B 322 28.84 -14.50 -2.43
C LEU B 322 29.40 -14.73 -3.81
N HIS B 323 30.44 -13.99 -4.18
CA HIS B 323 31.05 -14.11 -5.51
C HIS B 323 32.30 -14.99 -5.53
N GLY B 324 32.32 -16.02 -4.69
CA GLY B 324 33.45 -16.94 -4.63
C GLY B 324 34.71 -16.26 -4.15
N THR B 325 34.73 -15.93 -2.86
CA THR B 325 35.87 -15.30 -2.22
C THR B 325 35.95 -15.55 -0.73
N VAL B 326 37.16 -15.53 -0.20
CA VAL B 326 37.40 -15.65 1.23
C VAL B 326 38.35 -14.53 1.61
N THR B 327 37.95 -13.73 2.58
CA THR B 327 38.71 -12.57 2.98
C THR B 327 39.27 -12.78 4.38
N VAL B 328 40.55 -12.48 4.56
CA VAL B 328 41.26 -12.79 5.80
C VAL B 328 42.02 -11.56 6.26
N GLU B 329 42.00 -11.33 7.57
CA GLU B 329 42.83 -10.30 8.18
C GLU B 329 43.79 -10.92 9.17
N VAL B 330 45.00 -10.37 9.25
CA VAL B 330 46.08 -10.99 9.99
C VAL B 330 46.90 -9.96 10.74
N GLN B 331 47.30 -10.28 11.97
CA GLN B 331 48.10 -9.37 12.77
C GLN B 331 49.59 -9.37 12.41
N TYR B 332 50.14 -10.55 12.16
CA TYR B 332 51.57 -10.80 11.94
C TYR B 332 52.40 -10.52 13.20
N ALA B 333 51.77 -10.35 14.35
CA ALA B 333 52.47 -10.40 15.63
C ALA B 333 53.80 -9.65 15.67
N GLY B 334 53.91 -8.55 14.92
CA GLY B 334 54.93 -7.58 15.22
C GLY B 334 56.40 -7.84 15.01
N THR B 335 56.86 -8.06 13.78
CA THR B 335 58.31 -8.11 13.63
C THR B 335 58.92 -6.92 12.89
N ASP B 336 58.86 -6.91 11.57
CA ASP B 336 59.75 -6.04 10.82
C ASP B 336 59.03 -5.30 9.69
N GLY B 337 58.89 -3.98 9.86
CA GLY B 337 58.83 -3.05 8.77
C GLY B 337 57.92 -3.40 7.61
N PRO B 338 58.41 -3.14 6.40
CA PRO B 338 57.65 -3.43 5.18
C PRO B 338 58.05 -4.76 4.57
N CYS B 339 57.72 -5.86 5.25
CA CYS B 339 58.06 -7.19 4.76
C CYS B 339 56.90 -7.79 3.96
N LYS B 340 57.06 -9.05 3.56
CA LYS B 340 56.04 -9.74 2.79
C LYS B 340 55.74 -11.11 3.37
N VAL B 341 54.45 -11.42 3.52
CA VAL B 341 54.03 -12.73 4.07
C VAL B 341 53.17 -13.47 3.08
N PRO B 342 53.47 -14.72 2.76
CA PRO B 342 52.67 -15.46 1.79
C PRO B 342 51.45 -16.08 2.42
N ALA B 343 50.60 -16.61 1.57
CA ALA B 343 49.50 -17.46 1.99
C ALA B 343 49.17 -18.44 0.88
N GLN B 344 48.63 -19.59 1.26
CA GLN B 344 48.37 -20.65 0.30
C GLN B 344 46.99 -21.23 0.57
N MET B 345 46.38 -21.78 -0.45
CA MET B 345 45.22 -22.65 -0.33
C MET B 345 45.69 -24.09 -0.51
N ALA B 346 45.66 -24.86 0.56
CA ALA B 346 46.26 -26.19 0.56
C ALA B 346 45.21 -27.25 0.76
N VAL B 347 44.95 -28.03 -0.29
CA VAL B 347 44.12 -29.22 -0.13
C VAL B 347 44.76 -30.22 0.80
N ASP B 348 46.08 -30.24 0.90
CA ASP B 348 46.80 -31.33 1.54
C ASP B 348 47.43 -30.85 2.83
N MET B 349 47.51 -31.76 3.79
CA MET B 349 48.18 -31.50 5.05
C MET B 349 47.74 -30.18 5.63
N GLN B 350 48.57 -29.62 6.51
CA GLN B 350 48.30 -28.31 7.07
C GLN B 350 48.43 -27.29 5.94
N THR B 351 49.49 -27.48 5.15
CA THR B 351 49.82 -26.62 4.02
C THR B 351 49.99 -27.44 2.73
N LEU B 352 51.26 -27.59 2.32
CA LEU B 352 51.70 -28.34 1.13
C LEU B 352 51.24 -27.70 -0.18
N THR B 353 51.24 -28.46 -1.26
CA THR B 353 50.79 -27.92 -2.55
C THR B 353 49.77 -26.79 -2.45
N PRO B 354 49.85 -25.86 -3.39
CA PRO B 354 48.94 -24.72 -3.46
C PRO B 354 47.98 -24.89 -4.63
N VAL B 355 46.68 -24.74 -4.36
CA VAL B 355 45.65 -24.92 -5.38
C VAL B 355 44.81 -23.67 -5.31
N GLY B 356 43.95 -23.47 -6.29
CA GLY B 356 43.11 -22.31 -6.26
C GLY B 356 43.94 -21.13 -6.67
N ARG B 357 43.49 -19.93 -6.34
CA ARG B 357 44.11 -18.72 -6.86
C ARG B 357 43.94 -17.59 -5.87
N LEU B 358 44.97 -16.76 -5.76
CA LEU B 358 44.87 -15.56 -4.94
C LEU B 358 44.29 -14.44 -5.79
N ILE B 359 43.13 -13.94 -5.38
CA ILE B 359 42.53 -12.81 -6.09
C ILE B 359 43.28 -11.52 -5.80
N THR B 360 43.97 -11.42 -4.68
CA THR B 360 44.86 -10.32 -4.39
C THR B 360 46.28 -10.81 -4.67
N ALA B 361 47.13 -9.91 -5.13
CA ALA B 361 48.47 -10.31 -5.53
C ALA B 361 49.53 -9.58 -4.72
N ASN B 362 50.67 -10.25 -4.57
CA ASN B 362 51.79 -9.78 -3.75
C ASN B 362 51.31 -9.37 -2.36
N PRO B 363 50.70 -10.29 -1.61
CA PRO B 363 50.20 -9.93 -0.28
C PRO B 363 51.37 -9.53 0.61
N VAL B 364 51.20 -8.43 1.32
CA VAL B 364 52.33 -7.72 1.89
C VAL B 364 51.91 -7.13 3.23
N ILE B 365 52.88 -6.97 4.13
CA ILE B 365 52.68 -6.23 5.37
C ILE B 365 53.04 -4.79 5.12
N THR B 366 52.31 -3.88 5.75
CA THR B 366 52.62 -2.49 5.50
C THR B 366 53.88 -2.08 6.25
N GLU B 367 53.83 -1.87 7.56
CA GLU B 367 55.03 -1.32 8.18
C GLU B 367 54.99 -1.48 9.69
N SER B 368 56.19 -1.52 10.28
CA SER B 368 56.52 -1.14 11.68
C SER B 368 55.77 -1.99 12.71
N THR B 369 55.09 -1.35 13.68
CA THR B 369 54.89 -1.91 15.01
C THR B 369 53.74 -2.92 15.08
N GLU B 370 54.02 -4.03 15.75
CA GLU B 370 53.05 -5.07 16.07
C GLU B 370 52.27 -5.42 14.82
N ASN B 371 50.98 -5.14 14.84
CA ASN B 371 50.11 -5.69 13.85
C ASN B 371 49.74 -4.66 12.80
N SER B 372 49.83 -5.13 11.56
CA SER B 372 49.42 -4.44 10.35
C SER B 372 48.55 -5.54 9.72
N LYS B 373 47.29 -5.25 9.44
CA LYS B 373 46.42 -6.28 8.89
C LYS B 373 46.48 -6.39 7.37
N MET B 374 46.67 -7.59 6.86
CA MET B 374 46.70 -7.75 5.41
C MET B 374 45.44 -8.43 4.97
N MET B 375 44.52 -7.68 4.37
CA MET B 375 43.32 -8.39 3.98
C MET B 375 43.49 -8.87 2.55
N LEU B 376 43.07 -10.10 2.29
CA LEU B 376 43.48 -10.82 1.10
C LEU B 376 42.28 -11.51 0.46
N GLU B 377 41.95 -11.16 -0.75
CA GLU B 377 40.84 -11.80 -1.43
C GLU B 377 41.38 -13.10 -2.01
N LEU B 378 40.83 -14.22 -1.56
CA LEU B 378 41.28 -15.55 -1.96
C LEU B 378 40.11 -16.40 -2.42
N ASP B 379 40.28 -17.09 -3.53
CA ASP B 379 39.28 -18.04 -3.95
C ASP B 379 39.72 -19.46 -3.66
N PRO B 380 39.13 -20.13 -2.70
CA PRO B 380 39.47 -21.52 -2.45
C PRO B 380 39.09 -22.39 -3.63
N PRO B 381 39.64 -23.58 -3.72
CA PRO B 381 39.21 -24.51 -4.76
C PRO B 381 37.79 -24.96 -4.49
N PHE B 382 37.18 -25.57 -5.51
CA PHE B 382 35.76 -25.89 -5.43
C PHE B 382 35.46 -26.86 -4.29
N GLY B 383 36.48 -27.43 -3.70
CA GLY B 383 36.30 -28.31 -2.56
C GLY B 383 36.38 -27.55 -1.25
N ASP B 384 36.98 -28.19 -0.27
CA ASP B 384 37.18 -27.61 1.04
C ASP B 384 38.64 -27.69 1.46
N SER B 385 39.32 -26.54 1.49
CA SER B 385 40.73 -26.50 1.86
C SER B 385 40.94 -25.97 3.28
N TYR B 386 42.20 -25.58 3.49
CA TYR B 386 42.71 -25.03 4.71
C TYR B 386 43.51 -23.77 4.42
N ILE B 387 42.89 -22.63 4.48
CA ILE B 387 43.67 -21.40 4.38
C ILE B 387 44.95 -21.57 5.20
N VAL B 388 46.07 -21.12 4.64
CA VAL B 388 47.38 -21.22 5.31
C VAL B 388 47.89 -19.77 5.30
N ILE B 389 48.32 -19.29 6.48
CA ILE B 389 48.90 -17.93 6.56
C ILE B 389 50.38 -17.51 6.14
N GLY B 390 51.17 -18.57 5.92
CA GLY B 390 52.53 -18.46 5.43
C GLY B 390 53.82 -18.68 6.22
N VAL B 391 53.77 -18.78 7.55
CA VAL B 391 55.00 -19.05 8.28
C VAL B 391 55.40 -20.49 7.91
N GLY B 392 56.68 -20.77 7.68
CA GLY B 392 57.02 -22.14 7.34
C GLY B 392 56.56 -23.21 8.30
N GLU B 393 56.55 -22.81 9.57
CA GLU B 393 56.11 -23.64 10.68
C GLU B 393 54.93 -23.03 11.43
N LYS B 394 55.11 -21.95 12.19
CA LYS B 394 54.07 -21.50 13.12
C LYS B 394 53.06 -20.65 12.37
N LYS B 395 51.83 -21.16 12.25
CA LYS B 395 50.79 -20.48 11.49
C LYS B 395 49.42 -20.97 11.91
N ILE B 396 48.45 -20.05 11.93
CA ILE B 396 47.05 -20.41 12.11
C ILE B 396 46.41 -20.71 10.76
N THR B 397 45.33 -21.50 10.77
CA THR B 397 44.71 -22.00 9.54
C THR B 397 43.18 -22.03 9.66
N HIS B 398 42.52 -22.60 8.64
CA HIS B 398 41.06 -22.77 8.61
C HIS B 398 40.62 -23.91 7.71
N HIS B 399 39.32 -23.98 7.47
CA HIS B 399 38.73 -24.96 6.56
C HIS B 399 37.55 -24.29 5.85
N TRP B 400 37.54 -24.22 4.51
CA TRP B 400 36.59 -23.29 3.88
C TRP B 400 35.42 -23.84 3.07
N HIS B 401 35.43 -25.11 2.69
CA HIS B 401 34.28 -25.71 2.02
C HIS B 401 33.53 -24.83 1.01
N ARG B 402 34.24 -24.31 0.00
CA ARG B 402 33.56 -23.55 -1.06
C ARG B 402 32.62 -24.52 -1.81
N SER B 403 31.42 -24.05 -2.15
CA SER B 403 30.39 -24.85 -2.82
C SER B 403 30.46 -25.09 -4.35
N GLY B 404 29.76 -26.14 -4.79
CA GLY B 404 29.62 -26.53 -6.18
C GLY B 404 30.35 -27.68 -6.86
N SER B 405 29.97 -27.85 -8.11
CA SER B 405 30.41 -28.86 -9.06
C SER B 405 30.82 -28.25 -10.40
N THR B 406 31.97 -27.59 -10.45
CA THR B 406 32.44 -26.96 -11.69
C THR B 406 31.18 -26.48 -12.41
N ILE B 407 31.02 -26.77 -13.69
CA ILE B 407 29.76 -26.38 -14.30
C ILE B 407 28.78 -25.94 -13.22
N GLY B 408 29.09 -26.19 -11.95
CA GLY B 408 28.20 -25.82 -10.89
C GLY B 408 28.09 -24.33 -10.86
N LYS B 409 29.22 -23.67 -10.63
CA LYS B 409 29.21 -22.23 -10.55
C LYS B 409 29.56 -21.59 -11.87
N ALA B 410 30.42 -22.28 -12.62
CA ALA B 410 30.80 -21.85 -13.96
C ALA B 410 29.56 -21.78 -14.88
N PHE B 411 28.60 -22.65 -14.54
CA PHE B 411 27.31 -22.75 -15.22
C PHE B 411 26.41 -21.55 -14.96
N GLU B 412 26.38 -21.11 -13.71
CA GLU B 412 25.58 -19.96 -13.33
C GLU B 412 26.18 -18.84 -14.14
N ALA B 413 27.50 -18.87 -14.21
CA ALA B 413 28.25 -17.91 -15.00
C ALA B 413 27.47 -17.75 -16.29
N THR B 414 26.90 -18.84 -16.81
CA THR B 414 26.16 -18.74 -18.07
C THR B 414 24.90 -17.91 -18.02
N VAL B 415 24.38 -17.64 -16.83
CA VAL B 415 23.22 -16.76 -16.73
C VAL B 415 23.63 -15.32 -16.38
N ARG B 416 24.75 -15.18 -15.70
CA ARG B 416 25.21 -13.84 -15.35
C ARG B 416 25.67 -13.15 -16.63
N GLY B 417 26.28 -13.93 -17.50
CA GLY B 417 26.73 -13.43 -18.77
C GLY B 417 25.51 -13.03 -19.57
N ALA B 418 24.44 -13.80 -19.44
CA ALA B 418 23.21 -13.51 -20.12
C ALA B 418 22.78 -12.12 -19.73
N LYS B 419 22.68 -11.82 -18.44
CA LYS B 419 22.30 -10.49 -17.96
C LYS B 419 23.41 -9.45 -18.14
N ARG B 420 24.64 -9.90 -18.31
CA ARG B 420 25.75 -8.99 -18.58
C ARG B 420 25.37 -8.26 -19.87
N MET B 421 24.99 -9.01 -20.90
CA MET B 421 24.58 -8.41 -22.15
C MET B 421 23.07 -8.58 -22.33
N ALA B 422 22.38 -8.44 -21.22
CA ALA B 422 20.94 -8.57 -21.25
C ALA B 422 20.53 -7.15 -21.01
N VAL B 423 21.09 -6.56 -19.97
CA VAL B 423 20.82 -5.18 -19.68
C VAL B 423 21.62 -4.45 -20.71
N LEU B 424 22.93 -4.58 -20.62
CA LEU B 424 23.79 -3.72 -21.41
C LEU B 424 23.57 -3.83 -22.87
N GLY B 425 23.08 -4.99 -23.28
CA GLY B 425 22.87 -5.19 -24.69
C GLY B 425 24.20 -5.64 -25.23
N ASP B 426 24.31 -5.64 -26.54
CA ASP B 426 25.52 -6.10 -27.14
C ASP B 426 26.63 -5.07 -26.94
N THR B 427 26.35 -3.99 -26.22
CA THR B 427 27.44 -3.02 -26.21
C THR B 427 28.22 -3.41 -24.96
N ALA B 428 27.85 -4.62 -24.54
CA ALA B 428 28.34 -5.32 -23.35
C ALA B 428 29.23 -6.52 -23.70
N TRP B 429 29.52 -6.66 -24.98
CA TRP B 429 30.42 -7.72 -25.44
C TRP B 429 31.82 -7.47 -24.88
N ASP B 430 32.21 -6.19 -24.85
CA ASP B 430 33.52 -5.77 -24.42
C ASP B 430 33.99 -6.36 -23.09
N PHE B 431 33.19 -6.52 -22.03
CA PHE B 431 33.98 -7.09 -20.93
C PHE B 431 35.16 -7.89 -21.46
N GLY B 432 34.90 -8.83 -22.37
CA GLY B 432 35.97 -9.65 -22.91
C GLY B 432 36.91 -8.84 -23.76
N SER B 433 38.19 -8.93 -23.45
CA SER B 433 39.17 -8.04 -24.03
C SER B 433 39.69 -8.55 -25.35
N VAL B 434 39.91 -7.62 -26.27
CA VAL B 434 40.61 -7.81 -27.53
C VAL B 434 40.23 -9.14 -28.19
N GLY B 435 38.97 -9.25 -28.58
CA GLY B 435 38.56 -10.36 -29.41
C GLY B 435 39.07 -10.12 -30.81
N GLY B 436 39.26 -8.84 -31.16
CA GLY B 436 39.85 -8.48 -32.43
C GLY B 436 39.06 -9.07 -33.56
N ALA B 437 39.73 -9.89 -34.38
CA ALA B 437 39.06 -10.58 -35.47
C ALA B 437 37.89 -11.41 -34.95
N LEU B 438 37.88 -11.67 -33.64
CA LEU B 438 36.81 -12.48 -33.10
C LEU B 438 35.64 -11.71 -32.52
N ASN B 439 35.89 -10.81 -31.59
CA ASN B 439 34.77 -10.07 -31.04
C ASN B 439 33.90 -9.54 -32.16
N SER B 440 34.54 -8.91 -33.14
CA SER B 440 33.82 -8.36 -34.28
C SER B 440 32.60 -9.21 -34.61
N LEU B 441 32.77 -10.53 -34.55
CA LEU B 441 31.69 -11.45 -34.83
C LEU B 441 30.57 -11.29 -33.80
N GLY B 442 30.96 -11.13 -32.54
CA GLY B 442 30.00 -10.97 -31.47
C GLY B 442 29.34 -9.61 -31.51
N LYS B 443 30.12 -8.59 -31.82
CA LYS B 443 29.63 -7.25 -31.91
C LYS B 443 28.88 -7.14 -33.22
N GLY B 444 29.49 -7.50 -34.34
CA GLY B 444 28.77 -7.30 -35.58
C GLY B 444 27.49 -8.10 -35.64
N ILE B 445 27.43 -9.22 -34.92
CA ILE B 445 26.21 -10.02 -34.90
C ILE B 445 25.05 -9.27 -34.29
N HIS B 446 25.21 -8.79 -33.06
CA HIS B 446 24.13 -8.04 -32.44
C HIS B 446 23.93 -6.54 -32.67
N GLN B 447 24.91 -5.93 -33.33
CA GLN B 447 24.75 -4.54 -33.78
C GLN B 447 23.81 -4.44 -35.01
N ILE B 448 23.87 -5.53 -35.78
CA ILE B 448 23.00 -5.73 -36.92
C ILE B 448 21.66 -6.18 -36.30
N PHE B 449 21.74 -6.98 -35.23
CA PHE B 449 20.52 -7.42 -34.56
C PHE B 449 20.02 -6.39 -33.56
N GLY B 450 20.93 -5.72 -32.86
CA GLY B 450 20.50 -4.73 -31.89
C GLY B 450 19.52 -3.74 -32.48
N ALA B 451 19.67 -3.44 -33.77
CA ALA B 451 18.73 -2.53 -34.41
C ALA B 451 17.35 -3.16 -34.50
N ALA B 452 17.24 -4.32 -35.15
CA ALA B 452 15.93 -4.90 -35.37
C ALA B 452 15.22 -5.14 -34.05
N PHE B 453 15.81 -5.95 -33.21
CA PHE B 453 15.14 -6.20 -31.97
C PHE B 453 14.85 -4.95 -31.16
N LYS B 454 15.75 -3.99 -31.16
CA LYS B 454 15.46 -2.75 -30.44
C LYS B 454 14.24 -2.02 -31.00
N SER B 455 13.91 -2.32 -32.26
CA SER B 455 12.78 -1.71 -32.93
C SER B 455 11.49 -2.52 -33.05
N LEU B 456 11.63 -3.82 -33.32
CA LEU B 456 10.46 -4.70 -33.39
C LEU B 456 9.66 -4.87 -32.08
N PHE B 457 10.41 -5.10 -31.01
CA PHE B 457 9.85 -5.18 -29.67
C PHE B 457 10.45 -4.11 -28.77
N GLY B 458 11.00 -3.07 -29.40
CA GLY B 458 11.63 -1.98 -28.68
C GLY B 458 10.39 -1.33 -28.13
N GLY B 459 9.37 -1.37 -28.96
CA GLY B 459 8.05 -0.89 -28.59
C GLY B 459 7.35 -1.61 -27.46
N MET B 460 7.97 -2.63 -26.85
CA MET B 460 7.26 -3.53 -25.97
C MET B 460 7.74 -3.17 -24.57
N SER B 461 6.89 -3.41 -23.58
CA SER B 461 7.27 -3.34 -22.18
C SER B 461 7.21 -4.70 -21.54
N TRP B 462 7.26 -4.79 -20.21
CA TRP B 462 7.34 -6.10 -19.51
C TRP B 462 6.24 -7.17 -19.66
N PHE B 463 4.97 -6.80 -19.55
CA PHE B 463 3.89 -7.76 -19.77
C PHE B 463 3.61 -7.89 -21.25
N SER B 464 3.91 -6.82 -22.00
CA SER B 464 3.95 -6.90 -23.44
C SER B 464 4.81 -8.06 -23.90
N GLN B 465 6.10 -8.01 -23.58
CA GLN B 465 7.01 -8.98 -24.16
C GLN B 465 6.83 -10.36 -23.55
N ILE B 466 6.24 -10.46 -22.35
CA ILE B 466 5.78 -11.78 -21.96
C ILE B 466 4.82 -12.47 -22.92
N LEU B 467 3.66 -11.85 -23.17
CA LEU B 467 2.74 -12.48 -24.12
C LEU B 467 3.26 -12.67 -25.55
N ILE B 468 3.97 -11.66 -26.05
CA ILE B 468 4.46 -11.78 -27.42
C ILE B 468 5.43 -12.95 -27.36
N GLY B 469 6.20 -13.06 -26.28
CA GLY B 469 7.09 -14.20 -26.16
C GLY B 469 6.32 -15.50 -26.20
N THR B 470 5.32 -15.64 -25.33
CA THR B 470 4.50 -16.84 -25.36
C THR B 470 3.91 -17.07 -26.74
N LEU B 471 3.35 -16.04 -27.37
CA LEU B 471 2.73 -16.26 -28.67
C LEU B 471 3.68 -16.80 -29.72
N LEU B 472 4.83 -16.15 -29.88
CA LEU B 472 5.81 -16.62 -30.85
C LEU B 472 6.28 -18.03 -30.51
N MET B 473 6.49 -18.31 -29.23
CA MET B 473 6.83 -19.68 -28.86
C MET B 473 5.74 -20.60 -29.40
N TRP B 474 4.48 -20.31 -29.10
CA TRP B 474 3.42 -21.16 -29.60
C TRP B 474 3.39 -21.28 -31.12
N LEU B 475 3.96 -20.30 -31.82
CA LEU B 475 4.15 -20.49 -33.25
C LEU B 475 5.27 -21.48 -33.53
N GLY B 476 6.43 -21.27 -32.92
CA GLY B 476 7.55 -22.15 -33.17
C GLY B 476 7.34 -23.64 -33.01
N LEU B 477 6.36 -24.02 -32.18
CA LEU B 477 6.05 -25.44 -32.08
C LEU B 477 5.16 -26.01 -33.19
N ASN B 478 4.17 -25.24 -33.63
CA ASN B 478 3.26 -25.66 -34.70
C ASN B 478 3.51 -24.72 -35.86
N THR B 479 4.19 -25.21 -36.88
CA THR B 479 4.46 -24.45 -38.09
C THR B 479 4.70 -25.52 -39.16
N LYS B 480 5.21 -25.07 -40.30
CA LYS B 480 5.64 -25.97 -41.35
C LYS B 480 7.11 -26.36 -41.14
N ASN B 481 7.65 -27.05 -42.12
CA ASN B 481 9.06 -27.35 -42.20
C ASN B 481 9.86 -26.07 -42.47
N GLY B 482 11.17 -26.15 -42.26
CA GLY B 482 12.08 -25.13 -42.74
C GLY B 482 12.03 -23.78 -42.06
N SER B 483 11.76 -22.74 -42.85
CA SER B 483 12.13 -21.37 -42.47
C SER B 483 11.74 -21.05 -41.04
N ILE B 484 10.51 -21.41 -40.64
CA ILE B 484 10.05 -21.16 -39.29
C ILE B 484 10.16 -22.40 -38.40
N SER B 485 10.74 -23.50 -38.90
CA SER B 485 11.04 -24.62 -38.04
C SER B 485 11.79 -24.16 -36.79
N LEU B 486 12.81 -23.34 -36.96
CA LEU B 486 13.42 -22.64 -35.83
C LEU B 486 13.12 -21.16 -36.02
N MET B 487 12.17 -20.66 -35.23
CA MET B 487 11.92 -19.23 -35.17
C MET B 487 11.78 -18.82 -33.72
N CYS B 488 10.83 -19.44 -33.03
CA CYS B 488 10.58 -19.14 -31.63
C CYS B 488 11.87 -19.12 -30.83
N LEU B 489 12.60 -20.24 -30.83
CA LEU B 489 13.85 -20.28 -30.09
C LEU B 489 14.80 -19.20 -30.55
N ALA B 490 14.63 -18.73 -31.79
CA ALA B 490 15.42 -17.60 -32.24
C ALA B 490 14.92 -16.27 -31.68
N LEU B 491 13.64 -16.16 -31.31
CA LEU B 491 13.13 -14.89 -30.81
C LEU B 491 12.34 -15.06 -29.52
N GLY B 492 11.23 -15.79 -29.52
CA GLY B 492 10.36 -15.83 -28.35
C GLY B 492 11.16 -16.13 -27.10
N GLY B 493 12.09 -17.07 -27.19
CA GLY B 493 13.01 -17.28 -26.09
C GLY B 493 13.77 -16.02 -25.71
N VAL B 494 14.23 -15.27 -26.72
CA VAL B 494 14.95 -14.04 -26.44
C VAL B 494 14.10 -13.11 -25.59
N LEU B 495 12.84 -12.92 -25.98
CA LEU B 495 11.97 -12.00 -25.28
C LEU B 495 11.69 -12.50 -23.87
N ILE B 496 11.15 -13.71 -23.74
CA ILE B 496 10.86 -14.21 -22.40
C ILE B 496 12.12 -14.21 -21.55
N PHE B 497 13.30 -14.19 -22.18
CA PHE B 497 14.51 -14.05 -21.40
C PHE B 497 14.74 -12.62 -20.94
N LEU B 498 14.66 -11.65 -21.86
CA LEU B 498 14.87 -10.26 -21.46
C LEU B 498 13.90 -9.89 -20.36
N SER B 499 12.70 -10.47 -20.38
CA SER B 499 11.79 -10.34 -19.25
C SER B 499 12.42 -10.85 -17.98
N THR B 500 12.64 -12.15 -17.86
CA THR B 500 13.18 -12.72 -16.63
C THR B 500 14.55 -12.17 -16.30
N ALA B 501 15.12 -11.39 -17.20
CA ALA B 501 16.45 -10.80 -16.99
C ALA B 501 16.35 -9.48 -16.23
N VAL B 502 17.25 -8.56 -16.55
CA VAL B 502 17.29 -7.24 -15.91
C VAL B 502 17.36 -7.42 -14.39
N SER B 503 16.48 -6.74 -13.65
CA SER B 503 16.47 -6.84 -12.19
C SER B 503 16.17 -8.25 -11.74
N ALA B 504 15.23 -8.90 -12.42
CA ALA B 504 14.82 -10.27 -12.11
C ALA B 504 14.51 -10.46 -10.62
N ALA C 1 -0.70 3.85 -5.92
CA ALA C 1 -1.38 4.65 -6.93
C ALA C 1 -1.83 3.78 -8.06
N VAL C 2 -1.57 4.27 -9.28
CA VAL C 2 -1.97 3.61 -10.52
C VAL C 2 -3.40 3.11 -10.38
N THR C 3 -4.30 4.02 -10.00
CA THR C 3 -5.69 3.64 -9.76
C THR C 3 -6.26 2.95 -10.98
N LEU C 4 -6.61 1.68 -10.79
CA LEU C 4 -7.02 0.89 -11.93
C LEU C 4 -8.37 1.32 -12.47
N PRO C 5 -9.43 1.41 -11.69
CA PRO C 5 -10.77 1.38 -12.27
C PRO C 5 -11.02 2.63 -13.10
N SER C 6 -11.51 2.41 -14.31
CA SER C 6 -11.98 3.49 -15.15
C SER C 6 -13.51 3.37 -15.17
N HIS C 7 -14.17 4.39 -14.63
CA HIS C 7 -15.59 4.26 -14.33
C HIS C 7 -16.42 3.97 -15.57
N SER C 8 -15.84 4.14 -16.75
CA SER C 8 -16.61 3.91 -17.97
C SER C 8 -16.92 2.44 -18.18
N THR C 9 -16.26 1.55 -17.44
CA THR C 9 -16.61 0.14 -17.55
C THR C 9 -18.03 -0.11 -17.11
N ARG C 10 -18.65 0.89 -16.50
CA ARG C 10 -20.04 0.87 -16.10
C ARG C 10 -20.79 2.07 -16.66
N LYS C 11 -20.25 3.25 -16.46
CA LYS C 11 -20.83 4.57 -16.74
C LYS C 11 -22.18 4.64 -16.06
N LEU C 12 -23.07 5.45 -16.58
CA LEU C 12 -24.43 5.50 -16.11
C LEU C 12 -25.07 6.10 -17.35
N GLN C 13 -26.27 5.66 -17.67
CA GLN C 13 -26.90 6.11 -18.90
C GLN C 13 -28.02 7.06 -18.54
N THR C 14 -27.84 8.35 -18.84
CA THR C 14 -28.87 9.32 -18.51
C THR C 14 -28.80 10.47 -19.51
N ARG C 15 -29.96 11.07 -19.77
CA ARG C 15 -30.03 12.13 -20.78
C ARG C 15 -28.91 13.11 -20.45
N SER C 16 -28.73 13.45 -19.18
CA SER C 16 -27.66 14.38 -18.83
C SER C 16 -26.20 14.12 -19.16
N GLN C 17 -25.42 15.20 -19.25
CA GLN C 17 -24.03 15.00 -19.66
C GLN C 17 -23.19 14.24 -18.68
N THR C 18 -22.52 13.19 -19.12
CA THR C 18 -21.72 12.37 -18.23
C THR C 18 -20.49 13.25 -18.07
N TRP C 19 -19.54 12.81 -17.25
CA TRP C 19 -18.41 13.65 -16.90
C TRP C 19 -17.56 14.05 -18.10
N LEU C 20 -16.77 13.12 -18.62
CA LEU C 20 -15.91 13.38 -19.77
C LEU C 20 -16.22 12.39 -20.88
N GLU C 21 -17.41 12.51 -21.46
CA GLU C 21 -17.83 11.61 -22.53
C GLU C 21 -17.11 11.89 -23.85
N SER C 22 -16.89 13.18 -24.15
CA SER C 22 -16.22 13.57 -25.38
C SER C 22 -14.72 13.26 -25.32
N ARG C 23 -14.02 14.00 -24.48
CA ARG C 23 -12.59 13.78 -24.38
C ARG C 23 -12.30 12.34 -23.96
N GLU C 24 -13.30 11.64 -23.39
CA GLU C 24 -13.14 10.22 -23.14
C GLU C 24 -12.86 9.44 -24.41
N TYR C 25 -13.92 9.24 -25.18
CA TYR C 25 -13.93 8.27 -26.25
C TYR C 25 -12.85 8.47 -27.25
N THR C 26 -12.29 9.65 -27.23
CA THR C 26 -11.33 9.95 -28.25
C THR C 26 -10.07 9.71 -27.51
N LYS C 27 -9.85 10.41 -26.39
CA LYS C 27 -8.55 10.12 -25.84
C LYS C 27 -8.22 8.62 -25.84
N HIS C 28 -9.21 7.72 -25.84
CA HIS C 28 -8.82 6.36 -26.19
C HIS C 28 -8.11 6.32 -27.53
N LEU C 29 -8.78 6.82 -28.58
CA LEU C 29 -8.18 6.59 -29.89
C LEU C 29 -6.84 7.32 -29.99
N ILE C 30 -6.78 8.56 -29.51
CA ILE C 30 -5.53 9.29 -29.74
C ILE C 30 -4.42 8.71 -28.88
N ARG C 31 -4.75 8.03 -27.79
CA ARG C 31 -3.70 7.26 -27.14
C ARG C 31 -3.14 6.16 -28.03
N VAL C 32 -4.01 5.36 -28.63
CA VAL C 32 -3.48 4.32 -29.51
C VAL C 32 -2.59 4.89 -30.59
N GLU C 33 -3.00 5.95 -31.31
CA GLU C 33 -2.21 6.46 -32.47
C GLU C 33 -0.71 6.92 -32.45
N ASN C 34 -0.38 7.78 -31.51
CA ASN C 34 1.02 8.16 -31.34
C ASN C 34 1.77 6.91 -30.86
N TRP C 35 1.10 6.10 -30.04
CA TRP C 35 1.68 4.92 -29.41
C TRP C 35 2.16 4.14 -30.63
N ILE C 36 1.37 4.18 -31.69
CA ILE C 36 1.71 3.50 -32.94
C ILE C 36 2.67 4.34 -33.76
N PHE C 37 2.58 5.67 -33.64
CA PHE C 37 3.48 6.52 -34.39
C PHE C 37 4.87 6.51 -33.79
N ARG C 38 5.01 6.05 -32.57
CA ARG C 38 6.33 5.94 -31.97
C ARG C 38 6.94 4.56 -32.10
N ASN C 39 6.24 3.59 -32.66
CA ASN C 39 6.75 2.24 -32.82
C ASN C 39 6.25 1.58 -34.08
N PRO C 40 6.61 2.12 -35.25
CA PRO C 40 6.23 1.44 -36.48
C PRO C 40 6.78 0.03 -36.57
N GLY C 41 7.96 -0.18 -36.00
CA GLY C 41 8.52 -1.52 -35.98
C GLY C 41 7.52 -2.53 -35.47
N PHE C 42 6.82 -2.21 -34.39
CA PHE C 42 5.86 -3.16 -33.88
C PHE C 42 4.72 -3.38 -34.86
N ALA C 43 4.49 -2.42 -35.75
CA ALA C 43 3.55 -2.70 -36.83
C ALA C 43 4.11 -3.73 -37.78
N LEU C 44 5.43 -3.72 -38.01
CA LEU C 44 5.99 -4.79 -38.82
C LEU C 44 5.86 -6.14 -38.12
N ALA C 45 6.35 -6.25 -36.89
CA ALA C 45 6.31 -7.54 -36.21
C ALA C 45 4.88 -8.03 -36.04
N ALA C 46 4.00 -7.16 -35.56
CA ALA C 46 2.60 -7.54 -35.44
C ALA C 46 2.04 -7.98 -36.79
N ALA C 47 2.44 -7.31 -37.86
CA ALA C 47 1.97 -7.73 -39.18
C ALA C 47 2.37 -9.16 -39.46
N ALA C 48 3.66 -9.46 -39.39
CA ALA C 48 4.11 -10.80 -39.74
C ALA C 48 3.47 -11.84 -38.82
N ILE C 49 3.41 -11.55 -37.52
CA ILE C 49 2.81 -12.50 -36.59
C ILE C 49 1.37 -12.80 -36.98
N ALA C 50 0.54 -11.75 -37.03
CA ALA C 50 -0.87 -11.95 -37.35
C ALA C 50 -1.04 -12.71 -38.64
N TRP C 51 -0.36 -12.27 -39.70
CA TRP C 51 -0.48 -12.94 -40.99
C TRP C 51 0.01 -14.38 -40.99
N LEU C 52 0.62 -14.85 -39.90
CA LEU C 52 1.05 -16.23 -39.82
C LEU C 52 0.03 -17.11 -39.11
N LEU C 53 -1.05 -16.54 -38.60
CA LEU C 53 -2.05 -17.31 -37.85
C LEU C 53 -3.37 -17.23 -38.61
N GLY C 54 -4.01 -18.37 -38.78
CA GLY C 54 -5.38 -18.45 -39.21
C GLY C 54 -5.59 -18.76 -40.68
N SER C 55 -4.63 -18.40 -41.54
CA SER C 55 -4.60 -18.83 -42.94
C SER C 55 -5.82 -18.35 -43.73
N SER C 56 -6.79 -17.76 -43.04
CA SER C 56 -8.12 -17.54 -43.56
C SER C 56 -8.37 -16.19 -44.23
N THR C 57 -7.32 -15.43 -44.53
CA THR C 57 -7.49 -14.02 -44.90
C THR C 57 -8.13 -13.32 -43.73
N SER C 58 -9.38 -12.86 -43.88
CA SER C 58 -9.94 -11.88 -42.97
C SER C 58 -9.75 -12.19 -41.48
N GLN C 59 -9.55 -13.46 -41.12
CA GLN C 59 -9.09 -13.74 -39.77
C GLN C 59 -7.76 -13.06 -39.49
N LYS C 60 -6.85 -13.05 -40.47
CA LYS C 60 -5.57 -12.36 -40.30
C LYS C 60 -5.79 -10.94 -39.81
N VAL C 61 -6.59 -10.18 -40.57
CA VAL C 61 -6.81 -8.78 -40.23
C VAL C 61 -7.37 -8.65 -38.83
N ILE C 62 -8.21 -9.59 -38.42
CA ILE C 62 -8.66 -9.59 -37.03
C ILE C 62 -7.48 -9.75 -36.09
N TYR C 63 -6.53 -10.61 -36.43
CA TYR C 63 -5.36 -10.71 -35.56
C TYR C 63 -4.57 -9.40 -35.46
N LEU C 64 -4.35 -8.73 -36.59
CA LEU C 64 -3.66 -7.44 -36.52
C LEU C 64 -4.44 -6.41 -35.71
N VAL C 65 -5.76 -6.43 -35.79
CA VAL C 65 -6.53 -5.49 -35.01
C VAL C 65 -6.34 -5.98 -33.58
N MET C 66 -6.46 -7.29 -33.37
CA MET C 66 -6.23 -7.82 -32.04
C MET C 66 -4.93 -7.28 -31.43
N ILE C 67 -3.82 -7.49 -32.15
CA ILE C 67 -2.52 -7.12 -31.61
C ILE C 67 -2.18 -5.64 -31.57
N LEU C 68 -2.52 -4.90 -32.62
CA LEU C 68 -2.26 -3.47 -32.57
C LEU C 68 -3.02 -2.82 -31.43
N LEU C 69 -4.19 -3.33 -31.08
CA LEU C 69 -4.94 -2.72 -29.99
C LEU C 69 -4.46 -3.20 -28.62
N ILE C 70 -3.83 -4.37 -28.55
CA ILE C 70 -3.46 -4.91 -27.25
C ILE C 70 -2.15 -4.29 -26.77
N ALA C 71 -1.24 -3.97 -27.69
CA ALA C 71 0.09 -3.55 -27.29
C ALA C 71 0.11 -2.24 -26.52
N PRO C 72 -0.45 -1.14 -27.02
CA PRO C 72 -0.28 0.13 -26.31
C PRO C 72 -0.97 0.16 -24.97
N ALA C 73 -2.15 -0.43 -24.84
CA ALA C 73 -2.91 -0.28 -23.60
C ALA C 73 -2.54 -1.37 -22.63
N TYR C 74 -3.02 -2.59 -22.90
CA TYR C 74 -2.77 -3.73 -22.03
C TYR C 74 -1.34 -4.26 -22.11
N SER C 75 -0.37 -3.36 -21.98
CA SER C 75 1.03 -3.73 -22.03
C SER C 75 1.31 -4.69 -23.18
N ILE D 1 40.77 -49.39 26.57
CA ILE D 1 40.73 -48.13 27.31
C ILE D 1 40.00 -47.08 26.50
N ARG D 2 39.10 -46.36 27.15
CA ARG D 2 38.46 -45.18 26.56
C ARG D 2 37.59 -45.57 25.38
N CYS D 3 37.77 -46.79 24.90
CA CYS D 3 37.18 -47.22 23.64
C CYS D 3 36.45 -48.53 23.88
N ILE D 4 37.16 -49.48 24.47
CA ILE D 4 36.69 -50.86 24.53
C ILE D 4 35.23 -50.94 24.96
N GLY D 5 34.48 -51.77 24.25
CA GLY D 5 33.09 -52.02 24.58
C GLY D 5 32.15 -50.86 24.38
N VAL D 6 32.31 -50.07 23.32
CA VAL D 6 31.26 -49.11 22.99
C VAL D 6 30.30 -49.67 21.97
N SER D 7 30.62 -50.82 21.39
CA SER D 7 29.85 -51.51 20.38
C SER D 7 29.78 -50.74 19.07
N ASN D 8 30.13 -49.46 19.05
CA ASN D 8 30.23 -48.72 17.80
C ASN D 8 31.67 -48.55 17.33
N ARG D 9 32.64 -49.06 18.09
CA ARG D 9 34.03 -48.75 17.77
C ARG D 9 34.39 -49.32 16.43
N ASP D 10 35.44 -48.77 15.84
CA ASP D 10 35.91 -49.23 14.56
C ASP D 10 37.43 -49.24 14.56
N PHE D 11 37.99 -50.27 13.95
CA PHE D 11 39.43 -50.43 13.84
C PHE D 11 39.86 -49.82 12.51
N VAL D 12 41.01 -49.18 12.50
CA VAL D 12 41.61 -48.71 11.25
C VAL D 12 43.12 -48.91 11.37
N GLU D 13 43.70 -49.50 10.32
CA GLU D 13 45.11 -49.85 10.31
C GLU D 13 45.70 -49.48 8.96
N GLY D 14 46.65 -48.54 8.94
CA GLY D 14 47.37 -48.23 7.74
C GLY D 14 48.49 -49.18 7.36
N MET D 15 48.61 -49.46 6.06
CA MET D 15 49.69 -50.30 5.56
C MET D 15 50.88 -49.47 5.06
N SER D 16 51.72 -49.02 6.00
CA SER D 16 52.76 -48.01 5.68
C SER D 16 52.20 -46.89 4.83
N GLY D 17 52.57 -46.74 3.56
CA GLY D 17 51.97 -45.74 2.70
C GLY D 17 52.28 -44.45 3.43
N GLY D 18 53.41 -44.36 4.12
CA GLY D 18 53.69 -43.22 4.97
C GLY D 18 52.71 -43.20 6.12
N THR D 19 52.76 -42.15 6.92
CA THR D 19 51.69 -41.92 7.89
C THR D 19 50.63 -41.03 7.27
N TRP D 20 49.49 -41.62 6.95
CA TRP D 20 48.45 -40.86 6.27
C TRP D 20 47.09 -41.12 6.88
N VAL D 21 46.52 -42.29 6.63
CA VAL D 21 45.24 -42.62 7.23
C VAL D 21 44.13 -41.60 6.98
N ASP D 22 43.50 -41.18 8.08
CA ASP D 22 42.40 -40.24 8.05
C ASP D 22 41.10 -41.02 8.27
N VAL D 23 40.52 -40.88 9.46
CA VAL D 23 39.29 -41.57 9.80
C VAL D 23 38.20 -40.62 10.27
N VAL D 24 36.99 -40.81 9.75
CA VAL D 24 35.85 -39.99 10.12
C VAL D 24 35.46 -40.43 11.51
N LEU D 25 35.79 -39.64 12.50
CA LEU D 25 35.51 -39.99 13.88
C LEU D 25 34.19 -39.34 14.25
N GLU D 26 33.33 -40.11 14.89
CA GLU D 26 31.91 -39.82 14.89
C GLU D 26 31.36 -40.06 16.28
N HIS D 27 30.63 -39.09 16.79
CA HIS D 27 30.20 -39.13 18.18
C HIS D 27 29.29 -40.33 18.38
N GLY D 28 29.56 -41.07 19.45
CA GLY D 28 28.94 -42.34 19.66
C GLY D 28 29.84 -43.51 19.34
N GLY D 29 30.85 -43.31 18.51
CA GLY D 29 31.87 -44.30 18.27
C GLY D 29 33.16 -43.91 18.98
N CYS D 30 34.10 -44.83 19.01
CA CYS D 30 35.49 -44.51 19.29
C CYS D 30 36.32 -45.24 18.25
N VAL D 31 37.05 -44.47 17.45
CA VAL D 31 37.89 -45.04 16.42
C VAL D 31 39.25 -45.35 17.01
N THR D 32 39.69 -46.59 16.87
CA THR D 32 40.99 -47.02 17.34
C THR D 32 41.91 -47.16 16.15
N VAL D 33 43.20 -46.89 16.35
CA VAL D 33 44.15 -46.83 15.26
C VAL D 33 45.36 -47.66 15.65
N MET D 34 45.77 -48.58 14.78
CA MET D 34 46.97 -49.37 15.01
C MET D 34 47.83 -49.32 13.76
N ALA D 35 49.15 -49.30 13.95
CA ALA D 35 50.11 -49.37 12.87
C ALA D 35 51.16 -50.47 12.96
N GLN D 36 51.87 -50.69 11.85
CA GLN D 36 53.01 -51.61 11.91
C GLN D 36 53.87 -51.38 13.17
N ASP D 37 54.57 -50.25 13.17
CA ASP D 37 55.10 -49.66 14.38
C ASP D 37 54.05 -48.94 15.22
N LYS D 38 54.51 -48.05 16.10
CA LYS D 38 53.68 -47.05 16.78
C LYS D 38 52.86 -47.69 17.88
N PRO D 39 52.45 -46.94 18.88
CA PRO D 39 51.47 -47.47 19.82
C PRO D 39 50.14 -47.52 19.14
N THR D 40 49.07 -47.80 19.85
CA THR D 40 47.75 -47.73 19.25
C THR D 40 46.87 -46.78 20.05
N VAL D 41 46.11 -45.96 19.36
CA VAL D 41 45.42 -44.85 19.98
C VAL D 41 43.94 -44.98 19.72
N ASP D 42 43.14 -44.46 20.64
CA ASP D 42 41.69 -44.49 20.55
C ASP D 42 41.25 -43.03 20.53
N ILE D 43 40.38 -42.71 19.59
CA ILE D 43 39.85 -41.35 19.46
C ILE D 43 38.33 -41.45 19.34
N GLU D 44 37.61 -40.63 20.09
CA GLU D 44 36.16 -40.55 20.02
C GLU D 44 35.74 -39.11 20.12
N LEU D 45 34.61 -38.74 19.51
CA LEU D 45 34.18 -37.34 19.54
C LEU D 45 33.93 -36.49 20.79
N VAL D 46 33.51 -37.10 21.90
CA VAL D 46 33.25 -36.32 23.10
C VAL D 46 32.11 -35.31 22.85
N THR D 47 32.35 -34.04 23.16
CA THR D 47 31.31 -33.01 23.01
C THR D 47 31.58 -31.90 21.98
N THR D 48 30.56 -31.64 21.16
CA THR D 48 30.59 -30.60 20.13
C THR D 48 29.95 -29.30 20.55
N THR D 49 30.75 -28.30 20.89
CA THR D 49 30.25 -27.06 21.46
C THR D 49 29.97 -26.07 20.35
N VAL D 50 28.81 -25.43 20.39
CA VAL D 50 28.49 -24.33 19.49
C VAL D 50 28.52 -23.05 20.31
N SER D 51 29.52 -22.21 20.04
CA SER D 51 29.90 -21.17 20.99
C SER D 51 28.95 -19.97 21.01
N ASN D 52 28.71 -19.35 19.85
CA ASN D 52 28.02 -18.07 19.81
C ASN D 52 26.85 -18.16 18.87
N MET D 53 25.69 -17.73 19.34
CA MET D 53 24.44 -17.86 18.61
C MET D 53 23.78 -16.50 18.57
N ALA D 54 22.86 -16.33 17.64
CA ALA D 54 22.08 -15.10 17.52
C ALA D 54 20.64 -15.39 17.19
N GLU D 55 19.73 -14.70 17.87
CA GLU D 55 18.30 -14.96 17.73
C GLU D 55 17.51 -14.63 16.46
N VAL D 56 16.80 -15.63 15.96
CA VAL D 56 15.93 -15.45 14.81
C VAL D 56 14.56 -16.02 15.19
N ARG D 57 13.53 -15.23 15.01
CA ARG D 57 12.15 -15.40 15.48
C ARG D 57 12.07 -15.68 16.97
N SER D 58 10.91 -16.17 17.41
CA SER D 58 10.67 -16.76 18.72
C SER D 58 9.57 -17.79 18.58
N TYR D 59 8.48 -17.32 17.99
CA TYR D 59 7.12 -17.82 18.02
C TYR D 59 6.43 -17.81 19.38
N CYS D 60 5.43 -18.65 19.49
CA CYS D 60 4.64 -18.80 20.70
C CYS D 60 3.95 -20.14 20.59
N TYR D 61 3.94 -20.91 21.65
CA TYR D 61 3.17 -22.14 21.64
C TYR D 61 1.98 -22.09 22.57
N GLU D 62 1.80 -21.01 23.33
CA GLU D 62 0.64 -20.92 24.20
C GLU D 62 0.11 -19.50 24.20
N ALA D 63 -1.06 -19.32 23.62
CA ALA D 63 -1.77 -18.04 23.55
C ALA D 63 -2.47 -17.75 24.86
N SER D 64 -2.86 -16.49 25.06
CA SER D 64 -3.92 -16.12 25.98
C SER D 64 -4.54 -14.83 25.45
N ILE D 65 -5.85 -14.68 25.59
CA ILE D 65 -6.50 -13.51 25.02
C ILE D 65 -7.22 -12.72 26.11
N SER D 66 -7.15 -11.41 25.97
CA SER D 66 -7.66 -10.42 26.90
C SER D 66 -9.07 -9.99 26.53
N ASP D 67 -9.45 -8.79 26.90
CA ASP D 67 -10.79 -8.30 26.66
C ASP D 67 -11.26 -8.39 25.24
N MET D 68 -12.57 -8.44 25.07
CA MET D 68 -13.18 -8.53 23.75
C MET D 68 -14.16 -7.42 23.51
N ALA D 69 -13.90 -6.60 22.52
CA ALA D 69 -14.79 -5.50 22.18
C ALA D 69 -15.67 -5.92 20.99
N SER D 70 -16.56 -5.04 20.54
CA SER D 70 -17.49 -5.48 19.52
C SER D 70 -17.65 -4.55 18.32
N ASP D 71 -18.27 -3.39 18.50
CA ASP D 71 -18.42 -2.40 17.44
C ASP D 71 -19.15 -2.95 16.21
N SER D 72 -20.46 -3.10 16.34
CA SER D 72 -21.30 -3.57 15.25
C SER D 72 -22.12 -2.46 14.60
N ARG D 73 -21.81 -2.14 13.34
CA ARG D 73 -22.64 -1.25 12.55
C ARG D 73 -23.79 -1.99 11.88
N CYS D 74 -24.86 -1.25 11.62
CA CYS D 74 -26.06 -1.82 11.02
C CYS D 74 -25.84 -2.12 9.55
N PRO D 75 -26.85 -2.66 8.85
CA PRO D 75 -26.68 -2.93 7.41
C PRO D 75 -26.30 -1.84 6.43
N THR D 76 -26.78 -0.64 6.74
CA THR D 76 -26.44 0.60 6.07
C THR D 76 -25.22 1.13 6.88
N GLN D 77 -24.23 1.62 6.14
CA GLN D 77 -22.90 2.16 6.54
C GLN D 77 -21.82 1.07 6.60
N GLY D 78 -22.23 -0.19 6.50
CA GLY D 78 -21.27 -1.26 6.33
C GLY D 78 -20.22 -1.29 7.42
N GLU D 79 -18.97 -1.20 7.00
CA GLU D 79 -17.83 -1.64 7.80
C GLU D 79 -17.84 -1.00 9.17
N ALA D 80 -17.35 -1.75 10.15
CA ALA D 80 -17.21 -1.26 11.51
C ALA D 80 -15.74 -0.96 11.78
N TYR D 81 -15.45 -0.46 12.97
CA TYR D 81 -14.13 0.11 13.21
C TYR D 81 -13.44 -0.43 14.46
N LEU D 82 -14.00 -0.14 15.62
CA LEU D 82 -13.44 -0.60 16.89
C LEU D 82 -12.03 -0.09 17.13
N ASP D 83 -11.94 1.14 17.62
CA ASP D 83 -10.68 1.85 17.82
C ASP D 83 -9.59 0.98 18.44
N LYS D 84 -9.94 -0.01 19.26
CA LYS D 84 -8.91 -0.91 19.75
C LYS D 84 -8.27 -1.73 18.65
N GLN D 85 -8.78 -1.66 17.43
CA GLN D 85 -8.03 -2.13 16.29
C GLN D 85 -6.89 -1.15 16.06
N SER D 86 -6.16 -1.33 14.97
CA SER D 86 -5.07 -0.42 14.62
C SER D 86 -4.00 -0.43 15.71
N ASP D 87 -3.86 -1.57 16.36
CA ASP D 87 -2.75 -1.80 17.26
C ASP D 87 -1.99 -3.03 16.82
N THR D 88 -0.80 -3.17 17.35
CA THR D 88 -0.12 -4.44 17.23
C THR D 88 -0.83 -5.53 18.02
N GLN D 89 -1.45 -5.18 19.13
CA GLN D 89 -1.85 -6.19 20.11
C GLN D 89 -3.29 -6.64 19.99
N TYR D 90 -4.06 -6.20 19.01
CA TYR D 90 -5.43 -6.64 18.89
C TYR D 90 -5.62 -7.29 17.54
N VAL D 91 -6.28 -8.45 17.53
CA VAL D 91 -6.55 -9.21 16.32
C VAL D 91 -8.02 -9.04 16.00
N CYS D 92 -8.36 -9.07 14.71
CA CYS D 92 -9.70 -8.72 14.27
C CYS D 92 -10.07 -9.48 13.01
N LYS D 93 -11.36 -9.76 12.84
CA LYS D 93 -11.89 -10.29 11.58
C LYS D 93 -13.33 -9.85 11.42
N ARG D 94 -13.70 -9.49 10.21
CA ARG D 94 -15.07 -9.06 9.92
C ARG D 94 -15.92 -10.26 9.54
N THR D 95 -17.13 -10.34 10.11
CA THR D 95 -18.02 -11.45 9.82
C THR D 95 -19.46 -11.01 9.62
N LEU D 96 -19.86 -10.74 8.38
CA LEU D 96 -21.18 -10.17 8.11
C LEU D 96 -22.22 -10.92 8.92
N VAL D 97 -23.04 -10.22 9.69
CA VAL D 97 -23.91 -10.98 10.59
C VAL D 97 -25.40 -10.72 10.60
N ASP D 98 -26.11 -11.73 11.09
CA ASP D 98 -27.54 -11.68 11.20
C ASP D 98 -27.89 -10.57 12.17
N ARG D 99 -28.91 -9.81 11.78
CA ARG D 99 -29.44 -8.68 12.55
C ARG D 99 -30.49 -7.74 11.93
N GLY D 100 -31.54 -8.29 11.34
CA GLY D 100 -32.57 -7.48 10.72
C GLY D 100 -33.80 -7.39 11.62
N TRP D 101 -34.09 -6.15 12.02
CA TRP D 101 -35.21 -5.74 12.89
C TRP D 101 -35.05 -6.17 14.36
N GLY D 102 -36.06 -5.91 15.17
CA GLY D 102 -35.98 -6.30 16.56
C GLY D 102 -34.96 -5.44 17.27
N ASN D 103 -33.74 -5.48 16.76
CA ASN D 103 -32.62 -4.72 17.32
C ASN D 103 -31.68 -3.60 16.72
N GLY D 104 -32.30 -2.44 16.58
CA GLY D 104 -31.69 -1.32 15.88
C GLY D 104 -31.81 -1.62 14.41
N CYS D 105 -30.95 -0.98 13.62
CA CYS D 105 -30.76 -1.41 12.24
C CYS D 105 -32.04 -1.39 11.42
N GLY D 106 -32.47 -0.20 10.98
CA GLY D 106 -33.80 -0.06 10.44
C GLY D 106 -34.04 -0.78 9.13
N LEU D 107 -33.10 -1.62 8.70
CA LEU D 107 -33.27 -2.49 7.56
C LEU D 107 -32.81 -3.91 7.90
N PHE D 108 -33.23 -4.87 7.10
CA PHE D 108 -32.55 -6.16 7.09
C PHE D 108 -31.24 -5.95 6.33
N GLY D 109 -30.59 -7.04 5.88
CA GLY D 109 -29.34 -6.88 5.18
C GLY D 109 -28.03 -7.11 5.92
N LYS D 110 -28.08 -7.86 7.02
CA LYS D 110 -26.90 -8.15 7.85
C LYS D 110 -26.26 -6.90 8.46
N GLY D 111 -24.93 -6.78 8.44
CA GLY D 111 -24.31 -5.63 9.00
C GLY D 111 -23.08 -6.18 9.62
N SER D 112 -21.98 -5.56 9.30
CA SER D 112 -20.74 -6.02 9.77
C SER D 112 -20.50 -5.73 11.19
N LEU D 113 -19.77 -6.63 11.79
CA LEU D 113 -19.21 -6.34 13.12
C LEU D 113 -17.78 -6.83 13.22
N VAL D 114 -17.00 -6.14 14.04
CA VAL D 114 -15.55 -6.15 13.96
C VAL D 114 -14.89 -6.97 15.07
N THR D 115 -15.64 -7.71 15.89
CA THR D 115 -15.18 -8.09 17.23
C THR D 115 -13.73 -8.52 17.27
N CYS D 116 -12.98 -7.91 18.19
CA CYS D 116 -11.55 -8.07 18.32
C CYS D 116 -11.21 -8.48 19.74
N ALA D 117 -10.00 -8.96 19.95
CA ALA D 117 -9.53 -9.37 21.26
C ALA D 117 -8.02 -9.21 21.33
N LYS D 118 -7.49 -9.00 22.53
CA LYS D 118 -6.10 -8.66 22.73
C LYS D 118 -5.28 -9.92 22.96
N PHE D 119 -4.19 -10.05 22.22
CA PHE D 119 -3.40 -11.27 22.18
C PHE D 119 -2.11 -11.02 22.93
N ALA D 120 -1.97 -11.61 24.11
CA ALA D 120 -0.72 -11.56 24.86
C ALA D 120 -0.29 -12.98 25.14
N CYS D 121 0.86 -13.39 24.61
CA CYS D 121 1.32 -14.77 24.76
C CYS D 121 2.21 -15.16 25.91
N SER D 122 1.92 -16.34 26.47
CA SER D 122 2.62 -16.90 27.64
C SER D 122 4.09 -17.38 27.63
N LYS D 123 4.51 -18.09 26.59
CA LYS D 123 5.87 -18.64 26.54
C LYS D 123 6.51 -18.49 25.16
N LYS D 124 7.83 -18.59 25.06
CA LYS D 124 8.41 -18.38 23.73
C LYS D 124 9.23 -19.57 23.26
N MET D 125 9.11 -19.88 21.97
CA MET D 125 9.86 -20.99 21.41
C MET D 125 11.25 -20.58 20.91
N THR D 126 11.53 -19.29 20.76
CA THR D 126 12.88 -18.73 20.66
C THR D 126 13.85 -19.54 19.83
N GLY D 127 13.70 -19.55 18.52
CA GLY D 127 14.70 -20.21 17.70
C GLY D 127 16.00 -19.44 17.66
N LYS D 128 17.11 -20.16 17.76
CA LYS D 128 18.39 -19.51 17.63
C LYS D 128 19.08 -20.09 16.41
N SER D 129 20.01 -19.32 15.86
CA SER D 129 20.71 -19.68 14.63
C SER D 129 22.18 -19.84 14.95
N ILE D 130 22.83 -20.71 14.19
CA ILE D 130 24.27 -20.93 14.28
C ILE D 130 24.83 -20.87 12.88
N GLN D 131 26.08 -20.45 12.78
CA GLN D 131 26.79 -20.51 11.51
C GLN D 131 28.06 -21.32 11.71
N PRO D 132 28.54 -22.04 10.68
CA PRO D 132 29.51 -23.09 10.92
C PRO D 132 30.70 -22.64 11.71
N GLU D 133 31.18 -21.42 11.47
CA GLU D 133 32.34 -20.95 12.19
C GLU D 133 31.98 -20.72 13.65
N ASN D 134 33.01 -20.69 14.48
CA ASN D 134 33.02 -20.56 15.94
C ASN D 134 32.48 -21.79 16.64
N LEU D 135 31.98 -22.80 15.94
CA LEU D 135 31.67 -24.03 16.66
C LEU D 135 32.96 -24.70 17.08
N GLU D 136 32.87 -25.59 18.07
CA GLU D 136 34.05 -26.16 18.71
C GLU D 136 33.87 -27.65 18.92
N TYR D 137 34.76 -28.44 18.33
CA TYR D 137 34.79 -29.88 18.53
C TYR D 137 35.85 -30.19 19.56
N ARG D 138 35.50 -30.97 20.57
CA ARG D 138 36.43 -31.38 21.61
C ARG D 138 36.61 -32.88 21.54
N ILE D 139 37.76 -33.34 21.07
CA ILE D 139 38.01 -34.77 20.96
C ILE D 139 39.06 -35.16 21.98
N MET D 140 38.79 -36.24 22.71
CA MET D 140 39.71 -36.79 23.71
C MET D 140 40.19 -38.13 23.18
N LEU D 141 41.47 -38.39 23.33
CA LEU D 141 42.08 -39.58 22.75
C LEU D 141 43.05 -40.19 23.76
N SER D 142 42.98 -41.52 23.90
CA SER D 142 43.75 -42.25 24.89
C SER D 142 44.48 -43.40 24.24
N VAL D 143 45.66 -43.74 24.76
CA VAL D 143 46.46 -44.79 24.15
C VAL D 143 46.23 -45.96 25.09
N HIS D 144 46.50 -47.18 24.63
CA HIS D 144 46.46 -48.35 25.50
C HIS D 144 47.69 -48.21 26.43
N GLY D 145 47.57 -48.63 27.69
CA GLY D 145 48.70 -48.46 28.61
C GLY D 145 48.51 -49.45 29.74
N SER D 146 49.40 -49.39 30.73
CA SER D 146 49.29 -50.28 31.88
C SER D 146 47.96 -49.88 32.47
N GLN D 147 47.57 -48.63 32.42
CA GLN D 147 46.35 -48.36 33.18
C GLN D 147 45.27 -49.39 32.87
N HIS D 148 44.78 -50.04 33.94
CA HIS D 148 43.71 -51.03 33.85
C HIS D 148 42.33 -50.37 34.00
N SER D 149 42.17 -49.55 35.05
CA SER D 149 40.93 -48.78 35.18
C SER D 149 41.00 -47.69 36.26
N GLY D 150 42.22 -47.37 36.68
CA GLY D 150 42.42 -46.35 37.71
C GLY D 150 43.51 -45.37 37.33
N ASP D 161 48.49 -37.41 32.99
CA ASP D 161 48.22 -38.65 32.27
C ASP D 161 48.96 -38.60 30.94
N GLU D 162 50.13 -39.22 30.90
CA GLU D 162 50.93 -39.25 29.69
C GLU D 162 50.20 -40.01 28.61
N ASN D 163 48.99 -40.50 28.90
CA ASN D 163 48.31 -41.45 28.04
C ASN D 163 47.13 -40.88 27.25
N ARG D 164 46.14 -40.31 27.93
CA ARG D 164 44.99 -39.73 27.23
C ARG D 164 45.13 -38.24 27.10
N ALA D 165 44.92 -37.70 25.92
CA ALA D 165 45.10 -36.28 25.69
C ALA D 165 43.76 -35.65 25.36
N LYS D 166 43.67 -34.35 25.54
CA LYS D 166 42.43 -33.61 25.35
C LYS D 166 42.63 -32.57 24.25
N VAL D 167 41.95 -32.75 23.13
CA VAL D 167 42.14 -31.91 21.96
C VAL D 167 40.83 -31.23 21.63
N GLU D 168 40.89 -29.92 21.39
CA GLU D 168 39.72 -29.15 20.98
C GLU D 168 40.03 -28.49 19.65
N ILE D 169 39.19 -28.72 18.66
CA ILE D 169 39.47 -28.38 17.28
C ILE D 169 38.36 -27.48 16.77
N THR D 170 38.66 -26.31 16.59
CA THR D 170 37.92 -25.14 16.16
C THR D 170 38.21 -24.86 14.69
N PRO D 171 37.22 -24.61 13.85
CA PRO D 171 37.53 -24.26 12.46
C PRO D 171 38.41 -23.04 12.37
N ASN D 172 38.57 -22.30 13.46
CA ASN D 172 39.63 -21.29 13.51
C ASN D 172 40.98 -21.91 13.77
N SER D 173 41.04 -23.19 14.13
CA SER D 173 42.31 -23.91 14.30
C SER D 173 42.19 -25.37 13.89
N PRO D 174 41.93 -25.64 12.61
CA PRO D 174 41.62 -27.02 12.20
C PRO D 174 42.74 -28.00 12.36
N ARG D 175 43.96 -27.55 12.51
CA ARG D 175 45.05 -28.46 12.83
C ARG D 175 45.18 -28.57 14.33
N ALA D 176 45.47 -29.77 14.78
CA ALA D 176 45.70 -29.95 16.20
C ALA D 176 46.81 -30.97 16.37
N GLU D 177 47.67 -30.72 17.34
CA GLU D 177 48.77 -31.63 17.64
C GLU D 177 48.84 -31.79 19.14
N ALA D 178 48.63 -33.00 19.62
CA ALA D 178 48.48 -33.29 21.04
C ALA D 178 49.67 -33.95 21.71
N THR D 179 50.24 -33.28 22.70
CA THR D 179 51.32 -33.97 23.44
C THR D 179 51.06 -35.27 24.12
N LEU D 180 51.94 -36.24 23.96
CA LEU D 180 51.90 -37.49 24.71
C LEU D 180 53.32 -37.82 25.13
N GLY D 181 53.63 -37.57 26.39
CA GLY D 181 55.01 -37.69 26.86
C GLY D 181 55.49 -39.11 26.66
N GLY D 182 56.60 -39.26 25.96
CA GLY D 182 57.11 -40.55 25.62
C GLY D 182 56.25 -41.34 24.66
N PHE D 183 55.33 -40.69 23.97
CA PHE D 183 54.60 -41.38 22.91
C PHE D 183 54.75 -40.65 21.59
N GLY D 184 54.11 -39.49 21.45
CA GLY D 184 54.23 -38.76 20.20
C GLY D 184 53.22 -37.63 20.11
N SER D 185 53.22 -36.98 18.95
CA SER D 185 52.31 -35.87 18.69
C SER D 185 50.88 -36.24 18.32
N LEU D 186 50.71 -37.23 17.45
CA LEU D 186 49.42 -37.53 16.81
C LEU D 186 48.77 -36.35 16.07
N GLY D 187 49.49 -35.91 15.04
CA GLY D 187 49.10 -34.73 14.29
C GLY D 187 47.66 -34.94 13.87
N LEU D 188 46.77 -34.10 14.35
CA LEU D 188 45.36 -34.14 13.97
C LEU D 188 45.08 -32.97 13.04
N ASP D 189 44.81 -33.27 11.80
CA ASP D 189 44.20 -32.30 10.90
C ASP D 189 42.73 -32.68 10.85
N CYS D 190 41.90 -31.91 11.51
CA CYS D 190 40.48 -32.11 11.44
C CYS D 190 39.89 -31.04 10.55
N GLU D 191 38.61 -31.24 10.26
CA GLU D 191 37.81 -30.34 9.49
C GLU D 191 36.62 -30.17 10.40
N PRO D 192 36.37 -28.94 10.81
CA PRO D 192 35.24 -28.67 11.70
C PRO D 192 34.11 -28.06 10.92
N ARG D 193 34.17 -28.09 9.59
CA ARG D 193 33.10 -27.41 8.89
C ARG D 193 32.17 -28.42 8.27
N THR D 194 32.71 -29.26 7.38
CA THR D 194 31.89 -30.08 6.50
C THR D 194 31.01 -31.07 7.25
N GLY D 195 31.15 -31.19 8.56
CA GLY D 195 30.56 -32.35 9.18
C GLY D 195 29.05 -32.50 9.15
N LEU D 196 28.31 -31.58 9.77
CA LEU D 196 26.90 -31.86 10.02
C LEU D 196 25.94 -31.15 9.07
N ASP D 197 26.44 -30.35 8.12
CA ASP D 197 25.63 -29.39 7.34
C ASP D 197 25.00 -28.30 8.22
N PHE D 198 25.83 -27.70 9.07
CA PHE D 198 25.37 -26.59 9.87
C PHE D 198 25.06 -25.39 8.97
N SER D 199 24.43 -24.39 9.59
CA SER D 199 23.93 -23.17 8.95
C SER D 199 22.58 -23.53 8.34
N ASP D 200 22.33 -24.81 8.14
CA ASP D 200 20.95 -25.21 7.98
C ASP D 200 20.28 -25.37 9.33
N LEU D 201 20.96 -26.01 10.27
CA LEU D 201 20.34 -26.31 11.54
C LEU D 201 20.18 -25.04 12.36
N TYR D 202 19.00 -24.86 12.96
CA TYR D 202 18.76 -23.82 13.93
C TYR D 202 18.62 -24.46 15.30
N TYR D 203 18.94 -23.70 16.32
CA TYR D 203 18.96 -24.21 17.68
C TYR D 203 17.67 -23.77 18.35
N LEU D 204 16.77 -24.71 18.61
CA LEU D 204 15.37 -24.42 18.90
C LEU D 204 15.09 -24.67 20.36
N THR D 205 14.45 -23.72 21.03
CA THR D 205 14.25 -23.81 22.47
C THR D 205 12.76 -23.76 22.82
N MET D 206 12.20 -24.90 23.18
CA MET D 206 10.92 -24.93 23.85
C MET D 206 11.17 -24.64 25.32
N ASN D 207 10.21 -24.92 26.18
CA ASN D 207 10.51 -24.82 27.60
C ASN D 207 11.73 -25.66 27.92
N ASN D 208 12.78 -25.01 28.42
CA ASN D 208 13.95 -25.61 29.04
C ASN D 208 14.42 -26.91 28.39
N LYS D 209 14.35 -26.98 27.07
CA LYS D 209 14.90 -28.08 26.30
C LYS D 209 15.49 -27.46 25.05
N HIS D 210 16.27 -28.24 24.31
CA HIS D 210 16.92 -27.71 23.13
C HIS D 210 17.13 -28.81 22.11
N TRP D 211 16.95 -28.49 20.85
CA TRP D 211 17.30 -29.41 19.79
C TRP D 211 17.39 -28.68 18.47
N LEU D 212 18.06 -29.30 17.50
CA LEU D 212 18.36 -28.69 16.22
C LEU D 212 17.26 -29.05 15.23
N VAL D 213 16.85 -28.10 14.40
CA VAL D 213 16.03 -28.38 13.22
C VAL D 213 16.40 -27.46 12.07
N HIS D 214 16.03 -27.92 10.87
CA HIS D 214 16.33 -27.32 9.56
C HIS D 214 15.75 -25.94 9.28
N LYS D 215 16.40 -25.22 8.37
CA LYS D 215 16.03 -23.84 8.12
C LYS D 215 14.71 -23.94 7.36
N GLU D 216 14.34 -25.14 6.93
CA GLU D 216 13.08 -25.25 6.20
C GLU D 216 11.94 -25.49 7.17
N TRP D 217 12.17 -26.36 8.14
CA TRP D 217 11.12 -26.63 9.10
C TRP D 217 10.90 -25.46 10.02
N PHE D 218 11.95 -24.70 10.32
CA PHE D 218 11.77 -23.67 11.34
C PHE D 218 11.13 -22.43 10.79
N HIS D 219 11.28 -22.16 9.50
CA HIS D 219 10.52 -21.04 8.94
C HIS D 219 9.09 -21.40 8.65
N ASP D 220 8.76 -22.68 8.54
CA ASP D 220 7.46 -23.02 8.01
C ASP D 220 6.41 -23.30 9.08
N ILE D 221 6.79 -23.30 10.35
CA ILE D 221 5.82 -23.54 11.40
C ILE D 221 4.86 -22.37 11.36
N PRO D 222 3.57 -22.68 11.39
CA PRO D 222 2.54 -21.62 11.33
C PRO D 222 2.15 -21.10 12.71
N LEU D 223 2.99 -20.27 13.34
CA LEU D 223 2.58 -19.75 14.64
C LEU D 223 2.83 -18.26 14.65
N PRO D 224 2.51 -17.54 15.72
CA PRO D 224 2.90 -16.13 15.80
C PRO D 224 4.39 -15.94 15.63
N TRP D 225 4.77 -14.89 14.90
CA TRP D 225 6.18 -14.53 14.79
C TRP D 225 6.55 -13.49 15.81
N HIS D 226 7.77 -13.60 16.30
CA HIS D 226 8.38 -12.52 17.05
C HIS D 226 9.29 -11.67 16.20
N ALA D 227 9.61 -12.12 14.99
CA ALA D 227 10.47 -11.40 14.06
C ALA D 227 11.86 -11.16 14.63
N GLY D 228 12.30 -12.05 15.51
CA GLY D 228 13.60 -11.87 16.14
C GLY D 228 13.69 -10.64 17.00
N ALA D 229 12.55 -10.07 17.38
CA ALA D 229 12.52 -8.80 18.10
C ALA D 229 13.08 -8.95 19.49
N ASP D 230 13.41 -7.81 20.10
CA ASP D 230 13.91 -7.82 21.45
C ASP D 230 12.92 -7.14 22.39
N THR D 231 12.58 -7.84 23.44
CA THR D 231 12.01 -7.33 24.69
C THR D 231 10.79 -6.48 24.36
N GLY D 232 10.57 -5.36 25.05
CA GLY D 232 9.43 -4.48 24.87
C GLY D 232 8.13 -5.27 24.93
N THR D 233 7.22 -4.90 24.04
CA THR D 233 5.97 -5.63 23.83
C THR D 233 6.03 -6.10 22.40
N PRO D 234 6.58 -7.27 22.16
CA PRO D 234 6.88 -7.70 20.79
C PRO D 234 5.67 -7.63 19.88
N HIS D 235 5.85 -6.97 18.74
CA HIS D 235 4.84 -7.03 17.71
C HIS D 235 4.82 -8.43 17.14
N TRP D 236 3.68 -9.09 17.24
CA TRP D 236 3.56 -10.47 16.83
C TRP D 236 3.06 -10.52 15.40
N ASN D 237 3.85 -11.10 14.51
CA ASN D 237 3.33 -11.28 13.17
C ASN D 237 2.25 -12.35 13.20
N ASN D 238 1.62 -12.57 12.05
CA ASN D 238 0.55 -13.56 12.00
C ASN D 238 -0.44 -13.22 13.11
N LYS D 239 -0.51 -14.04 14.15
CA LYS D 239 -1.43 -14.00 15.29
C LYS D 239 -2.75 -14.61 14.92
N GLU D 240 -3.08 -14.69 13.64
CA GLU D 240 -4.39 -15.15 13.23
C GLU D 240 -4.47 -16.66 13.31
N ALA D 241 -3.39 -17.33 12.94
CA ALA D 241 -3.38 -18.79 12.91
C ALA D 241 -3.63 -19.40 14.27
N LEU D 242 -3.41 -18.65 15.34
CA LEU D 242 -3.58 -19.25 16.65
C LEU D 242 -4.93 -18.98 17.30
N VAL D 243 -5.71 -18.06 16.72
CA VAL D 243 -7.02 -17.73 17.26
C VAL D 243 -8.11 -18.59 16.63
N GLU D 244 -9.36 -18.30 16.96
CA GLU D 244 -10.49 -19.05 16.42
C GLU D 244 -11.74 -18.18 16.34
N PHE D 245 -11.94 -17.54 15.20
CA PHE D 245 -13.10 -16.67 15.00
C PHE D 245 -14.26 -17.50 14.47
N LYS D 246 -15.26 -17.74 15.31
CA LYS D 246 -16.43 -18.50 14.89
C LYS D 246 -17.66 -17.74 15.35
N ASP D 247 -18.65 -17.66 14.46
CA ASP D 247 -19.89 -16.94 14.71
C ASP D 247 -20.99 -17.95 14.95
N ALA D 248 -21.60 -17.90 16.13
CA ALA D 248 -22.64 -18.87 16.47
C ALA D 248 -23.86 -18.67 15.59
N HIS D 249 -24.29 -19.75 14.94
CA HIS D 249 -25.33 -19.66 13.92
C HIS D 249 -25.00 -18.44 13.07
N ALA D 250 -25.93 -17.51 12.91
CA ALA D 250 -25.72 -16.33 12.08
C ALA D 250 -25.11 -15.23 12.93
N LYS D 251 -25.45 -15.11 14.21
CA LYS D 251 -24.99 -13.95 15.03
C LYS D 251 -24.01 -14.11 16.22
N ARG D 252 -23.71 -12.99 16.87
CA ARG D 252 -22.82 -12.92 18.05
C ARG D 252 -21.42 -13.53 17.92
N GLN D 253 -20.60 -13.04 16.98
CA GLN D 253 -19.30 -13.66 16.77
C GLN D 253 -18.58 -13.87 18.08
N THR D 254 -17.88 -15.00 18.21
CA THR D 254 -17.09 -15.28 19.40
C THR D 254 -15.68 -15.69 18.98
N VAL D 255 -14.74 -15.49 19.89
CA VAL D 255 -13.32 -15.73 19.63
C VAL D 255 -12.73 -16.52 20.78
N VAL D 256 -11.99 -17.59 20.46
CA VAL D 256 -11.45 -18.51 21.45
C VAL D 256 -9.94 -18.57 21.29
N VAL D 257 -9.26 -18.99 22.36
CA VAL D 257 -7.81 -18.86 22.40
C VAL D 257 -7.08 -19.97 21.65
N LEU D 258 -7.64 -21.19 21.60
CA LEU D 258 -6.97 -22.33 20.98
C LEU D 258 -5.65 -22.59 21.68
N GLY D 259 -5.69 -23.18 22.88
CA GLY D 259 -4.59 -23.12 23.82
C GLY D 259 -3.32 -23.86 23.45
N SER D 260 -2.44 -24.05 24.44
CA SER D 260 -1.03 -24.35 24.21
C SER D 260 -0.83 -25.49 23.23
N GLN D 261 0.01 -25.24 22.23
CA GLN D 261 0.38 -26.21 21.22
C GLN D 261 1.71 -26.89 21.50
N GLU D 262 2.27 -26.69 22.68
CA GLU D 262 3.57 -27.27 23.02
C GLU D 262 3.66 -28.74 22.60
N GLY D 263 2.68 -29.54 22.98
CA GLY D 263 2.69 -30.93 22.52
C GLY D 263 2.62 -31.06 21.02
N ALA D 264 1.97 -30.11 20.35
CA ALA D 264 1.77 -30.26 18.92
C ALA D 264 3.08 -30.08 18.17
N VAL D 265 3.86 -29.07 18.53
CA VAL D 265 5.18 -28.99 17.91
C VAL D 265 6.01 -30.19 18.31
N HIS D 266 5.93 -30.63 19.58
CA HIS D 266 6.70 -31.81 19.97
C HIS D 266 6.42 -33.00 19.06
N THR D 267 5.15 -33.29 18.81
CA THR D 267 4.87 -34.44 17.95
C THR D 267 5.19 -34.14 16.52
N ALA D 268 5.16 -32.87 16.13
CA ALA D 268 5.45 -32.52 14.76
C ALA D 268 6.94 -32.53 14.48
N LEU D 269 7.74 -32.65 15.53
CA LEU D 269 9.16 -32.42 15.49
C LEU D 269 9.98 -33.70 15.38
N ALA D 270 9.33 -34.83 15.05
CA ALA D 270 9.95 -36.14 15.13
C ALA D 270 11.32 -36.27 14.47
N GLY D 271 11.63 -35.40 13.51
CA GLY D 271 12.88 -35.64 12.79
C GLY D 271 14.11 -34.99 13.41
N ALA D 272 13.96 -34.17 14.43
CA ALA D 272 15.09 -33.47 14.98
C ALA D 272 15.96 -34.39 15.82
N LEU D 273 17.18 -33.95 16.07
CA LEU D 273 18.01 -34.52 17.12
C LEU D 273 17.87 -33.51 18.23
N GLU D 274 17.90 -33.99 19.47
CA GLU D 274 17.84 -33.10 20.62
C GLU D 274 19.25 -32.70 21.00
N ALA D 275 19.43 -31.48 21.51
CA ALA D 275 20.72 -30.95 21.90
C ALA D 275 20.76 -30.71 23.39
N GLU D 276 21.84 -31.13 24.02
CA GLU D 276 21.84 -31.31 25.46
C GLU D 276 21.57 -29.99 26.18
N MET D 277 22.41 -28.99 25.98
CA MET D 277 22.41 -27.92 26.96
C MET D 277 22.27 -26.57 26.30
N ASP D 278 22.03 -25.59 27.13
CA ASP D 278 22.08 -24.19 26.75
C ASP D 278 22.97 -23.47 27.76
N GLY D 279 23.14 -22.17 27.58
CA GLY D 279 24.07 -21.42 28.39
C GLY D 279 24.64 -20.28 27.57
N ALA D 280 25.82 -19.84 27.98
CA ALA D 280 26.58 -18.96 27.10
C ALA D 280 26.90 -19.66 25.79
N LYS D 281 26.87 -21.00 25.79
CA LYS D 281 27.26 -21.81 24.65
C LYS D 281 26.29 -22.98 24.54
N GLY D 282 25.74 -23.19 23.35
CA GLY D 282 25.01 -24.40 23.08
C GLY D 282 25.96 -25.58 22.97
N ARG D 283 25.75 -26.61 23.78
CA ARG D 283 26.57 -27.82 23.77
C ARG D 283 25.72 -28.97 23.29
N LEU D 284 26.01 -29.47 22.10
CA LEU D 284 25.13 -30.44 21.49
C LEU D 284 25.84 -31.79 21.44
N SER D 285 25.18 -32.75 20.80
CA SER D 285 25.70 -34.10 20.72
C SER D 285 25.52 -34.68 19.34
N SER D 286 25.81 -35.96 19.19
CA SER D 286 26.05 -36.55 17.87
C SER D 286 27.17 -35.72 17.27
N GLY D 287 27.13 -35.40 15.99
CA GLY D 287 28.24 -34.72 15.37
C GLY D 287 29.05 -35.64 14.48
N HIS D 288 29.66 -35.03 13.47
CA HIS D 288 30.32 -35.74 12.38
C HIS D 288 31.57 -34.96 12.02
N LEU D 289 32.75 -35.57 12.13
CA LEU D 289 34.00 -34.92 11.76
C LEU D 289 34.78 -35.84 10.83
N LYS D 290 35.42 -35.26 9.83
CA LYS D 290 36.43 -35.96 9.07
C LYS D 290 37.77 -35.36 9.43
N CYS D 291 38.58 -36.12 10.15
CA CYS D 291 39.91 -35.68 10.54
C CYS D 291 40.93 -36.43 9.72
N ARG D 292 41.96 -35.73 9.31
CA ARG D 292 43.12 -36.37 8.74
C ARG D 292 44.10 -36.62 9.86
N LEU D 293 44.25 -37.87 10.22
CA LEU D 293 45.03 -38.29 11.38
C LEU D 293 46.45 -38.53 10.89
N LYS D 294 47.42 -37.96 11.58
CA LYS D 294 48.80 -37.93 11.11
C LYS D 294 49.73 -38.36 12.22
N MET D 295 50.37 -39.50 12.03
CA MET D 295 51.17 -40.10 13.08
C MET D 295 52.49 -39.34 13.19
N ASP D 296 53.29 -39.35 12.13
CA ASP D 296 54.59 -38.66 12.15
C ASP D 296 55.21 -39.05 13.48
N LYS D 297 55.17 -38.18 14.50
CA LYS D 297 55.77 -38.53 15.77
C LYS D 297 54.96 -39.35 16.76
N LEU D 298 55.21 -40.67 16.73
CA LEU D 298 54.90 -41.59 17.82
C LEU D 298 55.96 -42.63 18.12
N ARG D 299 56.47 -42.62 19.34
CA ARG D 299 57.45 -43.59 19.80
C ARG D 299 56.74 -44.61 20.69
N LEU D 300 57.19 -45.86 20.70
CA LEU D 300 56.48 -46.85 21.50
C LEU D 300 56.86 -46.73 22.98
N LYS D 301 58.08 -46.28 23.27
CA LYS D 301 58.63 -46.07 24.60
C LYS D 301 58.91 -47.37 25.36
N GLY D 302 58.39 -48.50 24.90
CA GLY D 302 58.68 -49.73 25.61
C GLY D 302 59.77 -50.57 24.99
N VAL D 303 60.12 -50.28 23.73
CA VAL D 303 60.88 -51.25 22.96
C VAL D 303 62.26 -51.39 23.60
N SER D 304 62.69 -50.39 24.36
CA SER D 304 64.01 -50.47 24.97
C SER D 304 64.03 -51.27 26.28
N TYR D 305 62.88 -51.49 26.91
CA TYR D 305 62.85 -52.21 28.17
C TYR D 305 63.32 -53.64 28.11
N SER D 306 63.79 -54.14 29.26
CA SER D 306 63.90 -55.57 29.46
C SER D 306 62.51 -56.17 29.62
N LEU D 307 62.40 -57.47 29.36
CA LEU D 307 61.19 -58.21 29.63
C LEU D 307 61.41 -58.98 30.93
N CYS D 308 60.34 -59.12 31.72
CA CYS D 308 60.48 -59.59 33.08
C CYS D 308 59.93 -60.98 33.28
N THR D 309 60.72 -61.80 33.95
CA THR D 309 60.35 -63.17 34.27
C THR D 309 59.74 -63.16 35.66
N ALA D 310 58.44 -63.37 35.73
CA ALA D 310 57.77 -63.47 37.02
C ALA D 310 56.44 -64.17 36.80
N ALA D 311 55.86 -64.65 37.89
CA ALA D 311 54.51 -65.18 37.79
C ALA D 311 53.57 -64.08 37.35
N PHE D 312 52.51 -64.46 36.64
CA PHE D 312 51.42 -63.56 36.30
C PHE D 312 50.14 -64.20 36.78
N THR D 313 49.28 -63.43 37.42
CA THR D 313 48.01 -63.93 37.90
C THR D 313 46.89 -63.05 37.41
N PHE D 314 46.02 -63.60 36.58
CA PHE D 314 44.85 -62.88 36.09
C PHE D 314 44.05 -62.49 37.32
N THR D 315 43.34 -61.37 37.23
CA THR D 315 42.34 -61.10 38.25
C THR D 315 40.95 -61.17 37.64
N LYS D 316 40.60 -60.17 36.84
CA LYS D 316 39.36 -60.24 36.09
C LYS D 316 39.61 -61.26 34.98
N ILE D 317 38.74 -62.26 34.92
CA ILE D 317 38.91 -63.28 33.88
C ILE D 317 38.67 -62.60 32.53
N PRO D 318 39.41 -62.93 31.49
CA PRO D 318 39.24 -62.22 30.21
C PRO D 318 37.84 -62.27 29.65
N ALA D 319 37.53 -61.33 28.75
CA ALA D 319 36.19 -61.20 28.23
C ALA D 319 36.19 -60.79 26.76
N GLU D 320 35.10 -61.11 26.09
CA GLU D 320 34.96 -60.94 24.65
C GLU D 320 34.13 -59.71 24.35
N THR D 321 34.76 -58.65 23.88
CA THR D 321 34.04 -57.47 23.45
C THR D 321 33.24 -57.76 22.18
N LEU D 322 32.28 -56.88 21.91
CA LEU D 322 31.37 -57.13 20.81
C LEU D 322 32.11 -57.20 19.49
N HIS D 323 33.09 -56.32 19.29
CA HIS D 323 33.87 -56.39 18.07
C HIS D 323 34.84 -57.55 18.04
N GLY D 324 34.92 -58.32 19.11
CA GLY D 324 35.69 -59.54 19.12
C GLY D 324 37.00 -59.42 19.83
N THR D 325 37.55 -58.22 19.96
CA THR D 325 38.79 -58.05 20.67
C THR D 325 38.60 -58.50 22.11
N VAL D 326 39.65 -59.02 22.71
CA VAL D 326 39.56 -59.57 24.07
C VAL D 326 40.53 -58.84 24.98
N THR D 327 40.00 -58.14 25.96
CA THR D 327 40.83 -57.59 27.01
C THR D 327 41.25 -58.71 27.93
N VAL D 328 42.43 -58.57 28.53
CA VAL D 328 42.87 -59.43 29.61
C VAL D 328 43.72 -58.61 30.56
N GLU D 329 43.39 -58.68 31.84
CA GLU D 329 44.05 -57.89 32.85
C GLU D 329 44.97 -58.80 33.64
N VAL D 330 46.23 -58.40 33.76
CA VAL D 330 47.25 -59.23 34.40
C VAL D 330 47.98 -58.40 35.44
N GLN D 331 47.88 -58.79 36.69
CA GLN D 331 48.72 -58.21 37.74
C GLN D 331 49.76 -59.25 38.06
N TYR D 332 50.95 -58.81 38.42
CA TYR D 332 51.99 -59.76 38.77
C TYR D 332 52.97 -59.16 39.75
N ALA D 333 53.39 -59.96 40.71
CA ALA D 333 54.37 -59.58 41.70
C ALA D 333 55.75 -59.93 41.20
N GLY D 334 56.72 -59.89 42.09
CA GLY D 334 57.90 -60.72 42.00
C GLY D 334 59.04 -60.16 41.17
N THR D 335 58.77 -59.27 40.23
CA THR D 335 59.84 -58.64 39.47
C THR D 335 59.70 -57.14 39.58
N ASP D 336 60.81 -56.47 39.29
CA ASP D 336 60.85 -55.03 39.32
C ASP D 336 61.45 -54.55 38.00
N GLY D 337 61.50 -53.24 37.85
CA GLY D 337 61.82 -52.60 36.60
C GLY D 337 60.59 -52.44 35.74
N PRO D 338 60.52 -51.38 34.99
CA PRO D 338 59.42 -51.23 34.04
C PRO D 338 59.63 -52.17 32.87
N CYS D 339 59.16 -53.39 33.05
CA CYS D 339 59.46 -54.50 32.14
C CYS D 339 58.31 -54.78 31.20
N LYS D 340 58.66 -55.22 30.00
CA LYS D 340 57.70 -55.74 29.05
C LYS D 340 57.12 -57.03 29.58
N VAL D 341 55.98 -57.41 29.04
CA VAL D 341 55.44 -58.73 29.33
C VAL D 341 55.10 -59.44 28.04
N PRO D 342 55.39 -60.73 27.92
CA PRO D 342 55.06 -61.45 26.69
C PRO D 342 53.55 -61.62 26.60
N ALA D 343 52.98 -61.19 25.48
CA ALA D 343 51.54 -61.27 25.31
C ALA D 343 51.06 -62.31 24.33
N GLN D 344 51.97 -62.98 23.63
CA GLN D 344 51.56 -63.72 22.43
C GLN D 344 50.49 -64.73 22.79
N MET D 345 49.39 -64.70 22.07
CA MET D 345 48.49 -65.83 22.17
C MET D 345 48.94 -66.96 21.25
N ALA D 346 48.49 -68.18 21.55
CA ALA D 346 49.06 -69.37 20.92
C ALA D 346 47.97 -70.35 20.57
N VAL D 347 48.34 -71.38 19.80
CA VAL D 347 47.43 -72.45 19.47
C VAL D 347 47.80 -73.74 20.21
N ASP D 348 49.00 -74.25 19.99
CA ASP D 348 49.46 -75.35 20.83
C ASP D 348 50.21 -74.81 22.03
N MET D 349 49.98 -75.42 23.19
CA MET D 349 50.79 -75.04 24.35
C MET D 349 52.26 -75.38 24.12
N GLN D 350 52.54 -76.29 23.18
CA GLN D 350 53.93 -76.71 22.97
C GLN D 350 54.82 -75.68 22.32
N THR D 351 54.49 -75.23 21.11
CA THR D 351 55.33 -74.30 20.37
C THR D 351 54.44 -73.09 20.60
N LEU D 352 55.05 -71.93 20.85
CA LEU D 352 54.28 -70.71 21.01
C LEU D 352 53.73 -70.34 19.64
N THR D 353 54.64 -70.03 18.72
CA THR D 353 54.31 -69.70 17.32
C THR D 353 53.22 -68.65 17.43
N PRO D 354 53.55 -67.40 17.71
CA PRO D 354 52.52 -66.39 17.91
C PRO D 354 51.57 -66.33 16.72
N VAL D 355 50.27 -66.40 17.01
CA VAL D 355 49.23 -66.34 15.99
C VAL D 355 48.08 -65.48 16.48
N GLY D 356 47.71 -64.52 15.63
CA GLY D 356 46.64 -63.61 15.92
C GLY D 356 47.31 -62.28 16.18
N ARG D 357 46.62 -61.24 15.71
CA ARG D 357 47.17 -59.88 15.82
C ARG D 357 46.97 -59.38 17.23
N LEU D 358 47.89 -58.58 17.74
CA LEU D 358 47.78 -58.03 19.08
C LEU D 358 47.35 -56.58 18.94
N ILE D 359 46.49 -56.10 19.83
CA ILE D 359 46.04 -54.73 19.71
C ILE D 359 47.01 -53.77 20.37
N THR D 360 47.49 -54.12 21.55
CA THR D 360 48.19 -53.15 22.38
C THR D 360 49.58 -52.84 21.84
N ALA D 361 49.97 -53.46 20.73
CA ALA D 361 51.31 -53.29 20.16
C ALA D 361 52.29 -53.71 21.23
N ASN D 362 53.12 -52.84 21.77
CA ASN D 362 54.00 -53.26 22.85
C ASN D 362 53.36 -53.03 24.21
N PRO D 363 53.07 -54.07 24.96
CA PRO D 363 52.66 -53.90 26.36
C PRO D 363 53.86 -53.61 27.22
N VAL D 364 53.65 -52.89 28.32
CA VAL D 364 54.68 -52.59 29.29
C VAL D 364 54.04 -52.55 30.67
N ILE D 365 54.81 -52.10 31.65
CA ILE D 365 54.38 -52.04 33.04
C ILE D 365 54.91 -50.74 33.66
N THR D 366 54.16 -50.18 34.61
CA THR D 366 54.66 -48.98 35.28
C THR D 366 55.63 -49.33 36.38
N GLU D 367 55.78 -50.62 36.67
CA GLU D 367 56.60 -51.13 37.77
C GLU D 367 56.08 -50.46 39.06
N SER D 368 56.89 -49.64 39.72
CA SER D 368 56.69 -49.34 41.12
C SER D 368 56.71 -50.65 41.89
N THR D 369 55.83 -50.78 42.86
CA THR D 369 55.82 -51.95 43.71
C THR D 369 55.04 -53.07 43.01
N GLU D 370 54.50 -53.98 43.79
CA GLU D 370 53.75 -55.07 43.20
C GLU D 370 52.35 -54.56 42.88
N ASN D 371 52.29 -53.59 41.99
CA ASN D 371 51.01 -53.03 41.53
C ASN D 371 50.52 -53.65 40.21
N SER D 372 51.44 -53.77 39.26
CA SER D 372 51.13 -54.36 37.97
C SER D 372 49.95 -53.64 37.33
N LYS D 373 48.98 -54.43 36.88
CA LYS D 373 47.75 -53.91 36.28
C LYS D 373 47.68 -53.61 34.78
N MET D 374 48.73 -53.86 33.99
CA MET D 374 48.57 -53.59 32.56
C MET D 374 47.16 -53.62 31.88
N MET D 375 46.70 -54.85 31.60
CA MET D 375 45.42 -55.11 30.91
C MET D 375 45.41 -55.16 29.36
N LEU D 376 46.55 -55.39 28.70
CA LEU D 376 46.61 -55.38 27.25
C LEU D 376 45.40 -56.13 26.70
N GLU D 377 45.10 -55.89 25.42
CA GLU D 377 43.96 -56.54 24.77
C GLU D 377 44.35 -57.11 23.43
N LEU D 378 43.68 -58.19 23.04
CA LEU D 378 44.12 -59.08 21.99
C LEU D 378 43.02 -59.30 20.96
N ASP D 379 43.38 -59.92 19.83
CA ASP D 379 42.46 -60.11 18.72
C ASP D 379 42.63 -61.54 18.21
N PRO D 380 42.00 -62.51 18.86
CA PRO D 380 42.35 -63.91 18.65
C PRO D 380 41.92 -64.42 17.29
N PRO D 381 42.47 -65.55 16.85
CA PRO D 381 42.07 -66.13 15.58
C PRO D 381 40.71 -66.78 15.66
N PHE D 382 40.15 -67.11 14.50
CA PHE D 382 38.73 -67.43 14.44
C PHE D 382 38.43 -68.79 15.05
N GLY D 383 39.44 -69.53 15.47
CA GLY D 383 39.24 -70.85 16.07
C GLY D 383 39.33 -70.85 17.59
N ASP D 384 39.81 -71.97 18.11
CA ASP D 384 40.20 -72.04 19.52
C ASP D 384 41.59 -71.47 19.68
N SER D 385 41.86 -70.87 20.83
CA SER D 385 43.16 -70.28 21.08
C SER D 385 43.45 -70.25 22.55
N TYR D 386 44.73 -70.43 22.88
CA TYR D 386 45.23 -70.22 24.23
C TYR D 386 45.86 -68.84 24.29
N ILE D 387 45.38 -68.00 25.19
CA ILE D 387 46.02 -66.73 25.49
C ILE D 387 47.02 -67.02 26.59
N VAL D 388 48.30 -66.84 26.30
CA VAL D 388 49.34 -67.12 27.29
C VAL D 388 50.12 -65.84 27.56
N ILE D 389 49.94 -65.32 28.75
CA ILE D 389 50.75 -64.23 29.28
C ILE D 389 51.74 -64.89 30.23
N GLY D 390 53.02 -64.88 29.85
CA GLY D 390 54.00 -65.53 30.68
C GLY D 390 55.31 -65.67 29.96
N VAL D 391 56.30 -66.20 30.68
CA VAL D 391 57.67 -66.14 30.20
C VAL D 391 58.27 -67.54 30.06
N GLY D 392 58.64 -68.15 31.17
CA GLY D 392 59.35 -69.40 31.16
C GLY D 392 58.36 -70.53 31.33
N GLU D 393 58.79 -71.59 32.00
CA GLU D 393 57.93 -72.75 32.25
C GLU D 393 56.60 -72.40 32.92
N LYS D 394 56.66 -71.58 33.97
CA LYS D 394 55.42 -71.20 34.70
C LYS D 394 55.04 -69.89 33.96
N LYS D 395 53.94 -69.99 33.24
CA LYS D 395 53.50 -68.94 32.33
C LYS D 395 52.04 -69.31 32.47
N ILE D 396 51.19 -68.32 32.64
CA ILE D 396 49.79 -68.58 32.91
C ILE D 396 49.03 -68.38 31.62
N THR D 397 48.03 -69.23 31.38
CA THR D 397 47.35 -69.28 30.09
C THR D 397 45.86 -69.14 30.33
N HIS D 398 45.11 -68.89 29.26
CA HIS D 398 43.67 -68.97 29.30
C HIS D 398 43.11 -69.44 27.96
N HIS D 399 42.18 -70.38 27.98
CA HIS D 399 41.54 -70.87 26.77
C HIS D 399 40.66 -69.76 26.26
N TRP D 400 40.34 -69.75 24.96
CA TRP D 400 39.53 -68.64 24.45
C TRP D 400 38.36 -69.02 23.55
N HIS D 401 38.60 -69.50 22.33
CA HIS D 401 37.54 -69.83 21.37
C HIS D 401 36.72 -68.60 20.98
N ARG D 402 37.34 -67.77 20.11
CA ARG D 402 36.71 -66.53 19.63
C ARG D 402 35.29 -66.78 19.13
N SER D 403 35.07 -67.86 18.39
CA SER D 403 33.77 -68.42 18.01
C SER D 403 33.11 -67.69 16.85
N GLY D 404 33.63 -66.57 16.39
CA GLY D 404 33.16 -65.99 15.16
C GLY D 404 33.89 -66.60 13.97
N SER D 405 33.14 -66.82 12.89
CA SER D 405 33.71 -67.31 11.66
C SER D 405 34.44 -66.15 10.97
N THR D 406 35.32 -66.50 10.03
CA THR D 406 35.99 -65.45 9.28
C THR D 406 35.05 -64.79 8.28
N ILE D 407 34.37 -65.59 7.46
CA ILE D 407 33.47 -64.97 6.49
C ILE D 407 32.36 -64.27 7.26
N GLY D 408 32.09 -64.72 8.49
CA GLY D 408 31.24 -63.95 9.36
C GLY D 408 31.79 -62.57 9.65
N LYS D 409 33.08 -62.49 9.99
CA LYS D 409 33.67 -61.18 10.24
C LYS D 409 33.64 -60.31 9.00
N ALA D 410 33.96 -60.88 7.84
CA ALA D 410 33.92 -60.09 6.62
C ALA D 410 32.50 -59.59 6.40
N PHE D 411 31.51 -60.45 6.54
CA PHE D 411 30.13 -60.02 6.34
C PHE D 411 29.83 -58.96 7.39
N GLU D 412 30.31 -59.15 8.61
CA GLU D 412 30.09 -58.14 9.64
C GLU D 412 30.64 -56.78 9.22
N ALA D 413 31.94 -56.71 8.96
CA ALA D 413 32.49 -55.46 8.46
C ALA D 413 31.83 -54.86 7.23
N THR D 414 31.21 -55.69 6.40
CA THR D 414 30.46 -55.14 5.28
C THR D 414 29.19 -54.48 5.73
N VAL D 415 28.38 -55.16 6.55
CA VAL D 415 27.15 -54.55 7.02
C VAL D 415 27.55 -53.26 7.70
N ARG D 416 28.44 -53.35 8.70
CA ARG D 416 28.88 -52.14 9.38
C ARG D 416 29.30 -51.07 8.38
N GLY D 417 30.12 -51.46 7.41
CA GLY D 417 30.42 -50.56 6.33
C GLY D 417 29.23 -49.92 5.65
N ALA D 418 28.14 -50.67 5.52
CA ALA D 418 26.96 -50.12 4.89
C ALA D 418 26.22 -49.10 5.75
N LYS D 419 26.34 -49.21 7.06
CA LYS D 419 25.73 -48.19 7.90
C LYS D 419 26.55 -46.91 7.92
N ARG D 420 27.87 -47.02 8.08
CA ARG D 420 28.72 -45.85 7.93
C ARG D 420 28.45 -45.22 6.58
N MET D 421 28.23 -46.04 5.56
CA MET D 421 27.98 -45.49 4.24
C MET D 421 26.60 -44.87 4.16
N ALA D 422 25.66 -45.36 4.96
CA ALA D 422 24.31 -44.81 4.92
C ALA D 422 24.22 -43.51 5.69
N VAL D 423 24.82 -43.44 6.87
CA VAL D 423 24.81 -42.20 7.64
C VAL D 423 25.65 -41.11 7.02
N LEU D 424 26.92 -41.40 6.77
CA LEU D 424 27.83 -40.35 6.36
C LEU D 424 27.68 -39.97 4.89
N GLY D 425 26.79 -40.65 4.19
CA GLY D 425 26.59 -40.36 2.78
C GLY D 425 27.84 -40.48 1.93
N ASP D 426 28.22 -39.42 1.27
CA ASP D 426 29.42 -39.41 0.45
C ASP D 426 30.69 -39.48 1.26
N THR D 427 30.62 -39.31 2.58
CA THR D 427 31.81 -39.28 3.41
C THR D 427 32.25 -40.68 3.81
N ALA D 428 31.44 -41.69 3.52
CA ALA D 428 31.88 -43.07 3.70
C ALA D 428 33.20 -43.26 3.00
N TRP D 429 33.19 -43.18 1.69
CA TRP D 429 34.44 -43.05 0.96
C TRP D 429 35.29 -41.98 1.62
N ASP D 430 36.56 -42.31 1.85
CA ASP D 430 37.62 -41.62 2.58
C ASP D 430 37.58 -41.81 4.10
N PHE D 431 36.72 -42.72 4.56
CA PHE D 431 36.56 -42.98 5.98
C PHE D 431 37.81 -43.50 6.69
N GLY D 432 38.53 -44.33 5.92
CA GLY D 432 39.84 -44.90 6.20
C GLY D 432 40.47 -44.78 4.80
N SER D 433 40.76 -43.55 4.38
CA SER D 433 41.27 -43.26 3.02
C SER D 433 42.67 -43.75 2.54
N VAL D 434 43.76 -43.32 3.17
CA VAL D 434 45.06 -43.76 2.59
C VAL D 434 45.42 -43.32 1.18
N GLY D 435 46.41 -43.90 0.50
CA GLY D 435 46.77 -43.51 -0.85
C GLY D 435 46.18 -43.91 -2.21
N GLY D 436 45.27 -44.88 -2.24
CA GLY D 436 44.66 -45.31 -3.49
C GLY D 436 43.81 -44.24 -4.13
N ALA D 437 43.76 -44.16 -5.45
CA ALA D 437 42.96 -43.10 -6.07
C ALA D 437 41.51 -43.55 -6.18
N LEU D 438 41.33 -44.81 -6.54
CA LEU D 438 40.00 -45.40 -6.72
C LEU D 438 39.10 -44.91 -5.58
N ASN D 439 39.69 -44.54 -4.44
CA ASN D 439 38.93 -43.84 -3.41
C ASN D 439 38.36 -42.50 -3.83
N SER D 440 39.23 -41.61 -4.31
CA SER D 440 38.72 -40.38 -4.91
C SER D 440 37.63 -40.62 -5.95
N LEU D 441 37.79 -41.64 -6.78
CA LEU D 441 36.72 -41.99 -7.71
C LEU D 441 35.45 -42.33 -6.96
N GLY D 442 35.59 -42.96 -5.79
CA GLY D 442 34.41 -43.24 -5.00
C GLY D 442 33.69 -41.99 -4.53
N LYS D 443 34.39 -41.11 -3.80
CA LYS D 443 33.76 -39.88 -3.36
C LYS D 443 33.18 -39.11 -4.54
N GLY D 444 33.78 -39.25 -5.71
CA GLY D 444 33.23 -38.59 -6.87
C GLY D 444 31.97 -39.31 -7.29
N ILE D 445 32.07 -40.62 -7.50
CA ILE D 445 30.94 -41.32 -8.10
C ILE D 445 29.71 -41.34 -7.19
N HIS D 446 29.93 -41.75 -5.94
CA HIS D 446 28.92 -41.55 -4.93
C HIS D 446 28.63 -40.14 -4.51
N GLN D 447 29.47 -39.20 -4.94
CA GLN D 447 29.18 -37.80 -4.68
C GLN D 447 28.09 -37.29 -5.60
N ILE D 448 28.12 -37.69 -6.88
CA ILE D 448 27.12 -37.20 -7.81
C ILE D 448 25.83 -37.99 -7.67
N PHE D 449 25.92 -39.31 -7.51
CA PHE D 449 24.70 -40.06 -7.22
C PHE D 449 24.12 -39.67 -5.87
N GLY D 450 24.98 -39.35 -4.89
CA GLY D 450 24.46 -38.93 -3.61
C GLY D 450 23.77 -37.58 -3.72
N ALA D 451 24.45 -36.59 -4.30
CA ALA D 451 23.88 -35.26 -4.40
C ALA D 451 22.58 -35.28 -5.18
N ALA D 452 22.59 -35.87 -6.39
CA ALA D 452 21.37 -35.88 -7.18
C ALA D 452 20.32 -36.76 -6.53
N PHE D 453 20.75 -37.74 -5.75
CA PHE D 453 19.78 -38.59 -5.03
C PHE D 453 19.07 -37.74 -4.00
N LYS D 454 19.83 -37.06 -3.15
CA LYS D 454 19.20 -36.22 -2.14
C LYS D 454 18.43 -35.06 -2.77
N SER D 455 18.88 -34.63 -3.95
CA SER D 455 18.13 -33.61 -4.67
C SER D 455 16.70 -33.88 -5.11
N LEU D 456 16.49 -34.91 -5.93
CA LEU D 456 15.12 -35.26 -6.28
C LEU D 456 14.27 -35.85 -5.16
N PHE D 457 14.90 -36.69 -4.34
CA PHE D 457 14.16 -37.22 -3.22
C PHE D 457 14.34 -36.27 -2.05
N GLY D 458 15.39 -36.49 -1.26
CA GLY D 458 15.48 -35.80 0.02
C GLY D 458 14.18 -36.06 0.73
N GLY D 459 13.81 -35.21 1.69
CA GLY D 459 12.40 -34.98 1.99
C GLY D 459 11.45 -36.15 2.01
N MET D 460 11.91 -37.34 2.37
CA MET D 460 11.09 -38.51 2.23
C MET D 460 11.05 -39.18 3.60
N SER D 461 9.87 -39.33 4.16
CA SER D 461 9.70 -39.88 5.49
C SER D 461 9.97 -41.38 5.49
N TRP D 462 9.75 -42.02 6.62
CA TRP D 462 9.98 -43.45 6.73
C TRP D 462 9.08 -44.23 5.77
N PHE D 463 7.77 -44.09 5.91
CA PHE D 463 6.88 -44.81 5.00
C PHE D 463 7.00 -44.32 3.58
N SER D 464 7.37 -43.06 3.40
CA SER D 464 7.55 -42.56 2.04
C SER D 464 8.63 -43.36 1.33
N GLN D 465 9.76 -43.58 1.99
CA GLN D 465 10.86 -44.27 1.35
C GLN D 465 10.68 -45.77 1.35
N ILE D 466 10.03 -46.33 2.36
CA ILE D 466 9.72 -47.76 2.26
C ILE D 466 8.72 -47.99 1.14
N LEU D 467 7.60 -47.28 1.17
CA LEU D 467 6.63 -47.41 0.08
C LEU D 467 7.31 -47.22 -1.26
N ILE D 468 7.71 -45.99 -1.59
CA ILE D 468 8.30 -45.74 -2.89
C ILE D 468 9.43 -46.71 -3.18
N GLY D 469 10.08 -47.20 -2.12
CA GLY D 469 10.98 -48.32 -2.29
C GLY D 469 10.38 -49.52 -2.99
N THR D 470 9.23 -49.99 -2.51
CA THR D 470 8.63 -51.16 -3.14
C THR D 470 7.92 -50.81 -4.44
N LEU D 471 7.52 -49.57 -4.60
CA LEU D 471 6.92 -49.19 -5.87
C LEU D 471 8.00 -49.31 -6.92
N LEU D 472 9.20 -48.79 -6.61
CA LEU D 472 10.33 -48.99 -7.50
C LEU D 472 10.80 -50.42 -7.70
N MET D 473 10.56 -51.30 -6.73
CA MET D 473 10.99 -52.68 -6.90
C MET D 473 9.94 -53.54 -7.62
N TRP D 474 8.68 -53.08 -7.59
CA TRP D 474 7.66 -53.76 -8.37
C TRP D 474 7.85 -53.28 -9.80
N LEU D 475 8.20 -52.01 -9.97
CA LEU D 475 8.77 -51.59 -11.23
C LEU D 475 10.13 -52.24 -11.46
N GLY D 476 10.68 -52.81 -10.40
CA GLY D 476 11.98 -53.48 -10.47
C GLY D 476 11.88 -54.67 -11.40
N LEU D 477 10.80 -55.42 -11.27
CA LEU D 477 10.61 -56.58 -12.14
C LEU D 477 9.19 -56.60 -12.68
N ASN D 478 8.85 -55.61 -13.50
CA ASN D 478 7.52 -55.53 -14.07
C ASN D 478 7.47 -55.68 -15.59
N THR D 479 8.29 -54.90 -16.28
CA THR D 479 8.28 -54.93 -17.75
C THR D 479 9.52 -54.39 -18.46
N LYS D 480 9.52 -54.61 -19.77
CA LYS D 480 10.53 -54.16 -20.73
C LYS D 480 12.01 -54.57 -20.69
N ASN D 481 12.87 -53.57 -20.84
CA ASN D 481 14.30 -53.71 -21.00
C ASN D 481 14.99 -53.98 -19.67
N GLY D 482 16.18 -54.54 -19.75
CA GLY D 482 17.08 -54.76 -18.64
C GLY D 482 17.89 -53.54 -18.26
N SER D 483 17.51 -52.36 -18.73
CA SER D 483 18.20 -51.14 -18.35
C SER D 483 17.40 -50.32 -17.35
N ILE D 484 16.36 -49.63 -17.80
CA ILE D 484 15.59 -48.79 -16.90
C ILE D 484 15.00 -49.58 -15.74
N SER D 485 14.45 -50.76 -16.05
CA SER D 485 13.97 -51.63 -15.00
C SER D 485 15.12 -51.88 -14.03
N LEU D 486 16.34 -51.98 -14.56
CA LEU D 486 17.47 -52.25 -13.69
C LEU D 486 17.78 -51.06 -12.79
N MET D 487 17.76 -49.85 -13.33
CA MET D 487 18.09 -48.70 -12.49
C MET D 487 16.97 -48.38 -11.53
N CYS D 488 15.72 -48.58 -11.94
CA CYS D 488 14.63 -48.44 -10.97
C CYS D 488 14.77 -49.44 -9.85
N LEU D 489 15.06 -50.70 -10.18
CA LEU D 489 15.32 -51.69 -9.13
C LEU D 489 16.48 -51.26 -8.26
N ALA D 490 17.46 -50.58 -8.84
CA ALA D 490 18.60 -50.12 -8.05
C ALA D 490 18.15 -49.05 -7.07
N LEU D 491 17.49 -48.00 -7.57
CA LEU D 491 16.98 -46.98 -6.65
C LEU D 491 16.17 -47.61 -5.54
N GLY D 492 15.17 -48.41 -5.89
CA GLY D 492 14.41 -49.12 -4.87
C GLY D 492 15.27 -49.83 -3.85
N GLY D 493 16.32 -50.51 -4.33
CA GLY D 493 17.27 -51.10 -3.41
C GLY D 493 17.87 -50.09 -2.46
N VAL D 494 18.19 -48.91 -2.95
CA VAL D 494 18.85 -47.94 -2.09
C VAL D 494 17.88 -47.43 -1.02
N LEU D 495 16.63 -47.16 -1.41
CA LEU D 495 15.68 -46.65 -0.42
C LEU D 495 15.36 -47.71 0.62
N ILE D 496 14.86 -48.86 0.18
CA ILE D 496 14.56 -49.93 1.12
C ILE D 496 15.75 -50.18 2.01
N PHE D 497 16.93 -50.26 1.40
CA PHE D 497 18.15 -50.48 2.17
C PHE D 497 18.41 -49.35 3.16
N LEU D 498 17.96 -48.15 2.83
CA LEU D 498 18.25 -47.01 3.68
C LEU D 498 17.28 -46.95 4.85
N SER D 499 16.08 -47.49 4.68
CA SER D 499 15.18 -47.62 5.80
C SER D 499 15.57 -48.78 6.70
N THR D 500 15.86 -49.93 6.09
CA THR D 500 16.38 -51.08 6.83
C THR D 500 17.57 -50.70 7.70
N ALA D 501 18.51 -49.94 7.15
CA ALA D 501 19.63 -49.47 7.95
C ALA D 501 19.02 -48.52 8.96
N VAL D 502 19.71 -48.31 10.07
CA VAL D 502 19.22 -47.39 11.09
C VAL D 502 17.91 -47.91 11.66
N SER D 503 17.65 -49.21 11.47
CA SER D 503 16.44 -49.82 12.02
C SER D 503 16.35 -49.70 13.53
N ALA D 504 17.47 -49.90 14.23
CA ALA D 504 17.55 -49.59 15.64
C ALA D 504 18.14 -48.19 15.79
N ALA E 1 -2.39 -24.77 12.87
CA ALA E 1 -3.28 -25.92 12.74
C ALA E 1 -2.62 -26.70 11.64
N VAL E 2 -1.80 -26.03 10.82
CA VAL E 2 -1.18 -26.68 9.65
C VAL E 2 0.14 -27.44 9.83
N THR E 3 0.74 -27.39 11.00
CA THR E 3 2.00 -28.07 11.25
C THR E 3 2.17 -29.54 11.63
N LEU E 4 2.62 -30.26 10.62
CA LEU E 4 3.08 -31.65 10.65
C LEU E 4 4.60 -31.64 10.26
N PRO E 5 5.29 -30.54 10.45
CA PRO E 5 6.70 -30.42 10.00
C PRO E 5 7.78 -31.31 10.64
N SER E 6 8.91 -31.54 9.99
CA SER E 6 10.07 -32.27 10.61
C SER E 6 10.40 -33.80 10.43
N HIS E 7 9.44 -34.63 10.03
CA HIS E 7 9.67 -36.05 9.71
C HIS E 7 9.79 -36.35 8.21
N SER E 8 8.93 -35.68 7.46
CA SER E 8 8.78 -35.76 6.01
C SER E 8 9.56 -34.66 5.31
N THR E 9 9.46 -33.42 5.80
CA THR E 9 10.19 -32.32 5.17
C THR E 9 11.69 -32.58 5.06
N ARG E 10 12.31 -32.99 6.17
CA ARG E 10 13.71 -33.27 6.29
C ARG E 10 14.29 -33.83 7.56
N LYS E 11 14.91 -35.00 7.52
CA LYS E 11 15.63 -35.49 8.68
C LYS E 11 17.08 -35.53 8.98
N LEU E 12 17.44 -35.44 10.26
CA LEU E 12 18.83 -35.56 10.68
C LEU E 12 19.17 -37.04 10.73
N GLN E 13 20.26 -37.41 10.07
CA GLN E 13 20.74 -38.78 10.06
C GLN E 13 22.06 -38.78 10.80
N THR E 14 22.11 -39.52 11.89
CA THR E 14 23.31 -39.61 12.72
C THR E 14 23.27 -40.86 13.57
N ARG E 15 24.41 -41.21 14.15
CA ARG E 15 24.45 -42.39 14.99
C ARG E 15 23.92 -41.96 16.35
N SER E 16 22.64 -41.61 16.39
CA SER E 16 21.99 -41.19 17.62
C SER E 16 20.62 -41.67 17.19
N GLN E 17 19.74 -41.87 18.16
CA GLN E 17 18.33 -41.96 17.67
C GLN E 17 18.01 -40.50 17.62
N THR E 18 17.09 -40.21 16.68
CA THR E 18 16.45 -38.92 16.43
C THR E 18 15.29 -38.73 17.43
N TRP E 19 14.64 -37.57 17.44
CA TRP E 19 13.62 -37.40 18.48
C TRP E 19 12.79 -38.56 19.02
N LEU E 20 11.67 -38.86 18.36
CA LEU E 20 10.81 -39.94 18.79
C LEU E 20 10.79 -41.16 17.87
N GLU E 21 11.95 -41.35 17.24
CA GLU E 21 12.19 -42.37 16.22
C GLU E 21 11.72 -43.72 16.72
N SER E 22 11.67 -43.88 18.04
CA SER E 22 11.11 -45.07 18.65
C SER E 22 9.63 -45.08 18.27
N ARG E 23 9.05 -43.88 18.31
CA ARG E 23 7.69 -43.66 17.91
C ARG E 23 7.71 -42.85 16.61
N GLU E 24 7.15 -43.44 15.58
CA GLU E 24 7.02 -42.92 14.31
C GLU E 24 6.66 -43.93 13.28
N TYR E 25 7.60 -44.83 13.03
CA TYR E 25 7.40 -45.99 12.18
C TYR E 25 5.97 -46.36 12.48
N THR E 26 5.64 -46.42 13.76
CA THR E 26 4.27 -46.75 14.13
C THR E 26 3.25 -45.66 14.40
N LYS E 27 3.61 -44.40 14.16
CA LYS E 27 2.68 -43.29 14.24
C LYS E 27 2.44 -42.65 12.78
N HIS E 28 2.53 -43.60 11.87
CA HIS E 28 2.37 -43.39 10.45
C HIS E 28 1.63 -44.61 10.03
N LEU E 29 1.77 -45.70 10.80
CA LEU E 29 1.02 -46.89 10.43
C LEU E 29 -0.33 -47.11 11.08
N ILE E 30 -0.37 -46.98 12.41
CA ILE E 30 -1.59 -47.23 13.17
C ILE E 30 -2.78 -46.32 12.83
N ARG E 31 -2.52 -45.04 12.59
CA ARG E 31 -3.58 -44.08 12.28
C ARG E 31 -4.32 -44.46 10.99
N VAL E 32 -3.56 -44.87 9.98
CA VAL E 32 -4.11 -45.30 8.71
C VAL E 32 -4.86 -46.61 8.85
N GLU E 33 -4.29 -47.51 9.64
CA GLU E 33 -4.83 -48.84 9.88
C GLU E 33 -6.05 -48.58 10.77
N ASN E 34 -5.89 -47.74 11.78
CA ASN E 34 -7.03 -47.35 12.59
C ASN E 34 -8.13 -46.78 11.70
N TRP E 35 -7.80 -45.78 10.91
CA TRP E 35 -8.85 -45.13 10.14
C TRP E 35 -9.51 -46.10 9.16
N ILE E 36 -8.77 -47.11 8.69
CA ILE E 36 -9.43 -48.11 7.86
C ILE E 36 -10.24 -49.06 8.73
N PHE E 37 -9.85 -49.24 9.98
CA PHE E 37 -10.68 -50.05 10.87
C PHE E 37 -12.05 -49.44 11.02
N ARG E 38 -12.12 -48.13 11.21
CA ARG E 38 -13.41 -47.48 11.07
C ARG E 38 -13.79 -47.46 9.61
N ASN E 39 -15.06 -47.26 9.34
CA ASN E 39 -15.63 -47.05 8.01
C ASN E 39 -14.90 -47.80 6.89
N PRO E 40 -14.85 -49.12 6.94
CA PRO E 40 -14.27 -49.88 5.82
C PRO E 40 -15.05 -49.73 4.54
N GLY E 41 -16.31 -49.30 4.61
CA GLY E 41 -17.06 -49.06 3.39
C GLY E 41 -16.27 -48.25 2.39
N PHE E 42 -15.51 -47.28 2.88
CA PHE E 42 -14.62 -46.55 1.99
C PHE E 42 -13.59 -47.47 1.36
N ALA E 43 -13.19 -48.53 2.06
CA ALA E 43 -12.29 -49.49 1.42
C ALA E 43 -13.11 -50.21 0.37
N LEU E 44 -14.38 -50.47 0.65
CA LEU E 44 -15.22 -51.07 -0.39
C LEU E 44 -15.24 -50.23 -1.67
N ALA E 45 -15.81 -49.04 -1.58
CA ALA E 45 -15.89 -48.19 -2.77
C ALA E 45 -14.55 -47.85 -3.42
N ALA E 46 -13.56 -47.48 -2.61
CA ALA E 46 -12.23 -47.23 -3.14
C ALA E 46 -11.73 -48.41 -3.96
N ALA E 47 -11.92 -49.63 -3.43
CA ALA E 47 -11.60 -50.81 -4.23
C ALA E 47 -12.32 -50.78 -5.56
N ALA E 48 -13.56 -50.29 -5.60
CA ALA E 48 -14.25 -50.22 -6.88
C ALA E 48 -13.58 -49.25 -7.85
N ILE E 49 -13.49 -47.98 -7.47
CA ILE E 49 -13.04 -46.97 -8.42
C ILE E 49 -11.61 -47.25 -8.86
N ALA E 50 -10.89 -48.03 -8.06
CA ALA E 50 -9.61 -48.50 -8.55
C ALA E 50 -9.84 -49.62 -9.56
N TRP E 51 -10.66 -50.59 -9.21
CA TRP E 51 -10.76 -51.82 -9.99
C TRP E 51 -11.29 -51.59 -11.40
N LEU E 52 -12.02 -50.50 -11.61
CA LEU E 52 -12.47 -50.24 -12.97
C LEU E 52 -11.68 -49.31 -13.87
N LEU E 53 -10.52 -48.82 -13.42
CA LEU E 53 -9.72 -47.89 -14.22
C LEU E 53 -8.32 -48.52 -14.36
N GLY E 54 -7.92 -48.73 -15.62
CA GLY E 54 -6.65 -49.32 -15.96
C GLY E 54 -6.54 -50.81 -16.23
N SER E 55 -7.28 -51.64 -15.50
CA SER E 55 -7.50 -53.06 -15.80
C SER E 55 -6.27 -53.88 -16.16
N SER E 56 -5.13 -53.66 -15.52
CA SER E 56 -4.01 -54.57 -15.70
C SER E 56 -3.88 -55.60 -14.59
N THR E 57 -4.76 -55.57 -13.59
CA THR E 57 -4.67 -56.41 -12.40
C THR E 57 -3.41 -56.06 -11.62
N SER E 58 -2.60 -55.15 -12.16
CA SER E 58 -1.45 -54.61 -11.46
C SER E 58 -1.60 -53.12 -11.25
N GLN E 59 -1.64 -52.34 -12.34
CA GLN E 59 -1.97 -50.93 -12.21
C GLN E 59 -3.14 -50.52 -11.33
N LYS E 60 -4.23 -51.29 -11.37
CA LYS E 60 -5.25 -51.11 -10.34
C LYS E 60 -4.91 -51.45 -8.87
N VAL E 61 -4.09 -52.48 -8.70
CA VAL E 61 -3.65 -52.86 -7.36
C VAL E 61 -2.96 -51.60 -6.86
N ILE E 62 -2.07 -51.04 -7.66
CA ILE E 62 -1.42 -49.80 -7.28
C ILE E 62 -2.51 -48.77 -7.01
N TYR E 63 -3.58 -48.77 -7.81
CA TYR E 63 -4.63 -47.81 -7.51
C TYR E 63 -5.38 -48.16 -6.23
N LEU E 64 -5.55 -49.45 -5.90
CA LEU E 64 -6.14 -49.77 -4.61
C LEU E 64 -5.29 -49.26 -3.47
N VAL E 65 -4.04 -49.71 -3.40
CA VAL E 65 -3.24 -49.39 -2.22
C VAL E 65 -2.99 -47.89 -2.17
N MET E 66 -2.88 -47.25 -3.33
CA MET E 66 -2.67 -45.82 -3.32
C MET E 66 -3.90 -45.08 -2.81
N ILE E 67 -5.07 -45.37 -3.38
CA ILE E 67 -6.24 -44.63 -2.93
C ILE E 67 -6.52 -44.93 -1.47
N LEU E 68 -6.23 -46.13 -1.01
CA LEU E 68 -6.37 -46.41 0.42
C LEU E 68 -5.35 -45.65 1.24
N LEU E 69 -4.19 -45.32 0.65
CA LEU E 69 -3.23 -44.56 1.44
C LEU E 69 -3.46 -43.07 1.42
N ILE E 70 -4.17 -42.52 0.43
CA ILE E 70 -4.18 -41.07 0.37
C ILE E 70 -5.20 -40.49 1.34
N ALA E 71 -6.28 -41.19 1.64
CA ALA E 71 -7.31 -40.63 2.51
C ALA E 71 -7.64 -41.54 3.68
N PRO E 72 -6.63 -42.02 4.41
CA PRO E 72 -6.74 -42.04 5.86
C PRO E 72 -6.41 -40.69 6.44
N ALA E 73 -5.51 -39.97 5.78
CA ALA E 73 -5.05 -38.67 6.20
C ALA E 73 -5.86 -37.80 5.27
N TYR E 74 -6.60 -38.41 4.35
CA TYR E 74 -7.44 -37.66 3.42
C TYR E 74 -6.79 -36.38 2.88
N SER E 75 -5.53 -36.50 2.48
CA SER E 75 -4.78 -35.37 1.91
C SER E 75 -3.45 -35.83 1.33
N ALA F 1 -6.47 16.17 -19.57
CA ALA F 1 -5.81 15.18 -18.73
C ALA F 1 -5.71 14.04 -19.69
N VAL F 2 -6.12 12.85 -19.24
CA VAL F 2 -6.03 11.66 -20.05
C VAL F 2 -4.58 11.53 -20.52
N THR F 3 -3.64 11.67 -19.58
CA THR F 3 -2.24 11.54 -19.89
C THR F 3 -2.09 10.16 -20.49
N LEU F 4 -1.82 10.10 -21.79
CA LEU F 4 -1.75 8.80 -22.45
C LEU F 4 -0.43 8.10 -22.13
N PRO F 5 0.73 8.70 -22.34
CA PRO F 5 1.94 7.88 -22.49
C PRO F 5 2.29 7.12 -21.22
N SER F 6 2.52 5.83 -21.38
CA SER F 6 3.09 5.00 -20.32
C SER F 6 4.56 4.76 -20.59
N HIS F 7 5.40 5.32 -19.74
CA HIS F 7 6.82 5.42 -20.06
C HIS F 7 7.39 4.03 -20.27
N SER F 8 6.68 3.00 -19.83
CA SER F 8 7.22 1.65 -19.98
C SER F 8 7.23 1.16 -21.40
N THR F 9 6.54 1.84 -22.31
CA THR F 9 6.63 1.45 -23.71
C THR F 9 8.02 1.74 -24.24
N ARG F 10 8.78 2.52 -23.48
CA ARG F 10 10.18 2.84 -23.71
C ARG F 10 11.06 2.27 -22.58
N LYS F 11 10.88 2.82 -21.40
CA LYS F 11 11.63 2.59 -20.15
C LYS F 11 13.09 2.84 -20.46
N LEU F 12 13.96 2.26 -19.66
CA LEU F 12 15.39 2.30 -19.90
C LEU F 12 15.91 1.06 -19.22
N GLN F 13 16.91 0.43 -19.80
CA GLN F 13 17.44 -0.79 -19.20
C GLN F 13 18.75 -0.45 -18.52
N THR F 14 18.79 -0.57 -17.20
CA THR F 14 20.00 -0.31 -16.47
C THR F 14 20.19 -1.06 -15.16
N ARG F 15 21.45 -1.24 -14.77
CA ARG F 15 21.72 -2.00 -13.53
C ARG F 15 20.71 -1.68 -12.39
N SER F 16 20.75 -0.42 -11.96
CA SER F 16 19.76 0.04 -11.00
C SER F 16 18.28 -0.05 -11.30
N GLN F 17 17.49 -0.16 -10.24
CA GLN F 17 16.06 -0.42 -10.40
C GLN F 17 15.37 0.82 -10.97
N THR F 18 14.44 0.60 -11.88
CA THR F 18 13.67 1.68 -12.45
C THR F 18 12.63 2.14 -11.43
N TRP F 19 11.75 3.06 -11.86
CA TRP F 19 10.84 3.69 -10.92
C TRP F 19 9.90 2.71 -10.20
N LEU F 20 8.89 2.22 -10.92
CA LEU F 20 7.93 1.28 -10.34
C LEU F 20 7.88 0.01 -11.17
N GLU F 21 8.97 -0.75 -11.15
CA GLU F 21 9.06 -1.98 -11.91
C GLU F 21 8.21 -3.10 -11.31
N SER F 22 8.18 -3.18 -9.98
CA SER F 22 7.41 -4.21 -9.30
C SER F 22 5.95 -3.79 -9.34
N ARG F 23 5.67 -2.66 -8.67
CA ARG F 23 4.34 -2.08 -8.69
C ARG F 23 3.72 -2.12 -10.09
N GLU F 24 4.56 -1.82 -11.07
CA GLU F 24 4.16 -1.94 -12.47
C GLU F 24 3.56 -3.25 -12.97
N TYR F 25 4.35 -4.32 -13.04
CA TYR F 25 3.77 -5.51 -13.66
C TYR F 25 2.61 -6.08 -12.84
N THR F 26 2.79 -6.27 -11.55
CA THR F 26 1.75 -6.99 -10.79
C THR F 26 0.49 -6.22 -11.08
N LYS F 27 0.67 -4.91 -11.18
CA LYS F 27 -0.43 -3.96 -11.39
C LYS F 27 -1.17 -4.18 -12.69
N HIS F 28 -0.42 -4.47 -13.75
CA HIS F 28 -1.00 -4.70 -15.05
C HIS F 28 -1.93 -5.90 -15.00
N LEU F 29 -1.53 -6.92 -14.24
CA LEU F 29 -2.31 -8.14 -14.15
C LEU F 29 -3.48 -7.89 -13.21
N ILE F 30 -3.23 -7.23 -12.08
CA ILE F 30 -4.32 -7.11 -11.14
C ILE F 30 -5.39 -6.18 -11.70
N ARG F 31 -5.01 -5.26 -12.59
CA ARG F 31 -6.07 -4.57 -13.32
C ARG F 31 -6.96 -5.49 -14.13
N VAL F 32 -6.38 -6.35 -14.96
CA VAL F 32 -7.22 -7.26 -15.73
C VAL F 32 -8.14 -8.09 -14.84
N GLU F 33 -7.60 -8.70 -13.78
CA GLU F 33 -8.44 -9.51 -12.92
C GLU F 33 -9.72 -8.91 -12.36
N ASN F 34 -9.62 -7.86 -11.56
CA ASN F 34 -10.86 -7.29 -11.03
C ASN F 34 -11.62 -6.38 -12.12
N TRP F 35 -11.11 -6.60 -13.33
CA TRP F 35 -11.94 -6.22 -14.46
C TRP F 35 -12.84 -7.44 -14.61
N ILE F 36 -12.25 -8.61 -14.83
CA ILE F 36 -13.11 -9.73 -15.22
C ILE F 36 -13.88 -10.23 -14.02
N PHE F 37 -13.38 -9.99 -12.81
CA PHE F 37 -14.17 -10.36 -11.63
C PHE F 37 -15.51 -9.63 -11.59
N ARG F 38 -15.60 -8.46 -12.21
CA ARG F 38 -16.86 -7.72 -12.26
C ARG F 38 -17.72 -7.94 -13.50
N ASN F 39 -17.28 -8.73 -14.46
CA ASN F 39 -18.05 -8.98 -15.68
C ASN F 39 -17.85 -10.39 -16.18
N PRO F 40 -18.29 -11.38 -15.42
CA PRO F 40 -18.23 -12.75 -15.94
C PRO F 40 -19.02 -12.93 -17.22
N GLY F 41 -20.12 -12.19 -17.34
CA GLY F 41 -20.90 -12.25 -18.57
C GLY F 41 -20.03 -12.07 -19.79
N PHE F 42 -19.13 -11.09 -19.74
CA PHE F 42 -18.28 -10.88 -20.91
C PHE F 42 -17.37 -12.07 -21.13
N ALA F 43 -17.11 -12.86 -20.09
CA ALA F 43 -16.40 -14.11 -20.33
C ALA F 43 -17.27 -15.08 -21.10
N LEU F 44 -18.58 -15.07 -20.84
CA LEU F 44 -19.45 -15.90 -21.68
C LEU F 44 -19.44 -15.43 -23.13
N ALA F 45 -19.76 -14.15 -23.36
CA ALA F 45 -19.84 -13.67 -24.73
C ALA F 45 -18.51 -13.83 -25.45
N ALA F 46 -17.43 -13.39 -24.82
CA ALA F 46 -16.11 -13.57 -25.42
C ALA F 46 -15.85 -15.04 -25.72
N ALA F 47 -16.29 -15.92 -24.83
CA ALA F 47 -16.11 -17.35 -25.09
C ALA F 47 -16.79 -17.75 -26.39
N ALA F 48 -18.08 -17.50 -26.50
CA ALA F 48 -18.81 -17.94 -27.68
C ALA F 48 -18.24 -17.28 -28.94
N ILE F 49 -17.92 -15.99 -28.88
CA ILE F 49 -17.37 -15.32 -30.05
C ILE F 49 -16.07 -15.98 -30.48
N ALA F 50 -15.10 -16.05 -29.59
CA ALA F 50 -13.81 -16.62 -29.93
C ALA F 50 -13.98 -18.03 -30.49
N TRP F 51 -14.71 -18.89 -29.78
CA TRP F 51 -14.90 -20.24 -30.26
C TRP F 51 -15.66 -20.31 -31.58
N LEU F 52 -16.15 -19.18 -32.07
CA LEU F 52 -16.82 -19.16 -33.37
C LEU F 52 -15.88 -18.84 -34.53
N LEU F 53 -14.64 -18.43 -34.25
CA LEU F 53 -13.70 -18.05 -35.30
C LEU F 53 -12.51 -18.99 -35.28
N GLY F 54 -12.10 -19.45 -36.46
CA GLY F 54 -10.83 -20.11 -36.65
C GLY F 54 -10.91 -21.62 -36.75
N SER F 55 -11.90 -22.24 -36.12
CA SER F 55 -12.22 -23.66 -36.31
C SER F 55 -11.09 -24.60 -35.90
N SER F 56 -9.93 -24.04 -35.58
CA SER F 56 -8.69 -24.79 -35.49
C SER F 56 -8.33 -25.23 -34.08
N THR F 57 -9.27 -25.13 -33.14
CA THR F 57 -8.95 -25.53 -31.77
C THR F 57 -8.23 -24.46 -30.94
N SER F 58 -6.90 -24.52 -30.95
CA SER F 58 -6.06 -23.64 -30.14
C SER F 58 -6.10 -22.12 -30.39
N GLN F 59 -6.11 -21.68 -31.65
CA GLN F 59 -6.14 -20.25 -31.89
C GLN F 59 -7.43 -19.75 -31.19
N LYS F 60 -8.44 -20.60 -31.21
CA LYS F 60 -9.75 -20.38 -30.57
C LYS F 60 -9.20 -19.76 -29.30
N VAL F 61 -8.42 -20.53 -28.56
CA VAL F 61 -7.91 -20.06 -27.27
C VAL F 61 -7.12 -18.77 -27.46
N ILE F 62 -6.42 -18.64 -28.58
CA ILE F 62 -5.77 -17.38 -28.86
C ILE F 62 -6.80 -16.26 -28.99
N TYR F 63 -7.93 -16.54 -29.64
CA TYR F 63 -8.95 -15.50 -29.69
C TYR F 63 -9.46 -15.15 -28.30
N LEU F 64 -9.70 -16.15 -27.44
CA LEU F 64 -10.12 -15.83 -26.08
C LEU F 64 -9.10 -14.99 -25.35
N VAL F 65 -7.82 -15.28 -25.54
CA VAL F 65 -6.80 -14.47 -24.87
C VAL F 65 -6.83 -13.05 -25.40
N MET F 66 -6.85 -12.90 -26.72
CA MET F 66 -6.90 -11.57 -27.31
C MET F 66 -8.10 -10.79 -26.77
N ILE F 67 -9.27 -11.41 -26.73
CA ILE F 67 -10.48 -10.68 -26.40
C ILE F 67 -10.55 -10.38 -24.92
N LEU F 68 -10.25 -11.36 -24.07
CA LEU F 68 -10.24 -11.09 -22.65
C LEU F 68 -9.22 -10.01 -22.31
N LEU F 69 -8.12 -9.94 -23.05
CA LEU F 69 -7.13 -8.92 -22.74
C LEU F 69 -7.38 -7.52 -23.25
N ILE F 70 -8.16 -7.38 -24.32
CA ILE F 70 -8.38 -6.05 -24.89
C ILE F 70 -9.58 -5.32 -24.27
N ALA F 71 -10.50 -6.10 -23.70
CA ALA F 71 -11.75 -5.53 -23.22
C ALA F 71 -11.43 -4.60 -22.07
N PRO F 72 -10.81 -5.08 -20.99
CA PRO F 72 -10.48 -4.17 -19.88
C PRO F 72 -9.41 -3.08 -20.13
N ALA F 73 -8.27 -3.45 -20.71
CA ALA F 73 -7.17 -2.51 -20.98
C ALA F 73 -7.21 -1.25 -21.85
N TYR F 74 -7.78 -1.43 -23.04
CA TYR F 74 -8.01 -0.39 -24.03
C TYR F 74 -9.49 -0.55 -24.36
N SER F 75 -10.25 0.54 -24.24
CA SER F 75 -11.68 0.51 -24.53
C SER F 75 -12.48 1.14 -23.38
N GLU G 1 47.17 20.43 10.89
CA GLU G 1 46.44 19.25 10.42
C GLU G 1 44.94 19.48 10.47
N VAL G 2 44.19 18.38 10.60
CA VAL G 2 42.75 18.49 10.82
C VAL G 2 42.48 19.34 12.03
N GLN G 3 41.65 20.37 11.87
CA GLN G 3 41.40 21.33 12.94
C GLN G 3 39.90 21.54 12.98
N LEU G 4 39.32 21.42 14.17
CA LEU G 4 37.94 21.80 14.41
C LEU G 4 38.12 22.63 15.68
N VAL G 5 37.36 23.70 15.81
CA VAL G 5 37.25 24.51 17.00
C VAL G 5 35.87 25.10 17.01
N GLU G 6 35.40 25.60 18.13
CA GLU G 6 34.04 26.13 18.14
C GLU G 6 33.92 27.28 19.10
N SER G 7 32.69 27.69 19.36
CA SER G 7 32.49 28.80 20.27
C SER G 7 32.99 28.40 21.66
N GLY G 8 33.52 29.38 22.38
CA GLY G 8 34.14 29.13 23.67
C GLY G 8 33.12 28.96 24.79
N ALA G 9 33.61 29.13 26.01
CA ALA G 9 32.76 29.02 27.18
C ALA G 9 31.56 29.95 27.07
N GLU G 10 30.39 29.45 27.45
CA GLU G 10 29.14 30.16 27.22
C GLU G 10 28.12 29.73 28.25
N VAL G 11 27.16 30.61 28.55
CA VAL G 11 26.15 30.37 29.58
C VAL G 11 24.81 30.82 29.02
N LYS G 12 23.74 30.09 29.36
CA LYS G 12 22.39 30.46 29.00
C LYS G 12 21.40 30.27 30.13
N LYS G 13 20.37 31.11 30.15
CA LYS G 13 19.31 31.00 31.12
C LYS G 13 18.43 29.79 30.83
N PRO G 14 17.80 29.21 31.85
CA PRO G 14 16.91 28.06 31.62
C PRO G 14 15.81 28.48 30.67
N GLY G 15 15.61 27.67 29.62
CA GLY G 15 14.66 27.98 28.59
C GLY G 15 15.21 28.72 27.41
N ALA G 16 16.49 29.12 27.45
CA ALA G 16 17.10 29.83 26.35
C ALA G 16 17.46 28.84 25.24
N SER G 17 18.19 29.30 24.23
CA SER G 17 18.62 28.45 23.13
C SER G 17 20.08 28.71 22.82
N VAL G 18 20.89 27.66 22.88
CA VAL G 18 22.31 27.74 22.58
C VAL G 18 22.48 27.55 21.07
N LYS G 19 23.45 28.25 20.50
CA LYS G 19 23.88 28.00 19.13
C LYS G 19 25.38 27.79 19.16
N VAL G 20 25.82 26.58 18.82
CA VAL G 20 27.24 26.26 18.80
C VAL G 20 27.68 26.14 17.36
N SER G 21 28.86 26.67 17.07
CA SER G 21 29.44 26.63 15.74
C SER G 21 30.56 25.60 15.72
N CYS G 22 30.65 24.87 14.61
CA CYS G 22 31.79 23.98 14.37
C CYS G 22 32.47 24.43 13.09
N LYS G 23 33.67 24.98 13.21
CA LYS G 23 34.43 25.47 12.08
C LYS G 23 35.49 24.45 11.71
N ALA G 24 35.26 23.75 10.60
CA ALA G 24 36.12 22.66 10.18
C ALA G 24 37.32 23.25 9.46
N SER G 25 38.51 22.88 9.91
CA SER G 25 39.74 23.39 9.33
C SER G 25 40.74 22.26 9.15
N GLY G 26 41.59 22.42 8.16
CA GLY G 26 42.68 21.50 7.95
C GLY G 26 42.36 20.25 7.16
N TYR G 27 41.12 20.10 6.67
CA TYR G 27 40.82 18.99 5.78
C TYR G 27 39.80 19.47 4.76
N THR G 28 39.38 18.55 3.91
CA THR G 28 38.43 18.89 2.87
C THR G 28 37.02 18.66 3.37
N PHE G 29 36.25 19.73 3.52
CA PHE G 29 34.86 19.59 3.94
C PHE G 29 34.06 18.90 2.83
N THR G 30 34.71 17.99 2.10
CA THR G 30 34.06 17.26 1.01
C THR G 30 33.20 16.10 1.51
N SER G 31 33.70 14.87 1.38
CA SER G 31 32.98 13.69 1.87
C SER G 31 32.80 13.96 3.35
N TYR G 32 32.38 15.19 3.60
CA TYR G 32 32.19 15.75 4.93
C TYR G 32 31.71 14.66 5.90
N ALA G 33 31.23 15.20 7.00
CA ALA G 33 30.70 14.57 8.19
C ALA G 33 30.67 15.66 9.24
N MET G 34 29.99 15.42 10.35
CA MET G 34 30.12 16.00 11.66
C MET G 34 29.20 15.30 12.61
N HIS G 35 29.42 15.42 13.91
CA HIS G 35 28.48 14.91 14.90
C HIS G 35 28.44 15.93 16.02
N TRP G 36 27.55 15.70 16.98
CA TRP G 36 27.52 16.47 18.20
C TRP G 36 27.39 15.49 19.35
N VAL G 37 28.37 15.50 20.24
CA VAL G 37 28.36 14.62 21.39
C VAL G 37 28.40 15.50 22.62
N ARG G 38 27.33 15.47 23.40
CA ARG G 38 27.24 16.30 24.59
C ARG G 38 28.02 15.62 25.68
N GLN G 39 28.73 16.40 26.49
CA GLN G 39 29.28 15.89 27.74
C GLN G 39 29.31 17.01 28.78
N ALA G 40 28.77 16.75 29.97
CA ALA G 40 29.25 17.46 31.15
C ALA G 40 30.10 16.51 31.98
N PRO G 41 30.76 16.98 33.04
CA PRO G 41 31.59 16.07 33.86
C PRO G 41 30.81 15.17 34.84
N GLY G 42 31.12 13.87 34.84
CA GLY G 42 30.60 12.91 35.82
C GLY G 42 29.52 11.88 35.51
N GLN G 43 29.15 11.74 34.23
CA GLN G 43 28.04 10.92 33.75
C GLN G 43 28.37 10.26 32.41
N ARG G 44 27.37 9.67 31.78
CA ARG G 44 27.58 9.05 30.48
C ARG G 44 27.55 10.05 29.31
N LEU G 45 28.48 9.90 28.36
CA LEU G 45 28.42 10.62 27.09
C LEU G 45 27.10 10.21 26.46
N GLU G 46 26.28 11.19 26.11
CA GLU G 46 25.15 10.97 25.24
C GLU G 46 25.58 11.41 23.86
N TRP G 47 25.11 10.71 22.83
CA TRP G 47 25.29 11.17 21.47
C TRP G 47 23.94 11.63 20.98
N MET G 48 23.78 12.94 20.83
CA MET G 48 22.66 13.51 20.11
C MET G 48 23.33 14.25 18.97
N GLY G 49 23.32 13.62 17.81
CA GLY G 49 24.10 14.07 16.67
C GLY G 49 23.18 14.42 15.51
N TRP G 50 23.80 14.56 14.34
CA TRP G 50 23.16 14.47 13.05
C TRP G 50 24.14 13.92 12.04
N ILE G 51 23.74 13.05 11.12
CA ILE G 51 24.67 12.64 10.06
C ILE G 51 24.93 12.65 8.48
N ASN G 52 25.02 13.91 8.05
CA ASN G 52 25.15 14.31 6.64
C ASN G 52 25.47 15.75 6.32
N ALA G 53 26.72 16.08 5.98
CA ALA G 53 26.96 17.48 5.68
C ALA G 53 26.98 17.79 4.19
N GLY G 54 26.96 16.78 3.34
CA GLY G 54 26.88 17.04 1.92
C GLY G 54 25.52 17.52 1.49
N ASN G 55 24.50 16.74 1.86
CA ASN G 55 23.15 17.03 1.42
C ASN G 55 22.41 17.89 2.43
N GLY G 56 23.00 18.11 3.59
CA GLY G 56 22.31 18.75 4.70
C GLY G 56 21.34 17.86 5.43
N ASN G 57 21.43 16.54 5.28
CA ASN G 57 20.50 15.67 5.96
C ASN G 57 20.86 15.69 7.43
N THR G 58 20.06 15.00 8.25
CA THR G 58 20.25 14.96 9.68
C THR G 58 19.54 13.75 10.24
N LYS G 59 20.06 13.20 11.33
CA LYS G 59 19.39 12.18 12.13
C LYS G 59 19.67 12.52 13.59
N TYR G 60 18.65 12.54 14.42
CA TYR G 60 18.83 12.94 15.80
C TYR G 60 18.52 11.77 16.73
N SER G 61 19.15 11.76 17.89
CA SER G 61 18.76 10.81 18.91
C SER G 61 17.35 11.20 19.28
N GLN G 62 16.52 10.19 19.48
CA GLN G 62 15.18 10.47 19.86
C GLN G 62 15.47 11.34 21.03
N LYS G 63 16.34 10.85 21.90
CA LYS G 63 16.59 11.65 23.12
C LYS G 63 16.10 13.10 22.84
N PHE G 64 16.82 13.75 21.93
CA PHE G 64 16.45 15.10 21.50
C PHE G 64 16.02 15.07 20.02
N GLN G 65 15.05 14.23 19.68
CA GLN G 65 14.58 14.14 18.29
C GLN G 65 14.02 15.45 17.76
N ASP G 66 13.10 16.07 18.49
CA ASP G 66 12.83 17.47 18.23
C ASP G 66 13.22 18.28 19.47
N ARG G 67 14.40 18.86 19.42
CA ARG G 67 14.82 20.01 20.19
C ARG G 67 15.86 20.77 19.39
N VAL G 68 16.94 20.08 19.05
CA VAL G 68 18.04 20.63 18.27
C VAL G 68 17.60 20.64 16.81
N THR G 69 18.02 21.68 16.10
CA THR G 69 18.01 21.71 14.65
C THR G 69 19.41 22.12 14.24
N ILE G 70 19.81 21.77 13.02
CA ILE G 70 21.18 21.95 12.59
C ILE G 70 21.23 22.60 11.23
N THR G 71 22.03 23.67 11.11
CA THR G 71 22.31 24.31 9.84
C THR G 71 23.75 24.01 9.44
N ARG G 72 23.95 23.68 8.18
CA ARG G 72 25.28 23.37 7.66
C ARG G 72 25.57 24.29 6.48
N ASP G 73 26.72 24.97 6.52
CA ASP G 73 27.08 25.89 5.44
C ASP G 73 28.55 25.83 5.02
N THR G 74 28.77 25.39 3.79
CA THR G 74 30.10 25.31 3.23
C THR G 74 30.72 26.67 3.03
N SER G 75 29.97 27.71 2.70
CA SER G 75 30.74 28.92 2.49
C SER G 75 31.65 29.18 3.68
N ALA G 76 31.11 29.05 4.90
CA ALA G 76 31.95 29.11 6.08
C ALA G 76 32.45 27.75 6.51
N SER G 77 32.14 26.69 5.74
CA SER G 77 32.52 25.32 6.09
C SER G 77 32.10 24.96 7.51
N THR G 78 30.94 25.44 7.93
CA THR G 78 30.59 25.44 9.34
C THR G 78 29.24 24.77 9.54
N ALA G 79 29.14 23.97 10.60
CA ALA G 79 27.90 23.34 11.02
C ALA G 79 27.47 23.98 12.33
N TYR G 80 26.21 24.39 12.40
CA TYR G 80 25.67 25.06 13.58
C TYR G 80 24.60 24.18 14.21
N MET G 81 24.93 23.59 15.35
CA MET G 81 23.93 22.92 16.18
C MET G 81 23.29 23.98 17.06
N GLU G 82 21.98 23.92 17.18
CA GLU G 82 21.24 24.85 18.03
C GLU G 82 20.27 24.06 18.87
N LEU G 83 20.50 24.09 20.18
CA LEU G 83 19.63 23.41 21.00
C LEU G 83 18.61 24.43 21.58
N SER G 84 17.33 24.26 21.24
CA SER G 84 16.25 25.07 21.76
C SER G 84 15.70 24.46 23.04
N SER G 85 15.12 25.33 23.87
CA SER G 85 14.48 24.95 25.12
C SER G 85 15.38 24.02 25.93
N LEU G 86 16.54 24.57 26.28
CA LEU G 86 17.47 23.88 27.16
C LEU G 86 16.97 23.93 28.59
N ARG G 87 17.50 23.02 29.42
CA ARG G 87 17.07 22.90 30.80
C ARG G 87 18.28 22.88 31.72
N SER G 88 18.00 22.94 33.02
CA SER G 88 19.05 22.89 34.03
C SER G 88 19.91 21.67 33.74
N GLU G 89 19.28 20.54 33.42
CA GLU G 89 20.04 19.34 33.10
C GLU G 89 21.13 19.43 32.02
N ASP G 90 20.77 20.02 30.89
CA ASP G 90 21.73 20.12 29.81
C ASP G 90 23.13 20.78 29.90
N THR G 91 23.37 21.43 31.03
CA THR G 91 24.67 22.06 31.19
C THR G 91 25.64 20.95 30.81
N ALA G 92 26.50 21.23 29.84
CA ALA G 92 27.40 20.23 29.29
C ALA G 92 28.43 20.81 28.35
N ILE G 93 29.25 19.94 27.78
CA ILE G 93 30.23 20.29 26.76
C ILE G 93 29.92 19.63 25.43
N TYR G 94 29.80 20.44 24.37
CA TYR G 94 29.34 19.93 23.09
C TYR G 94 30.53 19.87 22.13
N TYR G 95 30.99 18.65 21.85
CA TYR G 95 32.07 18.42 20.92
C TYR G 95 31.45 18.16 19.56
N CYS G 96 32.09 18.65 18.50
CA CYS G 96 31.75 18.26 17.15
C CYS G 96 32.88 17.40 16.60
N ALA G 97 32.52 16.22 16.11
CA ALA G 97 33.49 15.30 15.54
C ALA G 97 32.96 14.83 14.19
N ARG G 98 33.82 14.22 13.38
CA ARG G 98 33.46 13.79 12.04
C ARG G 98 33.59 12.29 11.92
N ASP G 99 32.77 11.69 11.07
CA ASP G 99 33.02 10.37 10.48
C ASP G 99 32.73 10.44 8.99
N LYS G 100 33.80 10.48 8.21
CA LYS G 100 33.78 10.61 6.75
C LYS G 100 32.64 9.99 6.00
N VAL G 101 31.95 10.75 5.15
CA VAL G 101 30.89 10.11 4.38
C VAL G 101 31.47 9.20 3.32
N ASP G 102 30.66 8.25 2.88
CA ASP G 102 31.02 7.39 1.77
C ASP G 102 31.08 8.17 0.45
N ASP G 103 31.70 7.55 -0.55
CA ASP G 103 31.93 8.17 -1.86
C ASP G 103 30.70 8.87 -2.42
N TYR G 104 29.56 8.19 -2.42
CA TYR G 104 28.36 8.70 -3.07
C TYR G 104 27.85 10.03 -2.55
N GLY G 105 28.36 10.51 -1.42
CA GLY G 105 27.83 11.66 -0.76
C GLY G 105 26.70 11.35 0.19
N ASP G 106 26.02 10.23 0.00
CA ASP G 106 25.01 9.75 0.92
C ASP G 106 25.68 9.03 2.08
N TYR G 107 25.26 9.37 3.29
CA TYR G 107 25.83 8.79 4.50
C TYR G 107 24.76 7.88 5.09
N TRP G 108 25.00 6.57 5.03
CA TRP G 108 24.14 5.59 5.68
C TRP G 108 24.94 4.74 6.66
N PHE G 109 25.88 4.01 6.15
CA PHE G 109 26.76 3.20 6.99
C PHE G 109 28.09 3.89 7.11
N PRO G 110 28.58 4.09 8.32
CA PRO G 110 29.75 4.93 8.55
C PRO G 110 31.01 4.28 8.00
N THR G 111 32.14 4.96 8.23
CA THR G 111 33.43 4.30 8.14
C THR G 111 33.54 3.36 9.32
N LEU G 112 34.44 2.39 9.24
CA LEU G 112 34.54 1.46 10.34
C LEU G 112 35.04 2.21 11.55
N TRP G 113 35.95 3.16 11.36
CA TRP G 113 36.27 4.13 12.41
C TRP G 113 35.13 5.12 12.43
N TYR G 114 34.95 5.81 13.55
CA TYR G 114 33.99 6.89 13.51
C TYR G 114 34.74 8.21 13.64
N PHE G 115 35.18 8.50 14.85
CA PHE G 115 35.60 9.83 15.23
C PHE G 115 37.11 9.81 15.27
N ASP G 116 37.73 10.36 14.24
CA ASP G 116 39.18 10.41 14.22
C ASP G 116 39.69 11.73 14.77
N TYR G 117 38.78 12.65 15.03
CA TYR G 117 39.09 13.98 15.53
C TYR G 117 37.89 14.48 16.29
N TRP G 118 38.08 15.55 17.04
CA TRP G 118 37.06 16.09 17.90
C TRP G 118 37.13 17.61 17.90
N GLY G 119 36.00 18.23 18.12
CA GLY G 119 35.97 19.66 18.31
C GLY G 119 36.76 20.08 19.53
N GLN G 120 36.92 21.38 19.67
CA GLN G 120 37.68 21.89 20.80
C GLN G 120 36.88 21.75 22.09
N GLY G 121 35.57 21.73 21.99
CA GLY G 121 34.70 21.72 23.15
C GLY G 121 34.16 23.11 23.45
N THR G 122 32.93 23.14 23.93
CA THR G 122 32.25 24.38 24.26
C THR G 122 31.49 24.02 25.53
N LEU G 123 31.87 24.62 26.64
CA LEU G 123 31.13 24.35 27.89
C LEU G 123 29.93 25.28 27.90
N VAL G 124 28.74 24.71 28.13
CA VAL G 124 27.49 25.43 28.11
C VAL G 124 26.88 25.12 29.47
N THR G 125 26.46 26.14 30.20
CA THR G 125 25.93 25.97 31.54
C THR G 125 24.59 26.69 31.63
N VAL G 126 23.67 26.10 32.40
CA VAL G 126 22.31 26.60 32.54
C VAL G 126 22.11 27.00 34.00
N SER G 127 21.57 28.21 34.14
CA SER G 127 21.24 28.83 35.41
C SER G 127 19.97 28.23 35.98
N SER H 1 19.80 0.78 26.14
CA SER H 1 20.94 1.57 25.68
C SER H 1 21.96 1.78 26.79
N ALA H 2 22.69 2.90 26.74
CA ALA H 2 23.69 3.25 27.77
C ALA H 2 24.75 2.18 28.03
N LEU H 3 25.42 1.70 26.98
CA LEU H 3 26.38 0.62 27.11
C LEU H 3 26.85 0.24 28.50
N THR H 4 26.71 -1.00 28.94
CA THR H 4 27.16 -1.19 30.31
C THR H 4 28.68 -1.11 30.34
N GLN H 5 29.20 -0.17 31.11
CA GLN H 5 30.63 -0.09 31.32
C GLN H 5 30.89 0.18 32.80
N PRO H 6 31.85 -0.50 33.39
CA PRO H 6 32.03 -0.40 34.85
C PRO H 6 32.78 0.87 35.23
N ALA H 7 32.47 1.35 36.44
CA ALA H 7 32.84 2.71 36.86
C ALA H 7 34.34 2.95 36.82
N SER H 8 35.15 2.22 37.62
CA SER H 8 36.65 2.40 37.59
C SER H 8 37.62 1.25 38.11
N VAL H 9 38.91 1.32 37.72
CA VAL H 9 39.99 0.31 38.00
C VAL H 9 41.51 0.74 38.05
N SER H 10 42.43 -0.16 38.48
CA SER H 10 43.92 0.11 38.51
C SER H 10 44.94 -1.11 38.61
N GLY H 11 46.26 -0.83 38.73
CA GLY H 11 47.31 -1.87 38.86
C GLY H 11 48.82 -1.52 38.64
N SER H 12 49.77 -2.42 38.97
CA SER H 12 51.19 -2.19 38.79
C SER H 12 51.51 -1.85 37.34
N PRO H 13 52.53 -1.05 37.07
CA PRO H 13 52.87 -0.77 35.67
C PRO H 13 53.27 -2.04 34.93
N GLY H 14 53.03 -2.04 33.61
CA GLY H 14 53.24 -3.20 32.76
C GLY H 14 52.14 -4.22 32.83
N GLN H 15 51.29 -4.16 33.85
CA GLN H 15 50.30 -5.18 34.15
C GLN H 15 49.09 -5.04 33.24
N SER H 16 48.52 -6.17 32.86
CA SER H 16 47.37 -6.16 31.97
C SER H 16 46.14 -5.62 32.68
N ILE H 17 45.39 -4.79 31.97
CA ILE H 17 44.08 -4.32 32.42
C ILE H 17 43.21 -4.85 31.29
N THR H 18 41.94 -5.08 31.59
CA THR H 18 40.92 -5.34 30.58
C THR H 18 39.63 -4.68 31.07
N ILE H 19 39.08 -3.82 30.22
CA ILE H 19 37.85 -3.09 30.48
C ILE H 19 36.90 -3.71 29.48
N SER H 20 35.86 -4.34 29.98
CA SER H 20 34.95 -5.03 29.06
C SER H 20 33.64 -4.25 29.06
N CYS H 21 33.14 -3.99 27.87
CA CYS H 21 31.91 -3.25 27.66
C CYS H 21 30.90 -4.26 27.19
N THR H 22 29.76 -4.28 27.87
CA THR H 22 28.73 -5.26 27.53
C THR H 22 27.53 -4.54 26.94
N GLY H 23 27.23 -4.86 25.67
CA GLY H 23 26.04 -4.37 25.02
C GLY H 23 24.99 -5.43 24.84
N THR H 24 24.13 -5.22 23.86
CA THR H 24 23.09 -6.18 23.50
C THR H 24 23.33 -6.70 22.09
N SER H 25 22.43 -7.57 21.63
CA SER H 25 22.51 -8.02 20.25
C SER H 25 22.20 -6.90 19.26
N SER H 26 21.46 -5.88 19.70
CA SER H 26 21.11 -4.77 18.84
C SER H 26 22.31 -4.02 18.33
N ASP H 27 23.40 -4.00 19.09
CA ASP H 27 24.55 -3.18 18.71
C ASP H 27 25.89 -3.92 18.74
N VAL H 28 26.39 -4.21 19.93
CA VAL H 28 27.76 -4.70 20.03
C VAL H 28 27.88 -6.10 19.47
N GLY H 29 26.86 -6.93 19.67
CA GLY H 29 26.96 -8.32 19.25
C GLY H 29 26.83 -8.53 17.76
N GLY H 30 25.82 -7.93 17.14
CA GLY H 30 25.57 -8.15 15.74
C GLY H 30 26.27 -7.15 14.85
N PHE H 31 27.34 -6.53 15.34
CA PHE H 31 28.11 -5.58 14.58
C PHE H 31 29.58 -5.67 14.96
N ASN H 32 30.45 -5.28 14.04
CA ASN H 32 31.84 -5.05 14.39
C ASN H 32 32.08 -3.62 14.87
N TYR H 33 31.04 -2.83 15.01
CA TYR H 33 31.21 -1.45 15.44
C TYR H 33 31.53 -1.40 16.93
N VAL H 34 32.70 -0.87 17.25
CA VAL H 34 33.13 -0.62 18.62
C VAL H 34 34.03 0.61 18.55
N SER H 35 34.13 1.34 19.64
CA SER H 35 35.19 2.32 19.82
C SER H 35 35.47 2.50 21.28
N TRP H 36 36.74 2.63 21.63
CA TRP H 36 37.17 3.01 22.96
C TRP H 36 37.82 4.38 22.85
N PHE H 37 37.25 5.35 23.54
CA PHE H 37 37.71 6.70 23.44
C PHE H 37 38.43 7.32 24.61
N GLN H 38 39.74 7.31 24.57
CA GLN H 38 40.55 7.85 25.64
C GLN H 38 40.18 9.31 25.72
N GLN H 39 39.62 9.73 26.85
CA GLN H 39 39.26 11.12 27.06
C GLN H 39 40.08 11.69 28.20
N HIS H 40 41.09 12.48 27.87
CA HIS H 40 41.80 13.18 28.92
C HIS H 40 40.89 14.25 29.51
N PRO H 41 40.75 14.13 30.83
CA PRO H 41 39.96 15.04 31.64
C PRO H 41 40.49 16.43 31.37
N GLY H 42 39.60 17.34 30.98
CA GLY H 42 39.99 18.70 30.67
C GLY H 42 40.22 18.94 29.20
N LYS H 43 40.54 17.86 28.48
CA LYS H 43 40.82 17.94 27.07
C LYS H 43 39.78 17.18 26.26
N ALA H 44 39.95 17.23 24.94
CA ALA H 44 39.04 16.58 24.03
C ALA H 44 39.33 15.08 23.93
N PRO H 45 38.30 14.26 23.84
CA PRO H 45 38.51 12.82 23.64
C PRO H 45 39.24 12.52 22.34
N LYS H 46 39.92 11.37 22.32
CA LYS H 46 40.48 10.80 21.11
C LYS H 46 40.25 9.34 20.80
N LEU H 47 40.63 8.93 19.59
CA LEU H 47 40.45 7.56 19.14
C LEU H 47 41.56 6.62 19.63
N MET H 48 41.17 5.42 20.04
CA MET H 48 42.07 4.38 20.52
C MET H 48 41.35 3.07 20.30
N LEU H 49 40.89 2.84 19.06
CA LEU H 49 40.19 1.58 18.72
C LEU H 49 40.13 1.19 17.22
N TYR H 50 39.14 1.76 16.52
CA TYR H 50 38.85 1.52 15.12
C TYR H 50 38.62 0.10 14.68
N ASP H 51 37.33 -0.25 14.59
CA ASP H 51 36.89 -1.55 14.10
C ASP H 51 37.46 -2.68 14.92
N VAL H 52 37.45 -2.47 16.22
CA VAL H 52 37.99 -3.42 17.19
C VAL H 52 39.49 -3.59 17.09
N THR H 53 39.92 -4.83 16.89
CA THR H 53 41.34 -5.17 16.89
C THR H 53 42.28 -4.14 16.29
N SER H 54 41.91 -3.49 15.21
CA SER H 54 42.87 -2.56 14.65
C SER H 54 43.04 -1.28 15.43
N ARG H 55 44.04 -0.48 15.05
CA ARG H 55 44.29 0.79 15.70
C ARG H 55 44.58 1.94 14.76
N PRO H 56 44.22 3.17 15.13
CA PRO H 56 44.66 4.33 14.36
C PRO H 56 46.17 4.27 14.46
N SER H 57 46.84 4.96 13.54
CA SER H 57 48.29 4.83 13.43
C SER H 57 49.04 5.47 14.60
N GLY H 58 48.43 6.49 15.20
CA GLY H 58 49.09 7.23 16.26
C GLY H 58 48.81 6.59 17.61
N VAL H 59 48.36 5.34 17.60
CA VAL H 59 47.99 4.63 18.82
C VAL H 59 49.23 3.97 19.39
N SER H 60 49.39 4.04 20.70
CA SER H 60 50.36 3.17 21.35
C SER H 60 49.96 1.72 21.09
N SER H 61 50.88 0.95 20.53
CA SER H 61 50.56 -0.40 20.07
C SER H 61 50.26 -1.10 21.38
N ARG H 62 50.37 -0.42 22.51
CA ARG H 62 50.06 -1.07 23.79
C ARG H 62 48.68 -1.74 23.67
N PHE H 63 47.67 -0.91 23.54
CA PHE H 63 46.27 -1.34 23.39
C PHE H 63 45.85 -2.52 22.53
N SER H 64 44.88 -3.29 23.01
CA SER H 64 44.33 -4.42 22.28
C SER H 64 42.83 -4.51 22.52
N GLY H 65 42.06 -4.62 21.45
CA GLY H 65 40.63 -4.84 21.56
C GLY H 65 40.27 -6.31 21.34
N SER H 66 39.08 -6.68 21.79
CA SER H 66 38.54 -8.02 21.56
C SER H 66 37.04 -7.99 21.76
N LYS H 67 36.35 -9.00 21.20
CA LYS H 67 34.90 -9.11 21.29
C LYS H 67 34.50 -10.57 21.41
N SER H 68 33.55 -10.85 22.30
CA SER H 68 32.88 -12.15 22.37
C SER H 68 31.41 -11.91 22.68
N GLY H 69 30.53 -12.48 21.88
CA GLY H 69 29.10 -12.33 22.15
C GLY H 69 28.77 -10.86 22.21
N ASN H 70 28.23 -10.42 23.33
CA ASN H 70 28.15 -9.00 23.62
C ASN H 70 29.27 -8.71 24.61
N THR H 71 30.38 -8.20 24.11
CA THR H 71 31.48 -7.71 24.92
C THR H 71 32.30 -6.74 24.09
N ALA H 72 32.96 -5.82 24.77
CA ALA H 72 34.05 -5.07 24.18
C ALA H 72 35.14 -4.99 25.24
N SER H 73 36.29 -5.59 24.94
CA SER H 73 37.40 -5.64 25.90
C SER H 73 38.57 -4.87 25.34
N LEU H 74 38.95 -3.80 26.03
CA LEU H 74 40.18 -3.08 25.73
C LEU H 74 41.21 -3.55 26.75
N THR H 75 42.16 -4.35 26.29
CA THR H 75 43.16 -4.95 27.17
C THR H 75 44.50 -4.27 26.92
N ILE H 76 45.04 -3.65 27.94
CA ILE H 76 46.27 -2.87 27.81
C ILE H 76 47.32 -3.59 28.63
N SER H 77 48.54 -3.64 28.13
CA SER H 77 49.65 -4.20 28.87
C SER H 77 50.90 -3.37 28.63
N GLY H 78 51.94 -3.60 29.42
CA GLY H 78 53.15 -2.83 29.30
C GLY H 78 52.87 -1.37 29.58
N LEU H 79 52.18 -1.11 30.67
CA LEU H 79 51.67 0.22 30.94
C LEU H 79 52.80 1.21 31.11
N GLN H 80 52.62 2.39 30.51
CA GLN H 80 53.56 3.50 30.62
C GLN H 80 53.16 4.44 31.78
N ALA H 81 52.20 4.00 32.60
CA ALA H 81 51.63 4.68 33.79
C ALA H 81 50.72 5.86 33.44
N GLU H 82 51.26 6.82 32.70
CA GLU H 82 50.50 7.98 32.29
C GLU H 82 49.61 7.65 31.11
N ASP H 83 48.64 6.78 31.38
CA ASP H 83 47.63 6.36 30.40
C ASP H 83 46.27 5.99 31.04
N GLU H 84 45.72 6.93 31.80
CA GLU H 84 44.45 6.82 32.49
C GLU H 84 43.86 8.06 31.86
N ALA H 85 42.79 7.83 31.10
CA ALA H 85 42.08 8.81 30.32
C ALA H 85 40.77 8.05 30.44
N ASP H 86 39.72 8.73 30.87
CA ASP H 86 38.51 8.01 31.10
C ASP H 86 38.27 7.30 29.80
N TYR H 87 38.12 6.00 29.92
CA TYR H 87 37.84 5.18 28.75
C TYR H 87 36.33 5.02 28.61
N TYR H 88 35.80 5.43 27.45
CA TYR H 88 34.41 5.27 27.08
C TYR H 88 34.31 4.33 25.90
N CYS H 89 33.45 3.32 25.99
CA CYS H 89 33.15 2.45 24.86
C CYS H 89 31.93 3.01 24.16
N SER H 90 31.93 2.94 22.85
CA SER H 90 30.86 3.45 22.03
C SER H 90 30.74 2.58 20.80
N SER H 91 29.52 2.42 20.29
CA SER H 91 29.29 1.60 19.13
C SER H 91 28.11 2.13 18.35
N HIS H 92 27.97 1.65 17.12
CA HIS H 92 26.87 1.99 16.24
C HIS H 92 25.76 0.97 16.45
N THR H 93 24.61 1.43 16.92
CA THR H 93 23.50 0.51 17.12
C THR H 93 22.90 0.12 15.78
N SER H 94 21.94 -0.79 15.83
CA SER H 94 21.29 -1.22 14.60
C SER H 94 20.37 -0.14 14.06
N ARG H 95 19.75 0.63 14.94
CA ARG H 95 18.80 1.65 14.54
C ARG H 95 19.44 2.83 13.84
N GLY H 96 20.77 2.89 13.77
CA GLY H 96 21.42 4.00 13.13
C GLY H 96 21.84 5.11 14.05
N THR H 97 21.86 4.88 15.35
CA THR H 97 22.38 5.85 16.31
C THR H 97 23.50 5.24 17.11
N TRP H 98 24.36 6.11 17.64
CA TRP H 98 25.54 5.71 18.37
C TRP H 98 25.29 5.90 19.86
N VAL H 99 25.84 5.00 20.67
CA VAL H 99 25.68 5.05 22.11
C VAL H 99 27.05 4.91 22.74
N PHE H 100 27.33 5.72 23.76
CA PHE H 100 28.60 5.70 24.45
C PHE H 100 28.49 5.16 25.85
N GLY H 101 29.28 4.15 26.12
CA GLY H 101 29.17 3.42 27.37
C GLY H 101 29.28 4.31 28.58
N GLY H 102 29.00 3.71 29.73
CA GLY H 102 29.08 4.46 30.97
C GLY H 102 30.47 5.00 31.24
N GLY H 103 31.46 4.48 30.54
CA GLY H 103 32.78 5.02 30.74
C GLY H 103 33.46 4.35 31.91
N THR H 104 34.77 4.21 31.80
CA THR H 104 35.58 3.61 32.85
C THR H 104 36.59 4.65 33.31
N LYS H 105 36.42 5.11 34.54
CA LYS H 105 37.48 5.85 35.21
C LYS H 105 38.65 4.88 35.32
N LEU H 106 39.81 5.28 34.82
CA LEU H 106 40.96 4.41 34.90
C LEU H 106 41.83 4.86 36.05
N THR H 107 42.21 3.92 36.90
CA THR H 107 42.88 4.24 38.14
C THR H 107 44.32 3.78 38.03
N VAL H 108 45.25 4.74 38.10
CA VAL H 108 46.66 4.46 37.93
C VAL H 108 47.40 4.29 39.25
N LEU H 109 46.69 4.21 40.38
CA LEU H 109 47.29 4.08 41.71
C LEU H 109 48.04 5.32 42.14
N GLU I 1 -45.45 -5.80 41.77
CA GLU I 1 -44.96 -6.00 40.42
C GLU I 1 -43.45 -6.21 40.41
N VAL I 2 -42.82 -5.87 39.29
CA VAL I 2 -41.36 -5.88 39.21
C VAL I 2 -40.79 -5.00 40.31
N GLN I 3 -39.90 -5.58 41.10
CA GLN I 3 -39.36 -4.88 42.26
C GLN I 3 -37.84 -4.99 42.24
N LEU I 4 -37.17 -3.86 42.34
CA LEU I 4 -35.72 -3.82 42.52
C LEU I 4 -35.45 -3.08 43.82
N VAL I 5 -34.55 -3.62 44.63
CA VAL I 5 -34.19 -3.01 45.90
C VAL I 5 -32.69 -3.13 46.06
N GLU I 6 -32.10 -2.23 46.84
CA GLU I 6 -30.67 -2.07 46.93
C GLU I 6 -30.28 -1.75 48.37
N SER I 7 -28.98 -1.79 48.64
CA SER I 7 -28.48 -1.52 49.98
C SER I 7 -27.95 -0.09 50.09
N GLY I 8 -28.52 0.67 51.01
CA GLY I 8 -28.10 2.05 51.23
C GLY I 8 -26.77 2.14 51.95
N ALA I 9 -25.71 2.32 51.19
CA ALA I 9 -24.36 2.42 51.76
C ALA I 9 -24.11 3.82 52.32
N GLU I 10 -22.91 3.91 52.91
CA GLU I 10 -22.30 5.09 53.53
C GLU I 10 -20.99 5.44 52.77
N VAL I 11 -20.24 6.41 53.30
CA VAL I 11 -19.02 6.89 52.62
C VAL I 11 -17.83 5.93 52.39
N LYS I 12 -17.44 5.13 53.38
CA LYS I 12 -16.33 4.17 53.20
C LYS I 12 -15.05 4.83 52.67
N LYS I 13 -14.65 5.92 53.30
CA LYS I 13 -13.49 6.74 52.87
C LYS I 13 -12.79 6.63 51.51
N PRO I 14 -12.14 7.72 51.06
CA PRO I 14 -11.42 7.65 49.79
C PRO I 14 -10.44 6.49 49.75
N GLY I 15 -10.53 5.71 48.67
CA GLY I 15 -9.73 4.51 48.52
C GLY I 15 -10.40 3.25 49.00
N ALA I 16 -11.59 3.34 49.59
CA ALA I 16 -12.29 2.16 50.07
C ALA I 16 -12.94 1.45 48.88
N SER I 17 -13.80 0.49 49.20
CA SER I 17 -14.49 -0.32 48.21
C SER I 17 -15.97 -0.50 48.53
N VAL I 18 -16.84 0.01 47.68
CA VAL I 18 -18.28 -0.12 47.90
C VAL I 18 -18.72 -1.46 47.34
N LYS I 19 -19.67 -2.08 47.99
CA LYS I 19 -20.37 -3.25 47.46
C LYS I 19 -21.85 -2.95 47.59
N VAL I 20 -22.54 -2.83 46.47
CA VAL I 20 -23.97 -2.57 46.47
C VAL I 20 -24.64 -3.83 45.94
N SER I 21 -25.78 -4.16 46.52
CA SER I 21 -26.54 -5.33 46.13
C SER I 21 -27.77 -4.91 45.33
N CYS I 22 -28.14 -5.73 44.35
CA CYS I 22 -29.39 -5.56 43.63
C CYS I 22 -30.04 -6.92 43.70
N LYS I 23 -31.10 -7.02 44.49
CA LYS I 23 -31.85 -8.28 44.63
C LYS I 23 -33.17 -8.03 43.90
N ALA I 24 -33.41 -8.81 42.86
CA ALA I 24 -34.50 -8.57 41.92
C ALA I 24 -35.73 -9.26 42.48
N SER I 25 -36.86 -8.57 42.45
CA SER I 25 -38.10 -9.12 42.97
C SER I 25 -39.23 -8.82 42.01
N GLY I 26 -40.23 -9.70 42.02
CA GLY I 26 -41.44 -9.48 41.27
C GLY I 26 -41.40 -9.91 39.82
N TYR I 27 -40.29 -10.49 39.35
CA TYR I 27 -40.28 -11.04 38.01
C TYR I 27 -39.40 -12.28 38.02
N THR I 28 -39.25 -12.89 36.85
CA THR I 28 -38.46 -14.09 36.74
C THR I 28 -36.97 -13.80 36.62
N PHE I 29 -36.27 -14.28 37.63
CA PHE I 29 -34.83 -14.37 37.59
C PHE I 29 -34.58 -15.50 36.54
N THR I 30 -33.48 -15.36 35.81
CA THR I 30 -33.15 -16.26 34.71
C THR I 30 -33.40 -15.55 33.38
N SER I 31 -34.01 -14.37 33.45
CA SER I 31 -34.24 -13.52 32.29
C SER I 31 -34.00 -12.04 32.67
N TYR I 32 -33.50 -11.82 33.88
CA TYR I 32 -33.26 -10.46 34.41
C TYR I 32 -32.11 -9.60 33.86
N ALA I 33 -30.95 -10.19 33.62
CA ALA I 33 -29.75 -9.46 33.17
C ALA I 33 -29.33 -8.43 34.22
N MET I 34 -29.03 -7.18 33.85
CA MET I 34 -28.67 -6.23 34.89
C MET I 34 -27.82 -5.09 34.40
N HIS I 35 -28.00 -3.93 35.00
CA HIS I 35 -27.12 -2.82 34.63
C HIS I 35 -26.78 -2.06 35.89
N TRP I 36 -25.77 -1.20 35.79
CA TRP I 36 -25.43 -0.28 36.85
C TRP I 36 -25.23 1.08 36.22
N VAL I 37 -26.02 2.05 36.62
CA VAL I 37 -25.92 3.40 36.10
C VAL I 37 -25.66 4.31 37.28
N ARG I 38 -24.49 4.93 37.29
CA ARG I 38 -24.10 5.79 38.38
C ARG I 38 -24.72 7.14 38.07
N GLN I 39 -25.15 7.84 39.10
CA GLN I 39 -25.41 9.27 39.01
C GLN I 39 -25.26 9.89 40.38
N ALA I 40 -24.56 11.02 40.47
CA ALA I 40 -24.80 11.93 41.59
C ALA I 40 -25.60 13.11 41.05
N PRO I 41 -26.01 14.06 41.89
CA PRO I 41 -26.79 15.20 41.38
C PRO I 41 -25.97 16.29 40.68
N GLY I 42 -26.43 16.72 39.49
CA GLY I 42 -25.86 17.86 38.76
C GLY I 42 -24.98 17.73 37.52
N GLN I 43 -24.85 16.51 36.97
CA GLN I 43 -23.99 16.23 35.83
C GLN I 43 -24.69 15.15 35.00
N ARG I 44 -24.01 14.61 34.00
CA ARG I 44 -24.64 13.63 33.13
C ARG I 44 -24.52 12.23 33.73
N LEU I 45 -25.57 11.41 33.56
CA LEU I 45 -25.48 9.98 33.87
C LEU I 45 -24.35 9.32 33.09
N GLU I 46 -23.49 8.60 33.79
CA GLU I 46 -22.56 7.69 33.16
C GLU I 46 -23.18 6.31 33.27
N TRP I 47 -22.97 5.49 32.26
CA TRP I 47 -23.32 4.08 32.35
C TRP I 47 -22.05 3.30 32.54
N MET I 48 -21.84 2.80 33.75
CA MET I 48 -20.80 1.81 34.01
C MET I 48 -21.55 0.55 34.41
N GLY I 49 -21.77 -0.32 33.44
CA GLY I 49 -22.63 -1.47 33.60
C GLY I 49 -21.90 -2.79 33.47
N TRP I 50 -22.69 -3.85 33.39
CA TRP I 50 -22.29 -5.14 32.85
C TRP I 50 -23.49 -5.80 32.21
N ILE I 51 -23.36 -6.48 31.07
CA ILE I 51 -24.50 -7.23 30.56
C ILE I 51 -25.01 -8.69 30.17
N ASN I 52 -25.03 -9.47 31.26
CA ASN I 52 -25.35 -10.90 31.27
C ASN I 52 -25.54 -11.59 32.61
N ALA I 53 -26.78 -11.84 33.04
CA ALA I 53 -26.91 -12.50 34.32
C ALA I 53 -27.15 -14.00 34.21
N GLY I 54 -27.39 -14.51 33.02
CA GLY I 54 -27.53 -15.94 32.88
C GLY I 54 -26.21 -16.67 32.98
N ASN I 55 -25.25 -16.24 32.18
CA ASN I 55 -23.96 -16.91 32.12
C ASN I 55 -22.97 -16.30 33.09
N GLY I 56 -23.32 -15.17 33.71
CA GLY I 56 -22.38 -14.42 34.51
C GLY I 56 -21.41 -13.58 33.70
N ASN I 57 -21.68 -13.33 32.43
CA ASN I 57 -20.75 -12.55 31.64
C ASN I 57 -20.79 -11.10 32.10
N THR I 58 -19.90 -10.29 31.55
CA THR I 58 -19.79 -8.89 31.94
C THR I 58 -19.23 -8.07 30.79
N LYS I 59 -19.64 -6.82 30.70
CA LYS I 59 -19.02 -5.82 29.83
C LYS I 59 -19.01 -4.51 30.59
N TYR I 60 -17.86 -3.86 30.66
CA TYR I 60 -17.75 -2.64 31.45
C TYR I 60 -17.43 -1.47 30.54
N SER I 61 -17.86 -0.28 30.95
CA SER I 61 -17.41 0.91 30.27
C SER I 61 -15.91 1.11 30.31
N GLN I 62 -15.37 1.71 29.26
CA GLN I 62 -13.93 1.85 29.15
C GLN I 62 -13.33 2.70 30.27
N LYS I 63 -14.09 3.69 30.73
CA LYS I 63 -13.68 4.39 31.95
C LYS I 63 -13.42 3.52 33.16
N PHE I 64 -14.34 2.62 33.45
CA PHE I 64 -14.32 1.77 34.63
C PHE I 64 -13.73 0.40 34.29
N GLN I 65 -13.13 0.25 33.11
CA GLN I 65 -12.86 -1.06 32.52
C GLN I 65 -12.35 -2.06 33.55
N ASP I 66 -11.25 -1.75 34.22
CA ASP I 66 -10.95 -2.45 35.45
C ASP I 66 -11.04 -1.45 36.58
N ARG I 67 -12.18 -1.46 37.27
CA ARG I 67 -12.33 -0.97 38.63
C ARG I 67 -13.36 -1.86 39.31
N VAL I 68 -14.57 -1.88 38.77
CA VAL I 68 -15.67 -2.66 39.29
C VAL I 68 -15.49 -4.10 38.83
N THR I 69 -15.89 -5.03 39.69
CA THR I 69 -16.12 -6.42 39.33
C THR I 69 -17.51 -6.75 39.83
N ILE I 70 -18.16 -7.74 39.24
CA ILE I 70 -19.56 -8.02 39.51
C ILE I 70 -19.76 -9.50 39.77
N THR I 71 -20.44 -9.82 40.87
CA THR I 71 -20.85 -11.17 41.19
C THR I 71 -22.36 -11.27 41.01
N ARG I 72 -22.81 -12.34 40.37
CA ARG I 72 -24.22 -12.70 40.35
C ARG I 72 -24.43 -13.86 41.32
N ASP I 73 -25.56 -13.86 42.00
CA ASP I 73 -25.95 -15.00 42.82
C ASP I 73 -27.41 -15.29 42.55
N THR I 74 -27.70 -16.44 41.94
CA THR I 74 -29.08 -16.74 41.58
C THR I 74 -29.85 -17.29 42.76
N SER I 75 -29.16 -17.94 43.70
CA SER I 75 -29.83 -18.39 44.92
C SER I 75 -30.48 -17.22 45.64
N ALA I 76 -29.76 -16.09 45.75
CA ALA I 76 -30.36 -14.89 46.27
C ALA I 76 -30.94 -14.02 45.16
N SER I 77 -30.88 -14.46 43.90
CA SER I 77 -31.37 -13.69 42.76
C SER I 77 -30.76 -12.30 42.74
N THR I 78 -29.49 -12.19 43.12
CA THR I 78 -28.91 -10.90 43.44
C THR I 78 -27.63 -10.69 42.65
N ALA I 79 -27.45 -9.47 42.16
CA ALA I 79 -26.23 -9.05 41.48
C ALA I 79 -25.51 -8.05 42.38
N TYR I 80 -24.21 -8.26 42.58
CA TYR I 80 -23.42 -7.42 43.45
C TYR I 80 -22.38 -6.70 42.62
N MET I 81 -22.55 -5.40 42.42
CA MET I 81 -21.52 -4.55 41.84
C MET I 81 -20.62 -4.11 42.98
N GLU I 82 -19.32 -4.15 42.76
CA GLU I 82 -18.36 -3.72 43.75
C GLU I 82 -17.34 -2.82 43.07
N LEU I 83 -17.30 -1.55 43.48
CA LEU I 83 -16.36 -0.59 42.90
C LEU I 83 -15.18 -0.45 43.84
N SER I 84 -14.04 -1.01 43.42
CA SER I 84 -12.80 -0.89 44.16
C SER I 84 -12.11 0.43 43.85
N SER I 85 -11.31 0.88 44.80
CA SER I 85 -10.51 2.10 44.68
C SER I 85 -11.36 3.26 44.17
N LEU I 86 -12.37 3.57 44.97
CA LEU I 86 -13.21 4.73 44.70
C LEU I 86 -12.46 5.98 45.09
N ARG I 87 -12.90 7.12 44.58
CA ARG I 87 -12.25 8.40 44.82
C ARG I 87 -13.30 9.43 45.16
N SER I 88 -12.82 10.62 45.56
CA SER I 88 -13.70 11.73 45.89
C SER I 88 -14.82 11.96 44.88
N GLU I 89 -14.49 11.98 43.58
CA GLU I 89 -15.50 12.19 42.57
C GLU I 89 -16.66 11.21 42.45
N ASP I 90 -16.42 9.92 42.72
CA ASP I 90 -17.44 8.93 42.43
C ASP I 90 -18.59 8.89 43.51
N THR I 91 -18.66 9.98 44.26
CA THR I 91 -19.79 10.17 45.15
C THR I 91 -20.94 10.20 44.17
N ALA I 92 -21.89 9.28 44.35
CA ALA I 92 -22.98 9.11 43.41
C ALA I 92 -24.03 8.16 43.96
N ILE I 93 -25.06 7.90 43.16
CA ILE I 93 -26.12 6.95 43.48
C ILE I 93 -26.15 5.92 42.37
N TYR I 94 -26.10 4.65 42.73
CA TYR I 94 -25.98 3.57 41.76
C TYR I 94 -27.31 2.84 41.63
N TYR I 95 -27.95 3.00 40.48
CA TYR I 95 -29.20 2.32 40.18
C TYR I 95 -28.86 1.03 39.45
N CYS I 96 -29.61 -0.04 39.74
CA CYS I 96 -29.54 -1.25 38.94
C CYS I 96 -30.84 -1.37 38.17
N ALA I 97 -30.72 -1.53 36.85
CA ALA I 97 -31.86 -1.68 35.97
C ALA I 97 -31.73 -2.89 35.07
N ARG I 98 -32.84 -3.31 34.45
CA ARG I 98 -32.84 -4.48 33.59
C ARG I 98 -33.06 -4.17 32.12
N ASP I 99 -32.44 -4.95 31.25
CA ASP I 99 -32.85 -5.08 29.85
C ASP I 99 -32.82 -6.54 29.45
N LYS I 100 -34.01 -7.15 29.38
CA LYS I 100 -34.14 -8.61 29.27
C LYS I 100 -33.34 -9.29 28.19
N VAL I 101 -32.71 -10.40 28.59
CA VAL I 101 -31.86 -11.11 27.64
C VAL I 101 -32.72 -11.75 26.55
N ASP I 102 -32.09 -12.00 25.42
CA ASP I 102 -32.73 -12.73 24.34
C ASP I 102 -32.81 -14.10 24.99
N ASP I 103 -33.73 -14.93 24.53
CA ASP I 103 -33.94 -16.27 25.13
C ASP I 103 -32.78 -17.29 25.06
N TYR I 104 -31.92 -17.14 24.07
CA TYR I 104 -30.80 -18.04 23.83
C TYR I 104 -30.05 -18.00 25.15
N GLY I 105 -30.31 -17.00 26.00
CA GLY I 105 -29.54 -16.79 27.19
C GLY I 105 -28.31 -15.94 26.96
N ASP I 106 -27.81 -15.88 25.73
CA ASP I 106 -26.72 -14.99 25.38
C ASP I 106 -27.26 -13.60 25.11
N TYR I 107 -26.61 -12.61 25.70
CA TYR I 107 -27.02 -11.23 25.57
C TYR I 107 -25.99 -10.54 24.70
N TRP I 108 -26.39 -10.18 23.48
CA TRP I 108 -25.54 -9.38 22.58
C TRP I 108 -26.26 -8.11 22.17
N PHE I 109 -27.36 -8.24 21.48
CA PHE I 109 -28.15 -7.10 21.09
C PHE I 109 -29.37 -7.01 21.99
N PRO I 110 -29.61 -5.86 22.59
CA PRO I 110 -30.62 -5.74 23.64
C PRO I 110 -32.03 -5.90 23.08
N THR I 111 -33.01 -5.74 23.95
CA THR I 111 -34.36 -5.47 23.52
C THR I 111 -34.38 -4.05 22.96
N LEU I 112 -35.39 -3.74 22.18
CA LEU I 112 -35.41 -2.40 21.60
C LEU I 112 -35.60 -1.40 22.73
N TRP I 113 -36.40 -1.75 23.72
CA TRP I 113 -36.43 -1.00 24.97
C TRP I 113 -35.20 -1.43 25.74
N TYR I 114 -34.75 -0.59 26.67
CA TYR I 114 -33.69 -1.07 27.53
C TYR I 114 -34.24 -1.22 28.93
N PHE I 115 -34.44 -0.11 29.60
CA PHE I 115 -34.62 -0.08 31.04
C PHE I 115 -36.11 0.15 31.28
N ASP I 116 -36.82 -0.90 31.62
CA ASP I 116 -38.23 -0.76 31.90
C ASP I 116 -38.49 -0.54 33.37
N TYR I 117 -37.44 -0.70 34.17
CA TYR I 117 -37.51 -0.57 35.61
C TYR I 117 -36.14 -0.16 36.11
N TRP I 118 -36.08 0.27 37.36
CA TRP I 118 -34.86 0.79 37.95
C TRP I 118 -34.76 0.36 39.40
N GLY I 119 -33.54 0.24 39.86
CA GLY I 119 -33.31 -0.01 41.27
C GLY I 119 -33.92 1.26 41.80
N GLN I 120 -34.02 1.37 43.12
CA GLN I 120 -34.57 2.56 43.77
C GLN I 120 -33.47 3.53 44.25
N GLY I 121 -32.24 3.12 44.00
CA GLY I 121 -31.00 3.81 44.34
C GLY I 121 -30.27 3.60 45.65
N THR I 122 -28.97 3.90 45.60
CA THR I 122 -28.11 3.77 46.77
C THR I 122 -27.19 4.97 46.58
N LEU I 123 -27.32 5.95 47.46
CA LEU I 123 -26.36 7.08 47.36
C LEU I 123 -25.11 6.71 48.12
N VAL I 124 -23.95 6.90 47.51
CA VAL I 124 -22.66 6.48 48.05
C VAL I 124 -21.88 7.78 48.01
N THR I 125 -21.23 8.11 49.12
CA THR I 125 -20.49 9.36 49.23
C THR I 125 -19.08 9.07 49.73
N VAL I 126 -18.12 9.83 49.22
CA VAL I 126 -16.73 9.63 49.58
C VAL I 126 -16.19 10.79 50.41
N SER I 127 -15.46 10.47 51.46
CA SER I 127 -14.87 11.49 52.35
C SER I 127 -13.56 12.05 51.80
N SER J 1 -18.63 8.84 25.74
CA SER J 1 -18.79 10.08 25.03
C SER J 1 -20.25 10.52 25.00
N ALA J 2 -20.66 11.19 26.06
CA ALA J 2 -22.01 11.69 26.25
C ALA J 2 -22.65 12.34 25.05
N LEU J 3 -23.92 12.01 24.83
CA LEU J 3 -24.67 12.55 23.73
C LEU J 3 -24.98 14.00 24.01
N THR J 4 -25.13 14.79 22.98
CA THR J 4 -25.38 16.21 23.23
C THR J 4 -26.85 16.40 23.53
N GLN J 5 -27.13 16.94 24.71
CA GLN J 5 -28.49 17.29 25.06
C GLN J 5 -28.48 18.66 25.73
N PRO J 6 -29.42 19.53 25.39
CA PRO J 6 -29.35 20.90 25.89
C PRO J 6 -29.88 21.01 27.32
N ALA J 7 -29.33 21.98 28.05
CA ALA J 7 -29.47 22.05 29.50
C ALA J 7 -30.91 22.12 29.95
N SER J 8 -31.71 23.14 29.51
CA SER J 8 -33.20 23.26 29.87
C SER J 8 -34.30 24.05 28.99
N VAL J 9 -35.62 23.91 29.30
CA VAL J 9 -36.83 24.57 28.58
C VAL J 9 -38.24 24.79 29.34
N SER J 10 -39.08 25.80 28.94
CA SER J 10 -40.48 26.16 29.40
C SER J 10 -41.77 26.59 28.54
N GLY J 11 -42.87 27.28 28.99
CA GLY J 11 -43.95 27.47 28.04
C GLY J 11 -45.34 27.17 28.54
N SER J 12 -46.32 27.56 27.73
CA SER J 12 -47.71 27.50 28.13
C SER J 12 -48.21 26.06 28.11
N PRO J 13 -49.17 25.70 28.97
CA PRO J 13 -49.73 24.35 28.92
C PRO J 13 -50.31 24.03 27.54
N GLY J 14 -50.33 22.74 27.19
CA GLY J 14 -50.80 22.29 25.90
C GLY J 14 -49.83 22.51 24.78
N GLN J 15 -48.82 23.36 24.97
CA GLN J 15 -47.92 23.80 23.93
C GLN J 15 -46.86 22.75 23.64
N SER J 16 -46.51 22.56 22.39
CA SER J 16 -45.54 21.52 22.07
C SER J 16 -44.16 22.09 22.27
N ILE J 17 -43.33 21.30 22.94
CA ILE J 17 -41.91 21.56 23.16
C ILE J 17 -41.13 20.53 22.40
N THR J 18 -39.88 20.81 22.06
CA THR J 18 -39.03 19.87 21.36
C THR J 18 -37.69 19.76 22.08
N ILE J 19 -37.32 18.55 22.48
CA ILE J 19 -36.03 18.28 23.10
C ILE J 19 -35.17 17.58 22.07
N SER J 20 -34.02 18.15 21.75
CA SER J 20 -33.17 17.66 20.68
C SER J 20 -31.96 16.95 21.27
N CYS J 21 -31.82 15.67 20.96
CA CYS J 21 -30.67 14.87 21.36
C CYS J 21 -29.87 14.53 20.13
N THR J 22 -28.66 15.07 20.02
CA THR J 22 -27.82 14.90 18.86
C THR J 22 -26.66 13.99 19.19
N GLY J 23 -26.58 12.83 18.52
CA GLY J 23 -25.48 11.93 18.63
C GLY J 23 -24.59 11.93 17.41
N THR J 24 -23.88 10.83 17.23
CA THR J 24 -23.02 10.63 16.07
C THR J 24 -23.54 9.47 15.23
N SER J 25 -22.83 9.16 14.15
CA SER J 25 -23.17 7.98 13.37
C SER J 25 -22.90 6.70 14.13
N SER J 26 -22.00 6.73 15.11
CA SER J 26 -21.66 5.56 15.89
C SER J 26 -22.84 5.01 16.67
N ASP J 27 -23.79 5.86 17.04
CA ASP J 27 -24.88 5.41 17.90
C ASP J 27 -26.27 5.80 17.40
N VAL J 28 -26.61 7.08 17.51
CA VAL J 28 -28.00 7.48 17.28
C VAL J 28 -28.35 7.36 15.80
N GLY J 29 -27.41 7.66 14.91
CA GLY J 29 -27.73 7.66 13.51
C GLY J 29 -27.87 6.29 12.89
N GLY J 30 -26.91 5.40 13.15
CA GLY J 30 -26.92 4.09 12.54
C GLY J 30 -27.62 3.05 13.37
N PHE J 31 -28.52 3.48 14.25
CA PHE J 31 -29.31 2.58 15.07
C PHE J 31 -30.63 3.26 15.29
N ASN J 32 -31.66 2.48 15.58
CA ASN J 32 -32.89 3.03 16.11
C ASN J 32 -32.95 2.95 17.64
N TYR J 33 -31.79 2.74 18.25
CA TYR J 33 -31.74 2.63 19.70
C TYR J 33 -31.81 4.06 20.19
N VAL J 34 -32.84 4.36 20.96
CA VAL J 34 -33.01 5.65 21.61
C VAL J 34 -33.87 5.25 22.80
N SER J 35 -33.92 6.09 23.82
CA SER J 35 -34.98 6.19 24.81
C SER J 35 -34.82 7.47 25.55
N TRP J 36 -35.92 8.06 26.00
CA TRP J 36 -35.89 9.25 26.83
C TRP J 36 -36.38 8.85 28.19
N PHE J 37 -35.57 9.08 29.21
CA PHE J 37 -35.90 8.74 30.58
C PHE J 37 -36.42 9.95 31.33
N GLN J 38 -37.67 9.89 31.73
CA GLN J 38 -38.23 10.87 32.65
C GLN J 38 -37.69 10.49 34.01
N GLN J 39 -36.92 11.38 34.62
CA GLN J 39 -36.37 11.14 35.95
C GLN J 39 -36.94 12.17 36.90
N HIS J 40 -37.88 11.75 37.72
CA HIS J 40 -38.34 12.65 38.78
C HIS J 40 -37.24 12.79 39.81
N PRO J 41 -36.77 14.01 40.03
CA PRO J 41 -35.56 14.20 40.85
C PRO J 41 -35.80 13.76 42.28
N GLY J 42 -34.83 12.98 42.79
CA GLY J 42 -34.98 12.32 44.06
C GLY J 42 -35.71 10.99 43.97
N LYS J 43 -36.48 10.77 42.91
CA LYS J 43 -37.08 9.47 42.67
C LYS J 43 -36.30 8.74 41.57
N ALA J 44 -36.69 7.50 41.31
CA ALA J 44 -36.03 6.70 40.31
C ALA J 44 -36.49 7.06 38.91
N PRO J 45 -35.59 7.08 37.94
CA PRO J 45 -35.99 7.32 36.55
C PRO J 45 -36.96 6.27 36.03
N LYS J 46 -37.77 6.68 35.07
CA LYS J 46 -38.58 5.78 34.26
C LYS J 46 -38.43 6.03 32.78
N LEU J 47 -38.82 5.06 31.96
CA LEU J 47 -38.61 5.16 30.53
C LEU J 47 -39.80 5.51 29.64
N MET J 48 -40.00 6.80 29.42
CA MET J 48 -41.04 7.27 28.50
C MET J 48 -41.24 7.32 26.87
N LEU J 49 -40.60 6.26 26.35
CA LEU J 49 -40.50 6.04 24.89
C LEU J 49 -40.30 4.73 24.13
N TYR J 50 -39.08 4.20 24.31
CA TYR J 50 -38.56 2.96 23.75
C TYR J 50 -38.86 2.77 22.28
N ASP J 51 -37.83 2.35 21.54
CA ASP J 51 -37.93 2.07 20.12
C ASP J 51 -38.43 3.32 19.46
N VAL J 52 -37.98 4.43 19.99
CA VAL J 52 -38.38 5.70 19.45
C VAL J 52 -39.89 5.83 19.51
N THR J 53 -40.44 6.04 18.33
CA THR J 53 -41.86 6.28 18.07
C THR J 53 -42.70 5.50 19.06
N SER J 54 -42.31 4.28 19.41
CA SER J 54 -43.11 3.45 20.30
C SER J 54 -43.17 4.05 21.70
N ARG J 55 -44.05 3.49 22.53
CA ARG J 55 -44.08 3.87 23.93
C ARG J 55 -44.46 2.68 24.80
N PRO J 56 -43.94 2.60 26.02
CA PRO J 56 -44.45 1.61 26.97
C PRO J 56 -45.94 1.81 27.23
N SER J 57 -46.55 0.78 27.81
CA SER J 57 -48.01 0.79 27.93
C SER J 57 -48.48 1.91 28.85
N GLY J 58 -47.73 2.18 29.92
CA GLY J 58 -48.17 3.15 30.90
C GLY J 58 -47.74 4.57 30.61
N VAL J 59 -47.45 4.86 29.34
CA VAL J 59 -46.98 6.18 28.93
C VAL J 59 -48.18 7.05 28.63
N SER J 60 -48.12 8.30 29.07
CA SER J 60 -49.06 9.28 28.55
C SER J 60 -48.88 9.40 27.05
N SER J 61 -49.96 9.19 26.29
CA SER J 61 -49.86 9.09 24.85
C SER J 61 -49.43 10.35 24.13
N ARG J 62 -49.32 11.48 24.82
CA ARG J 62 -49.00 12.72 24.12
C ARG J 62 -47.48 12.93 24.00
N PHE J 63 -46.68 11.97 24.44
CA PHE J 63 -45.24 11.99 24.17
C PHE J 63 -45.09 11.44 22.76
N SER J 64 -44.15 12.01 22.01
CA SER J 64 -43.86 11.56 20.65
C SER J 64 -42.37 11.63 20.40
N GLY J 65 -41.79 10.55 19.89
CA GLY J 65 -40.39 10.54 19.49
C GLY J 65 -40.24 10.70 17.98
N SER J 66 -39.04 11.10 17.57
CA SER J 66 -38.70 11.18 16.15
C SER J 66 -37.19 11.17 15.99
N LYS J 67 -36.72 10.86 14.79
CA LYS J 67 -35.29 10.79 14.49
C LYS J 67 -35.20 11.11 13.00
N SER J 68 -34.14 11.82 12.61
CA SER J 68 -33.58 11.88 11.27
C SER J 68 -32.12 12.23 11.39
N GLY J 69 -31.26 11.58 10.60
CA GLY J 69 -29.84 11.80 10.76
C GLY J 69 -29.33 11.40 12.13
N ASN J 70 -28.57 12.29 12.76
CA ASN J 70 -28.29 12.15 14.18
C ASN J 70 -29.19 13.15 14.88
N THR J 71 -30.31 12.66 15.41
CA THR J 71 -31.21 13.44 16.25
C THR J 71 -32.02 12.47 17.09
N ALA J 72 -32.47 12.94 18.24
CA ALA J 72 -33.55 12.31 18.97
C ALA J 72 -34.44 13.42 19.48
N SER J 73 -35.69 13.45 19.02
CA SER J 73 -36.61 14.50 19.38
C SER J 73 -37.75 13.94 20.21
N LEU J 74 -37.85 14.40 21.45
CA LEU J 74 -39.01 14.13 22.29
C LEU J 74 -39.96 15.30 22.24
N THR J 75 -41.04 15.15 21.48
CA THR J 75 -42.00 16.23 21.24
C THR J 75 -43.27 15.95 22.02
N ILE J 76 -43.56 16.82 22.97
CA ILE J 76 -44.70 16.63 23.86
C ILE J 76 -45.68 17.75 23.55
N SER J 77 -46.97 17.41 23.61
CA SER J 77 -48.02 18.35 23.33
C SER J 77 -48.99 18.47 24.49
N GLY J 78 -49.49 19.68 24.70
CA GLY J 78 -50.45 19.96 25.75
C GLY J 78 -49.91 19.59 27.10
N LEU J 79 -48.72 20.12 27.36
CA LEU J 79 -48.06 19.72 28.53
C LEU J 79 -48.94 19.99 29.71
N GLN J 80 -49.20 18.90 30.37
CA GLN J 80 -49.90 18.87 31.63
C GLN J 80 -48.89 19.36 32.66
N ALA J 81 -49.33 20.20 33.58
CA ALA J 81 -48.50 20.80 34.63
C ALA J 81 -47.40 19.96 35.25
N GLU J 82 -47.71 18.72 35.62
CA GLU J 82 -46.67 17.89 36.24
C GLU J 82 -45.91 17.02 35.26
N ASP J 83 -45.32 17.67 34.27
CA ASP J 83 -44.54 16.93 33.31
C ASP J 83 -43.07 17.27 33.44
N GLU J 84 -42.66 17.92 34.53
CA GLU J 84 -41.24 18.17 34.71
C GLU J 84 -40.57 16.99 35.39
N ALA J 85 -39.92 16.23 34.54
CA ALA J 85 -39.07 15.10 34.86
C ALA J 85 -37.80 15.45 34.07
N ASP J 86 -36.62 15.32 34.69
CA ASP J 86 -35.41 15.68 33.97
C ASP J 86 -35.33 14.66 32.86
N TYR J 87 -35.38 15.15 31.64
CA TYR J 87 -35.38 14.24 30.50
C TYR J 87 -33.94 13.96 30.09
N TYR J 88 -33.57 12.69 30.10
CA TYR J 88 -32.27 12.21 29.63
C TYR J 88 -32.47 11.33 28.41
N CYS J 89 -31.71 11.60 27.35
CA CYS J 89 -31.71 10.74 26.18
C CYS J 89 -30.58 9.74 26.33
N SER J 90 -30.85 8.49 25.93
CA SER J 90 -29.90 7.40 26.06
C SER J 90 -30.04 6.50 24.86
N SER J 91 -28.93 5.92 24.42
CA SER J 91 -28.92 5.04 23.28
C SER J 91 -27.83 4.00 23.40
N HIS J 92 -27.94 2.95 22.60
CA HIS J 92 -26.96 1.89 22.53
C HIS J 92 -25.95 2.24 21.45
N THR J 93 -24.70 2.42 21.83
CA THR J 93 -23.68 2.73 20.84
C THR J 93 -23.36 1.48 20.04
N SER J 94 -22.52 1.65 19.03
CA SER J 94 -22.13 0.51 18.21
C SER J 94 -21.19 -0.40 18.96
N ARG J 95 -20.35 0.17 19.82
CA ARG J 95 -19.35 -0.62 20.53
C ARG J 95 -19.96 -1.53 21.58
N GLY J 96 -21.26 -1.46 21.81
CA GLY J 96 -21.89 -2.30 22.81
C GLY J 96 -22.02 -1.68 24.17
N THR J 97 -21.86 -0.37 24.29
CA THR J 97 -22.11 0.32 25.55
C THR J 97 -23.16 1.40 25.33
N TRP J 98 -23.82 1.76 26.42
CA TRP J 98 -24.91 2.73 26.41
C TRP J 98 -24.42 4.05 26.94
N VAL J 99 -24.91 5.14 26.39
CA VAL J 99 -24.52 6.47 26.81
C VAL J 99 -25.78 7.29 27.03
N PHE J 100 -25.82 8.01 28.15
CA PHE J 100 -26.93 8.87 28.50
C PHE J 100 -26.59 10.31 28.18
N GLY J 101 -27.52 10.99 27.53
CA GLY J 101 -27.30 12.36 27.15
C GLY J 101 -27.11 13.28 28.33
N GLY J 102 -26.72 14.52 28.02
CA GLY J 102 -26.52 15.50 29.07
C GLY J 102 -27.79 15.77 29.86
N GLY J 103 -28.92 15.37 29.33
CA GLY J 103 -30.12 15.57 30.09
C GLY J 103 -30.68 16.95 29.86
N THR J 104 -32.00 17.04 29.91
CA THR J 104 -32.69 18.31 29.74
C THR J 104 -33.53 18.45 31.00
N LYS J 105 -33.12 19.37 31.86
CA LYS J 105 -34.02 19.83 32.91
C LYS J 105 -35.19 20.49 32.19
N LEU J 106 -36.40 20.10 32.52
CA LEU J 106 -37.55 20.70 31.85
C LEU J 106 -38.17 21.78 32.72
N THR J 107 -38.52 22.89 32.09
CA THR J 107 -38.95 24.07 32.82
C THR J 107 -40.37 24.18 32.30
N VAL J 108 -41.39 24.02 33.18
CA VAL J 108 -42.84 24.08 32.74
C VAL J 108 -43.54 25.37 32.20
N LEU J 109 -43.49 26.50 32.91
CA LEU J 109 -43.90 27.79 32.36
C LEU J 109 -42.73 28.52 31.71
N GLU K 1 -45.82 41.16 4.52
CA GLU K 1 -45.53 40.21 3.43
C GLU K 1 -44.04 40.13 3.15
N VAL K 2 -43.43 41.22 2.66
CA VAL K 2 -42.01 41.09 2.40
C VAL K 2 -41.27 42.25 3.05
N GLN K 3 -40.28 41.93 3.87
CA GLN K 3 -39.52 42.94 4.59
C GLN K 3 -38.04 42.76 4.27
N LEU K 4 -37.36 43.86 4.00
CA LEU K 4 -35.93 43.87 3.81
C LEU K 4 -35.35 45.01 4.64
N VAL K 5 -34.52 44.68 5.62
CA VAL K 5 -33.93 45.70 6.47
C VAL K 5 -32.42 45.53 6.43
N GLU K 6 -31.72 46.57 6.86
CA GLU K 6 -30.28 46.63 6.76
C GLU K 6 -30.03 47.37 8.07
N SER K 7 -28.77 47.35 8.50
CA SER K 7 -28.37 48.23 9.61
C SER K 7 -27.54 49.34 8.99
N GLY K 8 -27.73 50.58 9.42
CA GLY K 8 -27.10 51.71 8.76
C GLY K 8 -25.61 51.75 8.55
N ALA K 9 -25.18 52.25 7.39
CA ALA K 9 -23.74 52.33 7.09
C ALA K 9 -23.20 53.73 7.31
N GLU K 10 -23.16 54.13 8.57
CA GLU K 10 -22.67 55.45 8.94
C GLU K 10 -21.56 56.00 8.06
N VAL K 11 -20.42 56.28 8.68
CA VAL K 11 -19.22 56.76 8.03
C VAL K 11 -17.97 56.20 8.72
N LYS K 12 -17.05 55.65 7.94
CA LYS K 12 -15.80 55.15 8.51
C LYS K 12 -14.68 56.09 8.07
N LYS K 13 -13.47 55.58 7.95
CA LYS K 13 -12.42 56.46 7.47
C LYS K 13 -11.91 55.90 6.20
N PRO K 14 -11.34 56.70 5.32
CA PRO K 14 -10.81 56.18 4.07
C PRO K 14 -9.72 55.11 4.28
N GLY K 15 -10.15 53.85 4.17
CA GLY K 15 -9.33 52.71 4.46
C GLY K 15 -10.07 51.86 5.49
N ALA K 16 -11.40 51.80 5.39
CA ALA K 16 -12.19 50.98 6.30
C ALA K 16 -13.03 49.85 5.77
N SER K 17 -13.01 48.75 6.52
CA SER K 17 -13.88 47.59 6.22
C SER K 17 -15.36 47.62 6.60
N VAL K 18 -16.21 47.97 5.64
CA VAL K 18 -17.63 48.10 5.90
C VAL K 18 -18.41 46.86 5.53
N LYS K 19 -19.21 46.37 6.47
CA LYS K 19 -20.01 45.19 6.19
C LYS K 19 -21.46 45.63 6.40
N VAL K 20 -22.28 45.42 5.38
CA VAL K 20 -23.71 45.72 5.46
C VAL K 20 -24.46 44.40 5.44
N SER K 21 -25.56 44.34 6.18
CA SER K 21 -26.37 43.14 6.30
C SER K 21 -27.74 43.40 5.71
N CYS K 22 -28.36 42.35 5.18
CA CYS K 22 -29.71 42.41 4.63
C CYS K 22 -30.50 41.28 5.26
N LYS K 23 -31.51 41.63 6.05
CA LYS K 23 -32.29 40.64 6.77
C LYS K 23 -33.58 40.41 6.01
N ALA K 24 -33.70 39.22 5.43
CA ALA K 24 -34.91 38.85 4.72
C ALA K 24 -36.01 38.55 5.73
N SER K 25 -37.18 39.14 5.53
CA SER K 25 -38.28 38.93 6.45
C SER K 25 -39.59 38.57 5.77
N GLY K 26 -40.31 37.62 6.35
CA GLY K 26 -41.58 37.17 5.80
C GLY K 26 -41.46 36.28 4.59
N TYR K 27 -41.12 36.88 3.45
CA TYR K 27 -40.98 36.14 2.20
C TYR K 27 -40.06 34.93 2.33
N THR K 28 -40.43 33.72 1.95
CA THR K 28 -39.42 32.66 2.22
C THR K 28 -38.08 32.80 1.44
N PHE K 29 -36.96 32.93 2.16
CA PHE K 29 -35.61 33.02 1.54
C PHE K 29 -35.13 31.72 0.83
N THR K 30 -35.28 30.59 1.53
CA THR K 30 -35.01 29.24 1.00
C THR K 30 -34.25 29.59 -0.26
N SER K 31 -34.84 29.27 -1.39
CA SER K 31 -34.28 29.64 -2.67
C SER K 31 -34.74 31.08 -2.88
N TYR K 32 -34.04 32.06 -2.32
CA TYR K 32 -34.55 33.44 -2.46
C TYR K 32 -33.96 34.34 -3.57
N ALA K 33 -32.77 34.90 -3.38
CA ALA K 33 -32.23 35.69 -4.49
C ALA K 33 -31.16 36.72 -4.16
N MET K 34 -31.62 37.96 -3.94
CA MET K 34 -30.77 39.10 -3.57
C MET K 34 -30.11 39.88 -4.71
N HIS K 35 -29.46 40.96 -4.30
CA HIS K 35 -28.69 41.88 -5.12
C HIS K 35 -28.23 43.02 -4.23
N TRP K 36 -27.29 43.78 -4.74
CA TRP K 36 -26.84 44.99 -4.07
C TRP K 36 -26.66 46.07 -5.12
N VAL K 37 -27.30 47.21 -4.91
CA VAL K 37 -27.24 48.31 -5.85
C VAL K 37 -26.86 49.49 -4.99
N ARG K 38 -25.68 50.06 -5.16
CA ARG K 38 -25.33 51.21 -4.34
C ARG K 38 -25.50 52.39 -5.26
N GLN K 39 -26.11 53.46 -4.75
CA GLN K 39 -26.28 54.71 -5.45
C GLN K 39 -25.79 55.77 -4.51
N ALA K 40 -24.97 56.67 -5.01
CA ALA K 40 -24.52 57.82 -4.25
C ALA K 40 -25.58 58.91 -4.26
N PRO K 41 -25.42 60.00 -3.52
CA PRO K 41 -26.53 60.95 -3.55
C PRO K 41 -26.93 61.28 -4.99
N GLY K 42 -28.20 61.08 -5.33
CA GLY K 42 -28.68 61.31 -6.69
C GLY K 42 -27.64 60.78 -7.65
N GLN K 43 -27.24 59.54 -7.40
CA GLN K 43 -26.31 58.89 -8.37
C GLN K 43 -26.65 57.89 -9.43
N ARG K 44 -25.73 57.59 -10.35
CA ARG K 44 -26.00 56.64 -11.41
C ARG K 44 -26.12 55.29 -10.75
N LEU K 45 -27.36 54.87 -10.45
CA LEU K 45 -27.51 53.61 -9.76
C LEU K 45 -26.36 52.77 -10.27
N GLU K 46 -25.47 52.38 -9.39
CA GLU K 46 -24.57 51.26 -9.68
C GLU K 46 -24.96 49.86 -9.27
N TRP K 47 -24.74 48.88 -10.11
CA TRP K 47 -25.10 47.52 -9.80
C TRP K 47 -23.77 46.89 -9.42
N MET K 48 -23.51 46.80 -8.12
CA MET K 48 -22.47 45.93 -7.61
C MET K 48 -23.20 44.83 -6.88
N GLY K 49 -23.43 43.73 -7.59
CA GLY K 49 -24.26 42.68 -7.05
C GLY K 49 -23.55 41.36 -6.83
N TRP K 50 -24.37 40.39 -6.51
CA TRP K 50 -23.88 39.11 -6.22
C TRP K 50 -25.15 38.33 -6.40
N ILE K 51 -25.22 37.49 -7.42
CA ILE K 51 -26.43 36.70 -7.60
C ILE K 51 -26.40 35.55 -6.60
N ASN K 52 -26.81 35.76 -5.33
CA ASN K 52 -26.83 34.67 -4.34
C ASN K 52 -28.17 34.03 -4.22
N ALA K 53 -28.11 32.79 -3.75
CA ALA K 53 -29.30 32.00 -3.58
C ALA K 53 -29.12 31.15 -2.34
N GLY K 54 -29.35 29.85 -2.47
CA GLY K 54 -29.15 28.96 -1.36
C GLY K 54 -27.71 28.54 -1.45
N ASN K 55 -27.31 28.07 -2.63
CA ASN K 55 -25.96 27.61 -2.89
C ASN K 55 -24.83 28.54 -2.50
N GLY K 56 -25.10 29.83 -2.44
CA GLY K 56 -24.03 30.73 -2.05
C GLY K 56 -23.16 31.20 -3.18
N ASN K 57 -23.60 31.09 -4.42
CA ASN K 57 -22.78 31.54 -5.52
C ASN K 57 -22.76 33.07 -5.55
N THR K 58 -21.93 33.61 -6.43
CA THR K 58 -21.78 35.06 -6.55
C THR K 58 -21.29 35.25 -7.98
N LYS K 59 -21.61 36.41 -8.54
CA LYS K 59 -20.89 36.98 -9.68
C LYS K 59 -20.84 38.48 -9.51
N TYR K 60 -19.63 39.05 -9.53
CA TYR K 60 -19.48 40.47 -9.25
C TYR K 60 -19.33 41.37 -10.46
N SER K 61 -19.84 42.59 -10.32
CA SER K 61 -19.72 43.55 -11.41
C SER K 61 -18.23 43.77 -11.60
N GLN K 62 -17.83 43.88 -12.86
CA GLN K 62 -16.42 44.10 -13.20
C GLN K 62 -15.77 45.09 -12.25
N LYS K 63 -16.57 46.00 -11.72
CA LYS K 63 -16.08 47.01 -10.79
C LYS K 63 -15.71 46.52 -9.39
N PHE K 64 -16.32 45.41 -8.99
CA PHE K 64 -16.04 44.81 -7.70
C PHE K 64 -15.79 43.29 -7.88
N GLN K 65 -14.88 42.99 -8.80
CA GLN K 65 -14.53 41.61 -9.12
C GLN K 65 -13.79 41.06 -7.90
N ASP K 66 -13.03 41.92 -7.24
CA ASP K 66 -12.28 41.53 -6.06
C ASP K 66 -12.16 42.51 -4.90
N ARG K 67 -13.15 43.39 -4.78
CA ARG K 67 -13.23 44.35 -3.69
C ARG K 67 -14.21 44.00 -2.55
N VAL K 68 -15.36 43.44 -2.94
CA VAL K 68 -16.38 43.05 -1.95
C VAL K 68 -17.12 41.72 -2.20
N THR K 69 -17.49 41.05 -1.11
CA THR K 69 -18.20 39.76 -1.15
C THR K 69 -19.36 39.70 -0.13
N ILE K 70 -20.36 38.87 -0.43
CA ILE K 70 -21.54 38.76 0.44
C ILE K 70 -22.02 37.33 0.81
N THR K 71 -21.43 36.74 1.86
CA THR K 71 -21.78 35.38 2.29
C THR K 71 -23.21 35.20 2.80
N ARG K 72 -23.78 34.03 2.53
CA ARG K 72 -25.14 33.71 2.94
C ARG K 72 -25.22 32.96 4.25
N ASP K 73 -26.24 33.26 5.06
CA ASP K 73 -26.50 32.50 6.27
C ASP K 73 -28.01 32.35 6.35
N THR K 74 -28.50 31.15 6.07
CA THR K 74 -29.92 30.89 6.08
C THR K 74 -30.44 30.61 7.48
N SER K 75 -29.57 30.75 8.48
CA SER K 75 -30.04 30.61 9.84
C SER K 75 -31.02 31.77 10.06
N ALA K 76 -30.64 32.96 9.58
CA ALA K 76 -31.45 34.17 9.68
C ALA K 76 -31.86 34.80 8.34
N SER K 77 -31.68 34.08 7.23
CA SER K 77 -32.05 34.62 5.91
C SER K 77 -31.37 35.98 5.66
N THR K 78 -30.08 36.03 5.97
CA THR K 78 -29.28 37.23 5.87
C THR K 78 -28.12 37.15 4.89
N ALA K 79 -27.99 38.18 4.07
CA ALA K 79 -26.87 38.33 3.15
C ALA K 79 -25.96 39.43 3.67
N TYR K 80 -24.66 39.17 3.69
CA TYR K 80 -23.67 40.12 4.19
C TYR K 80 -22.82 40.58 3.02
N MET K 81 -22.96 41.85 2.64
CA MET K 81 -22.07 42.43 1.65
C MET K 81 -20.96 43.19 2.36
N GLU K 82 -19.72 42.83 2.05
CA GLU K 82 -18.56 43.41 2.70
C GLU K 82 -17.65 43.99 1.63
N LEU K 83 -17.51 45.31 1.63
CA LEU K 83 -16.64 46.02 0.70
C LEU K 83 -15.40 46.42 1.48
N SER K 84 -14.26 45.81 1.14
CA SER K 84 -13.01 46.06 1.83
C SER K 84 -12.58 47.45 1.41
N SER K 85 -12.16 48.26 2.38
CA SER K 85 -11.73 49.65 2.20
C SER K 85 -12.82 50.59 1.71
N LEU K 86 -13.43 51.28 2.65
CA LEU K 86 -14.49 52.24 2.38
C LEU K 86 -13.69 53.51 2.10
N ARG K 87 -13.50 53.80 0.82
CA ARG K 87 -12.85 55.10 0.49
C ARG K 87 -13.84 56.21 0.42
N SER K 88 -13.42 57.46 0.27
CA SER K 88 -14.36 58.57 0.31
C SER K 88 -15.62 58.72 -0.57
N GLU K 89 -15.46 58.27 -1.81
CA GLU K 89 -16.46 58.28 -2.87
C GLU K 89 -17.68 57.37 -2.67
N ASP K 90 -17.53 56.36 -1.82
CA ASP K 90 -18.59 55.40 -1.56
C ASP K 90 -19.84 56.07 -0.99
N THR K 91 -19.72 57.19 -0.30
CA THR K 91 -20.98 57.64 0.25
C THR K 91 -21.98 57.66 -0.89
N ALA K 92 -22.85 56.67 -0.73
CA ALA K 92 -24.01 56.29 -1.53
C ALA K 92 -24.84 55.31 -0.66
N ILE K 93 -26.09 55.05 -1.05
CA ILE K 93 -26.91 54.13 -0.26
C ILE K 93 -26.91 52.72 -0.85
N TYR K 94 -26.43 51.74 -0.08
CA TYR K 94 -26.44 50.37 -0.58
C TYR K 94 -27.80 49.76 -0.28
N TYR K 95 -28.58 49.52 -1.32
CA TYR K 95 -29.85 48.81 -1.18
C TYR K 95 -29.62 47.33 -1.47
N CYS K 96 -30.34 46.48 -0.75
CA CYS K 96 -30.41 45.06 -1.09
C CYS K 96 -31.79 44.76 -1.65
N ALA K 97 -31.82 44.17 -2.84
CA ALA K 97 -33.05 43.81 -3.50
C ALA K 97 -32.95 42.37 -3.97
N ARG K 98 -34.09 41.77 -4.29
CA ARG K 98 -34.12 40.37 -4.67
C ARG K 98 -34.65 40.21 -6.08
N ASP K 99 -34.13 39.21 -6.79
CA ASP K 99 -34.71 38.75 -8.04
C ASP K 99 -34.82 37.26 -7.78
N LYS K 100 -35.90 36.88 -7.11
CA LYS K 100 -36.10 35.45 -6.72
C LYS K 100 -35.61 34.43 -7.70
N VAL K 101 -34.95 33.37 -7.23
CA VAL K 101 -34.31 32.40 -8.11
C VAL K 101 -35.15 31.35 -8.85
N ASP K 102 -34.57 30.85 -9.94
CA ASP K 102 -35.16 29.81 -10.76
C ASP K 102 -35.57 28.58 -9.95
N ASP K 103 -36.46 27.77 -10.54
CA ASP K 103 -36.89 26.53 -9.91
C ASP K 103 -35.73 25.65 -9.45
N TYR K 104 -34.81 25.34 -10.36
CA TYR K 104 -33.74 24.41 -10.08
C TYR K 104 -32.85 24.77 -8.91
N GLY K 105 -32.97 25.99 -8.38
CA GLY K 105 -32.05 26.49 -7.39
C GLY K 105 -30.79 27.07 -7.97
N ASP K 106 -30.48 26.75 -9.23
CA ASP K 106 -29.37 27.38 -9.93
C ASP K 106 -29.88 28.63 -10.60
N TYR K 107 -29.10 29.70 -10.53
CA TYR K 107 -29.51 31.00 -11.02
C TYR K 107 -28.68 31.33 -12.24
N TRP K 108 -29.31 31.35 -13.41
CA TRP K 108 -28.64 31.89 -14.59
C TRP K 108 -29.46 33.02 -15.20
N PHE K 109 -30.57 32.72 -15.72
CA PHE K 109 -31.35 33.77 -16.34
C PHE K 109 -32.32 34.34 -15.34
N PRO K 110 -32.24 35.61 -15.06
CA PRO K 110 -33.11 36.20 -14.06
C PRO K 110 -34.56 36.17 -14.49
N THR K 111 -35.45 36.58 -13.58
CA THR K 111 -36.85 36.73 -13.92
C THR K 111 -37.07 37.98 -14.76
N LEU K 112 -38.21 38.04 -15.44
CA LEU K 112 -38.50 39.23 -16.23
C LEU K 112 -38.47 40.48 -15.36
N TRP K 113 -39.26 40.51 -14.29
CA TRP K 113 -39.01 41.50 -13.27
C TRP K 113 -37.66 41.24 -12.64
N TYR K 114 -37.04 42.28 -12.10
CA TYR K 114 -35.84 42.11 -11.32
C TYR K 114 -36.20 42.21 -9.85
N PHE K 115 -36.45 43.40 -9.38
CA PHE K 115 -36.41 43.72 -7.97
C PHE K 115 -37.82 44.06 -7.55
N ASP K 116 -38.50 43.12 -6.91
CA ASP K 116 -39.87 43.34 -6.49
C ASP K 116 -39.95 44.02 -5.13
N TYR K 117 -38.86 44.01 -4.38
CA TYR K 117 -38.78 44.68 -3.11
C TYR K 117 -37.34 45.11 -2.90
N TRP K 118 -37.13 45.97 -1.92
CA TRP K 118 -35.85 46.64 -1.75
C TRP K 118 -35.57 46.80 -0.26
N GLY K 119 -34.30 46.83 0.07
CA GLY K 119 -33.90 47.08 1.44
C GLY K 119 -34.29 48.48 1.87
N GLN K 120 -34.11 48.79 3.13
CA GLN K 120 -34.45 50.14 3.51
C GLN K 120 -33.39 51.09 2.97
N GLY K 121 -32.17 50.58 2.75
CA GLY K 121 -31.09 51.45 2.35
C GLY K 121 -30.16 51.74 3.50
N THR K 122 -28.88 51.87 3.19
CA THR K 122 -27.86 52.13 4.20
C THR K 122 -26.91 53.19 3.69
N LEU K 123 -26.82 54.31 4.39
CA LEU K 123 -25.87 55.35 4.04
C LEU K 123 -24.56 55.00 4.75
N VAL K 124 -23.49 54.84 3.98
CA VAL K 124 -22.17 54.56 4.52
C VAL K 124 -21.27 55.66 3.97
N THR K 125 -20.59 56.36 4.87
CA THR K 125 -19.76 57.49 4.48
C THR K 125 -18.27 57.27 4.67
N VAL K 126 -17.52 57.81 3.73
CA VAL K 126 -16.09 57.78 3.85
C VAL K 126 -15.85 59.25 4.16
N SER K 127 -15.38 59.53 5.37
CA SER K 127 -15.10 60.90 5.83
C SER K 127 -14.14 60.94 7.02
N SER L 1 -20.34 49.53 -21.13
CA SER L 1 -21.75 49.36 -20.82
C SER L 1 -22.27 50.39 -19.83
N ALA L 2 -23.07 51.33 -20.33
CA ALA L 2 -23.65 52.38 -19.51
C ALA L 2 -25.06 52.75 -20.00
N LEU L 3 -25.86 53.32 -19.10
CA LEU L 3 -27.21 53.74 -19.46
C LEU L 3 -27.27 55.26 -19.54
N THR L 4 -27.68 55.78 -20.70
CA THR L 4 -27.73 57.21 -20.93
C THR L 4 -29.11 57.90 -20.86
N GLN L 5 -30.16 57.18 -20.49
CA GLN L 5 -31.48 57.84 -20.46
C GLN L 5 -31.33 59.32 -20.09
N PRO L 6 -32.33 60.15 -20.38
CA PRO L 6 -32.33 61.60 -20.06
C PRO L 6 -32.50 62.00 -18.56
N ALA L 7 -31.92 63.13 -18.15
CA ALA L 7 -31.96 63.62 -16.75
C ALA L 7 -33.28 64.06 -16.07
N SER L 8 -34.11 64.87 -16.73
CA SER L 8 -35.41 65.26 -16.18
C SER L 8 -36.13 65.97 -17.31
N VAL L 9 -37.32 65.49 -17.64
CA VAL L 9 -38.18 66.20 -18.60
C VAL L 9 -39.49 66.58 -17.95
N SER L 10 -40.02 67.75 -18.28
CA SER L 10 -41.24 68.21 -17.65
C SER L 10 -42.45 68.25 -18.55
N GLY L 11 -43.60 68.01 -17.94
CA GLY L 11 -44.85 68.03 -18.67
C GLY L 11 -46.01 68.29 -17.73
N SER L 12 -47.06 68.88 -18.30
CA SER L 12 -48.21 69.24 -17.51
C SER L 12 -49.05 68.00 -17.18
N PRO L 13 -49.88 68.06 -16.15
CA PRO L 13 -50.82 66.96 -15.89
C PRO L 13 -51.63 66.65 -17.14
N GLY L 14 -51.77 65.36 -17.41
CA GLY L 14 -52.41 64.90 -18.63
C GLY L 14 -51.77 64.78 -19.99
N GLN L 15 -50.74 65.57 -20.26
CA GLN L 15 -50.03 65.40 -21.53
C GLN L 15 -48.98 64.33 -21.33
N SER L 16 -48.62 63.60 -22.38
CA SER L 16 -47.68 62.50 -22.24
C SER L 16 -46.19 62.85 -22.24
N ILE L 17 -45.43 62.15 -21.41
CA ILE L 17 -43.99 62.33 -21.33
C ILE L 17 -43.32 61.07 -21.83
N THR L 18 -42.14 61.23 -22.43
CA THR L 18 -41.41 60.11 -23.00
C THR L 18 -39.96 60.17 -22.57
N ILE L 19 -39.51 59.14 -21.85
CA ILE L 19 -38.13 59.00 -21.42
C ILE L 19 -37.46 58.00 -22.32
N SER L 20 -36.27 58.34 -22.81
CA SER L 20 -35.54 57.50 -23.76
C SER L 20 -34.31 56.93 -23.08
N CYS L 21 -34.15 55.62 -23.19
CA CYS L 21 -32.99 54.94 -22.67
C CYS L 21 -32.28 54.39 -23.90
N THR L 22 -31.05 54.82 -24.11
CA THR L 22 -30.27 54.38 -25.26
C THR L 22 -29.14 53.48 -24.77
N GLY L 23 -29.19 52.21 -25.16
CA GLY L 23 -28.13 51.28 -24.89
C GLY L 23 -27.25 50.81 -26.02
N THR L 24 -26.55 49.70 -25.77
CA THR L 24 -25.83 48.94 -26.77
C THR L 24 -26.46 47.76 -27.44
N SER L 25 -25.80 47.15 -28.42
CA SER L 25 -26.37 45.96 -29.03
C SER L 25 -26.09 44.89 -28.00
N SER L 26 -25.17 45.15 -27.07
CA SER L 26 -24.77 44.10 -26.14
C SER L 26 -25.79 43.94 -25.01
N ASP L 27 -26.67 44.92 -24.83
CA ASP L 27 -27.60 44.84 -23.71
C ASP L 27 -29.05 45.12 -24.10
N VAL L 28 -29.36 46.37 -24.44
CA VAL L 28 -30.75 46.73 -24.66
C VAL L 28 -31.27 46.15 -25.95
N GLY L 29 -30.51 46.29 -27.03
CA GLY L 29 -31.02 45.86 -28.32
C GLY L 29 -31.07 44.35 -28.46
N GLY L 30 -30.01 43.69 -28.05
CA GLY L 30 -29.92 42.25 -28.22
C GLY L 30 -30.62 41.44 -27.16
N PHE L 31 -31.55 42.06 -26.44
CA PHE L 31 -32.30 41.36 -25.41
C PHE L 31 -33.64 42.04 -25.23
N ASN L 32 -34.56 41.33 -24.61
CA ASN L 32 -35.79 41.93 -24.13
C ASN L 32 -35.68 42.49 -22.72
N TYR L 33 -34.51 42.44 -22.10
CA TYR L 33 -34.40 42.90 -20.73
C TYR L 33 -34.38 44.41 -20.68
N VAL L 34 -35.42 44.98 -20.08
CA VAL L 34 -35.47 46.39 -19.75
C VAL L 34 -36.36 46.51 -18.54
N SER L 35 -36.02 47.41 -17.63
CA SER L 35 -36.89 47.66 -16.49
C SER L 35 -36.71 49.11 -16.07
N TRP L 36 -37.80 49.74 -15.66
CA TRP L 36 -37.78 51.14 -15.26
C TRP L 36 -38.08 51.22 -13.78
N PHE L 37 -37.20 51.88 -13.04
CA PHE L 37 -37.29 51.96 -11.59
C PHE L 37 -37.72 53.35 -11.17
N GLN L 38 -38.90 53.45 -10.60
CA GLN L 38 -39.35 54.72 -10.03
C GLN L 38 -38.70 54.88 -8.66
N GLN L 39 -37.90 55.93 -8.51
CA GLN L 39 -37.23 56.21 -7.24
C GLN L 39 -37.74 57.54 -6.69
N HIS L 40 -38.56 57.49 -5.64
CA HIS L 40 -38.98 58.71 -4.94
C HIS L 40 -37.80 59.18 -4.09
N PRO L 41 -37.70 60.46 -3.74
CA PRO L 41 -36.53 60.91 -2.99
C PRO L 41 -36.39 60.11 -1.70
N GLY L 42 -37.53 59.87 -1.05
CA GLY L 42 -37.68 59.06 0.16
C GLY L 42 -37.55 57.54 0.28
N LYS L 43 -38.09 56.78 -0.68
CA LYS L 43 -38.18 55.33 -0.63
C LYS L 43 -37.26 54.72 -1.69
N ALA L 44 -36.85 53.47 -1.46
CA ALA L 44 -35.96 52.78 -2.39
C ALA L 44 -36.50 52.57 -3.79
N PRO L 45 -35.62 52.60 -4.78
CA PRO L 45 -36.15 52.47 -6.11
C PRO L 45 -36.88 51.16 -6.14
N LYS L 46 -38.15 51.29 -6.48
CA LYS L 46 -39.04 50.15 -6.66
C LYS L 46 -39.51 49.65 -8.02
N LEU L 47 -39.77 48.37 -8.13
CA LEU L 47 -40.08 47.90 -9.45
C LEU L 47 -41.35 48.49 -10.04
N MET L 48 -41.17 49.07 -11.22
CA MET L 48 -42.29 49.55 -12.05
C MET L 48 -42.21 49.47 -13.56
N LEU L 49 -41.80 48.32 -14.08
CA LEU L 49 -41.74 48.10 -15.52
C LEU L 49 -41.49 46.63 -15.78
N TYR L 50 -40.24 46.29 -16.03
CA TYR L 50 -39.88 44.90 -16.25
C TYR L 50 -40.27 44.42 -17.64
N ASP L 51 -39.28 44.08 -18.44
CA ASP L 51 -39.56 43.59 -19.77
C ASP L 51 -40.46 44.46 -20.63
N VAL L 52 -39.90 45.53 -21.18
CA VAL L 52 -40.66 46.44 -22.02
C VAL L 52 -41.81 47.07 -21.25
N THR L 53 -42.78 46.24 -20.83
CA THR L 53 -43.93 46.71 -20.08
C THR L 53 -44.36 45.71 -19.00
N SER L 54 -45.57 45.17 -19.16
CA SER L 54 -46.14 44.21 -18.20
C SER L 54 -46.17 44.70 -16.76
N ARG L 55 -47.10 45.61 -16.47
CA ARG L 55 -47.23 46.17 -15.12
C ARG L 55 -47.23 45.01 -14.13
N PRO L 56 -46.46 45.12 -13.02
CA PRO L 56 -46.37 44.02 -12.01
C PRO L 56 -47.63 43.62 -11.19
N SER L 57 -48.31 44.58 -10.55
CA SER L 57 -49.62 44.34 -9.97
C SER L 57 -50.08 45.68 -9.47
N GLY L 58 -49.36 46.72 -9.91
CA GLY L 58 -49.69 48.09 -9.63
C GLY L 58 -49.64 48.71 -11.02
N VAL L 59 -50.63 48.35 -11.84
CA VAL L 59 -50.70 48.81 -13.23
C VAL L 59 -50.82 50.31 -13.40
N SER L 60 -51.65 50.96 -12.58
CA SER L 60 -51.80 52.41 -12.69
C SER L 60 -51.63 52.80 -14.14
N SER L 61 -52.57 52.33 -14.94
CA SER L 61 -52.36 52.53 -16.31
C SER L 61 -52.08 54.00 -16.46
N ARG L 62 -50.86 54.19 -16.93
CA ARG L 62 -50.35 55.47 -17.36
C ARG L 62 -48.88 55.22 -17.68
N PHE L 63 -48.44 53.98 -17.50
CA PHE L 63 -47.05 53.71 -17.87
C PHE L 63 -46.97 52.68 -19.00
N SER L 64 -46.17 52.98 -20.01
CA SER L 64 -45.99 52.07 -21.12
C SER L 64 -44.55 52.09 -21.61
N GLY L 65 -43.97 50.91 -21.80
CA GLY L 65 -42.64 50.78 -22.34
C GLY L 65 -42.64 50.48 -23.82
N SER L 66 -41.50 50.71 -24.46
CA SER L 66 -41.35 50.39 -25.87
C SER L 66 -39.87 50.29 -26.21
N LYS L 67 -39.59 49.61 -27.32
CA LYS L 67 -38.23 49.39 -27.77
C LYS L 67 -38.16 49.42 -29.29
N SER L 68 -37.09 50.03 -29.81
CA SER L 68 -36.89 50.11 -31.26
C SER L 68 -35.43 50.00 -31.64
N GLY L 69 -34.73 48.96 -31.16
CA GLY L 69 -33.33 48.78 -31.51
C GLY L 69 -32.35 48.71 -30.36
N ASN L 70 -32.21 49.80 -29.62
CA ASN L 70 -31.35 49.86 -28.46
C ASN L 70 -31.99 50.91 -27.61
N THR L 71 -33.22 51.22 -27.96
CA THR L 71 -34.02 52.25 -27.31
C THR L 71 -34.77 51.60 -26.17
N ALA L 72 -35.09 52.39 -25.17
CA ALA L 72 -36.14 52.05 -24.23
C ALA L 72 -36.94 53.31 -24.00
N SER L 73 -38.21 53.27 -24.37
CA SER L 73 -39.09 54.42 -24.23
C SER L 73 -40.16 54.04 -23.23
N LEU L 74 -40.10 54.62 -22.05
CA LEU L 74 -41.20 54.56 -21.10
C LEU L 74 -41.99 55.83 -21.33
N THR L 75 -43.21 55.68 -21.81
CA THR L 75 -44.06 56.81 -22.14
C THR L 75 -45.16 56.88 -21.10
N ILE L 76 -45.12 57.91 -20.27
CA ILE L 76 -46.12 58.13 -19.25
C ILE L 76 -46.95 59.24 -19.85
N SER L 77 -48.27 59.08 -19.82
CA SER L 77 -49.20 60.17 -20.09
C SER L 77 -50.16 60.26 -18.96
N GLY L 78 -50.92 61.35 -18.86
CA GLY L 78 -51.83 61.51 -17.75
C GLY L 78 -51.03 61.69 -16.48
N LEU L 79 -50.17 62.71 -16.42
CA LEU L 79 -49.22 62.77 -15.32
C LEU L 79 -49.94 62.45 -14.04
N GLN L 80 -49.36 61.49 -13.32
CA GLN L 80 -49.96 60.99 -12.08
C GLN L 80 -49.68 61.92 -10.91
N ALA L 81 -50.35 63.07 -10.90
CA ALA L 81 -50.17 64.06 -9.84
C ALA L 81 -48.72 64.06 -9.40
N GLU L 82 -48.49 63.60 -8.18
CA GLU L 82 -47.13 63.54 -7.65
C GLU L 82 -46.43 62.24 -8.04
N ASP L 83 -46.22 62.06 -9.33
CA ASP L 83 -45.53 60.88 -9.85
C ASP L 83 -44.05 61.18 -10.01
N GLU L 84 -43.67 62.41 -9.67
CA GLU L 84 -42.30 62.87 -9.81
C GLU L 84 -41.39 61.96 -9.01
N ALA L 85 -40.44 61.36 -9.70
CA ALA L 85 -39.42 60.52 -9.07
C ALA L 85 -38.30 60.39 -10.08
N ASP L 86 -37.13 59.97 -9.64
CA ASP L 86 -36.09 59.63 -10.60
C ASP L 86 -36.46 58.33 -11.28
N TYR L 87 -36.30 58.25 -12.60
CA TYR L 87 -36.57 57.03 -13.33
C TYR L 87 -35.28 56.47 -13.89
N TYR L 88 -34.97 55.23 -13.55
CA TYR L 88 -33.78 54.55 -14.00
C TYR L 88 -34.17 53.39 -14.91
N CYS L 89 -33.46 53.27 -16.02
CA CYS L 89 -33.67 52.20 -16.99
C CYS L 89 -32.57 51.16 -16.75
N SER L 90 -32.96 49.89 -16.68
CA SER L 90 -32.01 48.83 -16.39
C SER L 90 -32.00 47.82 -17.52
N SER L 91 -30.90 47.11 -17.65
CA SER L 91 -30.79 46.07 -18.65
C SER L 91 -29.84 44.98 -18.21
N HIS L 92 -30.07 43.78 -18.71
CA HIS L 92 -29.17 42.66 -18.52
C HIS L 92 -28.20 42.58 -19.69
N THR L 93 -26.93 42.86 -19.45
CA THR L 93 -25.99 42.83 -20.55
C THR L 93 -25.90 41.35 -20.80
N SER L 94 -25.20 40.97 -21.87
CA SER L 94 -24.96 39.55 -22.08
C SER L 94 -23.76 38.98 -21.29
N ARG L 95 -22.87 39.87 -20.89
CA ARG L 95 -21.68 39.49 -20.15
C ARG L 95 -22.20 38.95 -18.83
N GLY L 96 -23.47 39.16 -18.53
CA GLY L 96 -24.03 38.64 -17.31
C GLY L 96 -24.13 39.64 -16.18
N THR L 97 -23.88 40.91 -16.44
CA THR L 97 -24.01 41.93 -15.42
C THR L 97 -25.09 42.93 -15.82
N TRP L 98 -25.66 43.55 -14.80
CA TRP L 98 -26.71 44.55 -14.97
C TRP L 98 -26.15 45.95 -15.04
N VAL L 99 -26.74 46.77 -15.89
CA VAL L 99 -26.37 48.17 -16.01
C VAL L 99 -27.59 49.05 -15.83
N PHE L 100 -27.40 50.21 -15.22
CA PHE L 100 -28.50 51.15 -14.98
C PHE L 100 -28.23 52.53 -15.54
N GLY L 101 -29.16 53.04 -16.35
CA GLY L 101 -28.98 54.33 -16.97
C GLY L 101 -28.69 55.42 -15.96
N GLY L 102 -28.20 56.54 -16.48
CA GLY L 102 -27.87 57.67 -15.64
C GLY L 102 -29.07 58.27 -14.94
N GLY L 103 -30.25 57.77 -15.22
CA GLY L 103 -31.42 58.25 -14.50
C GLY L 103 -32.01 59.48 -15.15
N THR L 104 -33.32 59.62 -15.03
CA THR L 104 -34.04 60.76 -15.55
C THR L 104 -34.79 61.18 -14.30
N LYS L 105 -34.35 62.27 -13.69
CA LYS L 105 -35.28 62.87 -12.69
C LYS L 105 -36.34 63.65 -13.43
N LEU L 106 -37.59 63.44 -13.03
CA LEU L 106 -38.71 64.05 -13.69
C LEU L 106 -39.30 65.21 -12.91
N THR L 107 -39.95 66.07 -13.67
CA THR L 107 -40.61 67.27 -13.14
C THR L 107 -42.09 67.17 -13.58
N VAL L 108 -43.00 67.41 -12.66
CA VAL L 108 -44.46 67.24 -12.93
C VAL L 108 -45.38 68.43 -13.27
N LEU L 109 -45.59 69.34 -12.31
CA LEU L 109 -46.73 70.27 -12.31
C LEU L 109 -46.49 71.43 -11.36
#